data_2MEM
#
_entry.id   2MEM
#
_entity_poly.entity_id   1
_entity_poly.type   'polypeptide(L)'
_entity_poly.pdbx_seq_one_letter_code
;GSHMMSTVCVYVNKHGNFGPHLDPKRIQQLPDHFGPGPVNVVLRRIVQACVDCALETKTVFGYLKPDNRGGEVITASFDG
ETHSIQLPPVNSASFALRFLENFCHSLQCDNLLSSQPFS
;
_entity_poly.pdbx_strand_id   A
#
# COMPACT_ATOMS: atom_id res chain seq x y z
N GLY A 1 22.62 7.87 18.46
CA GLY A 1 21.75 7.33 19.53
C GLY A 1 20.29 7.41 19.14
N SER A 2 19.91 6.63 18.12
CA SER A 2 18.55 6.60 17.57
C SER A 2 18.23 5.18 17.11
N HIS A 3 17.01 4.71 17.42
CA HIS A 3 16.52 3.39 16.99
C HIS A 3 16.06 3.43 15.52
N MET A 4 15.76 2.25 14.96
CA MET A 4 15.21 2.10 13.61
C MET A 4 13.71 2.51 13.59
N MET A 5 13.08 2.33 12.41
CA MET A 5 11.63 2.54 12.21
C MET A 5 10.77 1.59 13.11
N SER A 6 9.47 1.91 13.23
CA SER A 6 8.51 1.12 14.06
C SER A 6 8.12 -0.20 13.36
N THR A 7 7.15 -0.96 13.94
CA THR A 7 6.63 -2.23 13.37
C THR A 7 5.11 -2.33 13.56
N VAL A 8 4.42 -2.94 12.56
CA VAL A 8 2.94 -3.14 12.54
C VAL A 8 2.60 -4.49 11.86
N CYS A 9 1.29 -4.85 11.87
CA CYS A 9 0.78 -6.07 11.22
C CYS A 9 -0.65 -5.82 10.71
N VAL A 10 -0.80 -5.73 9.37
CA VAL A 10 -2.10 -5.63 8.72
C VAL A 10 -2.54 -7.01 8.20
N TYR A 11 -3.86 -7.24 8.17
CA TYR A 11 -4.46 -8.48 7.67
C TYR A 11 -5.23 -8.16 6.39
N VAL A 12 -4.58 -8.43 5.25
CA VAL A 12 -5.12 -8.14 3.92
C VAL A 12 -6.37 -8.99 3.63
N ASN A 13 -7.53 -8.34 3.74
CA ASN A 13 -8.84 -8.99 3.56
C ASN A 13 -9.35 -8.74 2.13
N LYS A 14 -9.17 -9.74 1.28
CA LYS A 14 -9.64 -9.71 -0.13
C LYS A 14 -11.16 -9.97 -0.21
N HIS A 15 -11.79 -10.31 0.93
CA HIS A 15 -13.25 -10.46 1.05
C HIS A 15 -13.94 -9.09 1.23
N GLY A 16 -13.17 -8.08 1.71
CA GLY A 16 -13.70 -6.74 1.97
C GLY A 16 -14.12 -6.00 0.70
N ASN A 17 -13.22 -5.15 0.17
CA ASN A 17 -13.40 -4.49 -1.14
C ASN A 17 -12.10 -4.67 -1.93
N PHE A 18 -12.24 -4.70 -3.24
CA PHE A 18 -11.12 -4.90 -4.17
C PHE A 18 -10.61 -3.52 -4.54
N GLY A 19 -11.49 -2.74 -5.20
CA GLY A 19 -11.16 -1.39 -5.64
C GLY A 19 -12.35 -0.43 -5.51
N PRO A 20 -13.18 -0.22 -6.59
CA PRO A 20 -13.16 -1.00 -7.85
C PRO A 20 -12.16 -0.46 -8.92
N HIS A 21 -11.18 0.34 -8.46
CA HIS A 21 -10.06 0.83 -9.30
C HIS A 21 -8.91 -0.19 -9.32
N LEU A 22 -9.10 -1.32 -8.61
CA LEU A 22 -8.13 -2.42 -8.51
C LEU A 22 -8.74 -3.68 -9.14
N ASP A 23 -7.89 -4.50 -9.77
CA ASP A 23 -8.32 -5.75 -10.43
C ASP A 23 -8.74 -6.78 -9.36
N PRO A 24 -10.03 -7.23 -9.34
CA PRO A 24 -10.56 -8.12 -8.27
C PRO A 24 -9.84 -9.47 -8.18
N LYS A 25 -9.32 -9.96 -9.33
CA LYS A 25 -8.63 -11.26 -9.41
C LYS A 25 -7.24 -11.19 -8.74
N ARG A 26 -6.51 -10.09 -9.02
CA ARG A 26 -5.15 -9.86 -8.46
C ARG A 26 -5.22 -9.58 -6.96
N ILE A 27 -6.34 -8.97 -6.54
CA ILE A 27 -6.68 -8.76 -5.12
C ILE A 27 -6.84 -10.13 -4.40
N GLN A 28 -7.29 -11.16 -5.13
CA GLN A 28 -7.40 -12.53 -4.58
C GLN A 28 -6.04 -13.28 -4.66
N GLN A 29 -5.11 -12.80 -5.53
CA GLN A 29 -3.79 -13.45 -5.73
C GLN A 29 -2.78 -13.08 -4.62
N LEU A 30 -2.78 -11.78 -4.21
CA LEU A 30 -1.82 -11.23 -3.22
C LEU A 30 -2.03 -11.86 -1.80
N PRO A 31 -1.06 -11.75 -0.82
CA PRO A 31 -1.12 -12.53 0.46
C PRO A 31 -2.26 -12.11 1.41
N ASP A 32 -2.45 -12.94 2.46
CA ASP A 32 -3.52 -12.79 3.48
C ASP A 32 -3.20 -11.69 4.49
N HIS A 33 -1.91 -11.33 4.62
CA HIS A 33 -1.45 -10.32 5.59
C HIS A 33 -0.07 -9.78 5.21
N PHE A 34 0.23 -8.58 5.75
CA PHE A 34 1.58 -8.02 5.75
C PHE A 34 1.92 -7.69 7.22
N GLY A 35 2.73 -8.54 7.84
CA GLY A 35 3.13 -8.34 9.23
C GLY A 35 3.19 -9.65 10.05
N PRO A 36 3.80 -9.63 11.28
CA PRO A 36 4.45 -8.43 11.88
C PRO A 36 5.82 -8.11 11.21
N GLY A 37 5.97 -6.84 10.82
CA GLY A 37 7.17 -6.34 10.17
C GLY A 37 7.23 -4.81 10.21
N PRO A 38 8.27 -4.17 9.62
CA PRO A 38 8.52 -2.71 9.75
C PRO A 38 7.41 -1.81 9.12
N VAL A 39 7.02 -0.78 9.91
CA VAL A 39 6.01 0.26 9.58
C VAL A 39 6.05 0.74 8.11
N ASN A 40 7.25 1.04 7.64
CA ASN A 40 7.51 1.67 6.33
C ASN A 40 7.38 0.66 5.17
N VAL A 41 7.75 -0.60 5.43
CA VAL A 41 7.66 -1.67 4.42
C VAL A 41 6.22 -2.23 4.35
N VAL A 42 5.53 -2.30 5.50
CA VAL A 42 4.12 -2.78 5.54
C VAL A 42 3.19 -1.81 4.78
N LEU A 43 3.40 -0.48 4.95
CA LEU A 43 2.58 0.54 4.28
C LEU A 43 2.83 0.52 2.76
N ARG A 44 4.13 0.42 2.36
CA ARG A 44 4.50 0.46 0.93
C ARG A 44 4.01 -0.79 0.21
N ARG A 45 4.00 -1.94 0.93
CA ARG A 45 3.62 -3.25 0.34
C ARG A 45 2.11 -3.40 0.13
N ILE A 46 1.29 -2.59 0.83
CA ILE A 46 -0.15 -2.47 0.52
C ILE A 46 -0.30 -1.60 -0.74
N VAL A 47 0.35 -0.43 -0.68
CA VAL A 47 0.24 0.63 -1.69
C VAL A 47 0.67 0.13 -3.10
N GLN A 48 1.92 -0.37 -3.21
CA GLN A 48 2.48 -0.84 -4.52
C GLN A 48 1.82 -2.13 -5.00
N ALA A 49 1.23 -2.92 -4.07
CA ALA A 49 0.41 -4.09 -4.42
C ALA A 49 -0.86 -3.62 -5.14
N CYS A 50 -1.44 -2.51 -4.63
CA CYS A 50 -2.63 -1.89 -5.21
C CYS A 50 -2.33 -1.29 -6.59
N VAL A 51 -1.22 -0.53 -6.71
CA VAL A 51 -0.84 0.14 -7.98
C VAL A 51 -0.50 -0.91 -9.08
N ASP A 52 0.12 -2.02 -8.65
CA ASP A 52 0.46 -3.15 -9.54
C ASP A 52 -0.83 -3.88 -10.00
N CYS A 53 -1.78 -4.03 -9.05
CA CYS A 53 -3.08 -4.68 -9.31
C CYS A 53 -4.06 -3.74 -10.05
N ALA A 54 -3.74 -2.43 -10.07
CA ALA A 54 -4.66 -1.38 -10.47
C ALA A 54 -5.16 -1.50 -11.92
N LEU A 55 -6.49 -1.40 -12.06
CA LEU A 55 -7.14 -1.13 -13.35
C LEU A 55 -6.86 0.34 -13.70
N GLU A 56 -6.21 0.57 -14.86
CA GLU A 56 -5.81 1.91 -15.32
C GLU A 56 -4.76 2.50 -14.34
N THR A 57 -3.65 1.75 -14.24
CA THR A 57 -2.47 2.08 -13.39
C THR A 57 -1.93 3.49 -13.71
N LYS A 58 -2.01 3.88 -15.00
CA LYS A 58 -1.61 5.21 -15.51
C LYS A 58 -2.25 6.39 -14.70
N THR A 59 -3.52 6.23 -14.30
CA THR A 59 -4.26 7.23 -13.52
C THR A 59 -4.04 7.02 -12.02
N VAL A 60 -4.04 5.73 -11.59
CA VAL A 60 -3.83 5.33 -10.17
C VAL A 60 -2.45 5.75 -9.65
N PHE A 61 -1.47 5.81 -10.57
CA PHE A 61 -0.07 6.20 -10.29
C PHE A 61 0.02 7.73 -10.10
N GLY A 62 -1.03 8.45 -10.53
CA GLY A 62 -1.18 9.88 -10.27
C GLY A 62 -1.64 10.17 -8.84
N TYR A 63 -2.34 9.21 -8.19
CA TYR A 63 -2.84 9.34 -6.80
C TYR A 63 -1.71 9.16 -5.76
N LEU A 64 -0.48 8.97 -6.25
CA LEU A 64 0.74 9.09 -5.43
C LEU A 64 1.86 9.78 -6.25
N LYS A 65 2.22 10.99 -5.80
CA LYS A 65 3.34 11.75 -6.38
C LYS A 65 4.69 11.16 -5.88
N PRO A 66 5.82 11.42 -6.59
CA PRO A 66 7.15 11.21 -6.01
C PRO A 66 7.42 12.30 -4.94
N ASP A 67 7.71 11.84 -3.72
CA ASP A 67 7.91 12.71 -2.55
C ASP A 67 9.41 12.67 -2.19
N ASN A 68 10.11 13.80 -2.38
CA ASN A 68 11.59 13.84 -2.44
C ASN A 68 12.22 13.96 -1.03
N ARG A 69 11.52 13.41 -0.02
CA ARG A 69 12.04 13.31 1.36
C ARG A 69 13.02 12.13 1.48
N GLY A 70 12.87 11.12 0.61
CA GLY A 70 13.82 10.00 0.53
C GLY A 70 13.43 8.82 1.41
N GLY A 71 12.12 8.50 1.42
CA GLY A 71 11.60 7.36 2.17
C GLY A 71 11.54 6.10 1.32
N GLU A 72 10.32 5.55 1.15
CA GLU A 72 10.11 4.27 0.44
C GLU A 72 10.00 4.49 -1.08
N VAL A 73 9.77 3.40 -1.83
CA VAL A 73 9.70 3.42 -3.30
C VAL A 73 8.51 2.56 -3.75
N ILE A 74 7.60 3.14 -4.56
CA ILE A 74 6.47 2.42 -5.19
C ILE A 74 6.79 2.19 -6.66
N THR A 75 6.71 0.94 -7.11
CA THR A 75 6.97 0.54 -8.50
C THR A 75 5.64 0.20 -9.20
N ALA A 76 5.60 0.44 -10.51
CA ALA A 76 4.37 0.32 -11.32
C ALA A 76 4.68 0.19 -12.81
N SER A 77 3.63 -0.03 -13.61
CA SER A 77 3.71 -0.15 -15.07
C SER A 77 2.84 0.94 -15.74
N PHE A 78 3.50 1.83 -16.49
CA PHE A 78 2.86 2.96 -17.19
C PHE A 78 3.34 3.01 -18.65
N ASP A 79 2.40 2.74 -19.58
CA ASP A 79 2.58 2.85 -21.05
C ASP A 79 3.51 1.74 -21.58
N GLY A 80 3.60 0.64 -20.81
CA GLY A 80 4.51 -0.48 -21.12
C GLY A 80 5.85 -0.36 -20.44
N GLU A 81 6.13 0.83 -19.88
CA GLU A 81 7.37 1.12 -19.13
C GLU A 81 7.17 0.75 -17.66
N THR A 82 8.29 0.66 -16.93
CA THR A 82 8.28 0.45 -15.48
C THR A 82 8.74 1.77 -14.80
N HIS A 83 7.84 2.41 -14.03
CA HIS A 83 8.14 3.69 -13.37
C HIS A 83 8.01 3.55 -11.84
N SER A 84 8.94 4.20 -11.12
CA SER A 84 8.98 4.18 -9.65
C SER A 84 8.97 5.62 -9.11
N ILE A 85 8.39 5.81 -7.89
CA ILE A 85 8.40 7.11 -7.19
C ILE A 85 9.09 6.96 -5.82
N GLN A 86 9.16 8.08 -5.08
CA GLN A 86 9.59 8.09 -3.67
C GLN A 86 8.38 8.39 -2.75
N LEU A 87 8.46 7.93 -1.50
CA LEU A 87 7.49 8.25 -0.43
C LEU A 87 8.20 9.06 0.68
N PRO A 88 7.46 9.68 1.66
CA PRO A 88 8.07 10.20 2.91
C PRO A 88 8.45 9.05 3.89
N PRO A 89 9.62 9.17 4.62
CA PRO A 89 10.02 8.14 5.62
C PRO A 89 9.22 8.30 6.94
N VAL A 90 8.82 7.17 7.51
CA VAL A 90 7.99 7.12 8.74
C VAL A 90 8.76 6.43 9.89
N ASN A 91 8.30 6.69 11.12
CA ASN A 91 8.92 6.13 12.35
C ASN A 91 7.85 5.76 13.39
N SER A 92 6.56 6.04 13.09
CA SER A 92 5.44 5.79 14.01
C SER A 92 4.52 4.72 13.41
N ALA A 93 4.04 3.82 14.27
CA ALA A 93 3.22 2.66 13.88
C ALA A 93 1.85 3.09 13.34
N SER A 94 1.33 4.20 13.88
CA SER A 94 0.06 4.81 13.43
C SER A 94 0.18 5.30 11.96
N PHE A 95 1.38 5.79 11.58
CA PHE A 95 1.62 6.38 10.25
C PHE A 95 1.69 5.28 9.17
N ALA A 96 2.01 4.01 9.59
CA ALA A 96 1.89 2.83 8.69
C ALA A 96 0.47 2.76 8.16
N LEU A 97 -0.44 2.65 9.13
CA LEU A 97 -1.86 2.34 8.91
C LEU A 97 -2.54 3.49 8.14
N ARG A 98 -2.17 4.71 8.56
CA ARG A 98 -2.75 5.97 8.08
C ARG A 98 -2.26 6.30 6.64
N PHE A 99 -1.07 5.81 6.26
CA PHE A 99 -0.45 6.11 4.95
C PHE A 99 -1.31 5.56 3.81
N LEU A 100 -1.59 4.24 3.87
CA LEU A 100 -2.32 3.55 2.79
C LEU A 100 -3.83 3.79 2.93
N GLU A 101 -4.23 4.30 4.11
CA GLU A 101 -5.62 4.64 4.43
C GLU A 101 -6.09 5.78 3.51
N ASN A 102 -5.19 6.75 3.29
CA ASN A 102 -5.41 7.89 2.39
C ASN A 102 -5.45 7.43 0.92
N PHE A 103 -4.53 6.54 0.55
CA PHE A 103 -4.36 6.07 -0.84
C PHE A 103 -5.53 5.17 -1.29
N CYS A 104 -5.89 4.22 -0.42
CA CYS A 104 -7.03 3.31 -0.65
C CYS A 104 -8.37 4.08 -0.70
N HIS A 105 -8.40 5.23 -0.01
CA HIS A 105 -9.60 6.10 0.04
C HIS A 105 -9.88 6.74 -1.33
N SER A 106 -8.80 7.15 -2.02
CA SER A 106 -8.91 7.76 -3.36
C SER A 106 -9.19 6.68 -4.45
N LEU A 107 -9.00 5.40 -4.10
CA LEU A 107 -9.34 4.24 -4.98
C LEU A 107 -10.71 3.64 -4.62
N GLN A 108 -11.29 4.15 -3.50
CA GLN A 108 -12.61 3.73 -2.95
C GLN A 108 -12.55 2.31 -2.33
N CYS A 109 -11.34 1.75 -2.20
CA CYS A 109 -11.12 0.42 -1.62
C CYS A 109 -10.97 0.54 -0.11
N ASP A 110 -11.67 -0.33 0.61
CA ASP A 110 -11.76 -0.30 2.09
C ASP A 110 -12.09 -1.71 2.57
N ASN A 111 -11.65 -2.04 3.80
CA ASN A 111 -11.76 -3.40 4.38
C ASN A 111 -10.89 -4.40 3.58
N LEU A 112 -9.92 -3.84 2.82
CA LEU A 112 -8.94 -4.61 2.03
C LEU A 112 -7.74 -5.02 2.93
N LEU A 113 -7.73 -4.49 4.16
CA LEU A 113 -6.73 -4.77 5.18
C LEU A 113 -7.31 -4.37 6.55
N SER A 114 -6.68 -4.89 7.61
CA SER A 114 -7.09 -4.61 9.00
C SER A 114 -5.86 -4.70 9.90
N SER A 115 -5.43 -3.54 10.40
CA SER A 115 -4.23 -3.40 11.24
C SER A 115 -4.41 -4.04 12.63
N GLN A 116 -5.67 -4.33 12.99
CA GLN A 116 -6.05 -4.89 14.27
C GLN A 116 -5.66 -6.39 14.31
N PRO A 117 -4.65 -6.79 15.16
CA PRO A 117 -4.16 -8.19 15.21
C PRO A 117 -5.08 -9.12 16.02
N PHE A 118 -5.04 -10.42 15.68
CA PHE A 118 -5.81 -11.47 16.39
C PHE A 118 -5.08 -11.92 17.68
N SER A 119 -3.91 -11.30 17.96
CA SER A 119 -3.16 -11.44 19.22
C SER A 119 -2.58 -12.88 19.36
N GLY A 1 19.37 -1.26 20.16
CA GLY A 1 18.52 -0.40 19.30
C GLY A 1 18.93 -0.49 17.84
N SER A 2 18.42 -1.53 17.14
CA SER A 2 18.64 -1.72 15.70
C SER A 2 17.59 -0.95 14.88
N HIS A 3 16.34 -0.91 15.40
CA HIS A 3 15.20 -0.30 14.70
C HIS A 3 15.25 1.23 14.82
N MET A 4 15.33 1.93 13.66
CA MET A 4 15.20 3.42 13.60
C MET A 4 13.71 3.83 13.40
N MET A 5 12.82 2.83 13.47
CA MET A 5 11.40 2.95 13.07
C MET A 5 10.53 1.94 13.83
N SER A 6 9.19 2.04 13.65
CA SER A 6 8.20 1.15 14.30
C SER A 6 8.07 -0.19 13.53
N THR A 7 7.18 -1.09 14.02
CA THR A 7 6.83 -2.36 13.36
C THR A 7 5.31 -2.61 13.48
N VAL A 8 4.66 -3.02 12.38
CA VAL A 8 3.20 -3.30 12.33
C VAL A 8 2.91 -4.62 11.60
N CYS A 9 1.71 -5.17 11.87
CA CYS A 9 1.20 -6.38 11.19
C CYS A 9 -0.24 -6.13 10.70
N VAL A 10 -0.38 -5.95 9.39
CA VAL A 10 -1.67 -5.72 8.71
C VAL A 10 -2.24 -7.07 8.21
N TYR A 11 -3.56 -7.10 7.99
CA TYR A 11 -4.28 -8.28 7.48
C TYR A 11 -5.08 -7.83 6.26
N VAL A 12 -4.64 -8.24 5.06
CA VAL A 12 -5.29 -7.87 3.79
C VAL A 12 -6.57 -8.71 3.57
N ASN A 13 -7.74 -8.09 3.76
CA ASN A 13 -9.04 -8.74 3.57
C ASN A 13 -9.54 -8.46 2.15
N LYS A 14 -9.12 -9.34 1.22
CA LYS A 14 -9.51 -9.27 -0.21
C LYS A 14 -11.02 -9.60 -0.40
N HIS A 15 -11.66 -10.17 0.65
CA HIS A 15 -13.10 -10.43 0.67
C HIS A 15 -13.90 -9.17 1.10
N GLY A 16 -13.20 -8.18 1.70
CA GLY A 16 -13.83 -6.92 2.13
C GLY A 16 -14.22 -6.02 0.96
N ASN A 17 -13.19 -5.55 0.23
CA ASN A 17 -13.36 -4.86 -1.06
C ASN A 17 -12.05 -5.03 -1.86
N PHE A 18 -12.10 -4.75 -3.16
CA PHE A 18 -10.95 -4.82 -4.07
C PHE A 18 -10.55 -3.41 -4.44
N GLY A 19 -11.47 -2.72 -5.15
CA GLY A 19 -11.24 -1.36 -5.62
C GLY A 19 -12.50 -0.50 -5.60
N PRO A 20 -13.27 -0.36 -6.72
CA PRO A 20 -13.10 -1.12 -7.98
C PRO A 20 -12.16 -0.44 -9.01
N HIS A 21 -11.28 0.48 -8.53
CA HIS A 21 -10.14 0.99 -9.34
C HIS A 21 -8.98 -0.03 -9.37
N LEU A 22 -9.12 -1.09 -8.54
CA LEU A 22 -8.19 -2.22 -8.44
C LEU A 22 -8.86 -3.48 -9.02
N ASP A 23 -8.08 -4.33 -9.72
CA ASP A 23 -8.59 -5.57 -10.33
C ASP A 23 -8.90 -6.62 -9.23
N PRO A 24 -10.12 -7.24 -9.23
CA PRO A 24 -10.55 -8.21 -8.18
C PRO A 24 -9.63 -9.45 -8.08
N LYS A 25 -9.21 -10.00 -9.23
CA LYS A 25 -8.40 -11.24 -9.28
C LYS A 25 -6.99 -11.00 -8.72
N ARG A 26 -6.40 -9.85 -9.10
CA ARG A 26 -5.02 -9.48 -8.72
C ARG A 26 -4.95 -9.10 -7.21
N ILE A 27 -6.09 -8.59 -6.70
CA ILE A 27 -6.30 -8.35 -5.27
C ILE A 27 -6.33 -9.69 -4.48
N GLN A 28 -6.76 -10.78 -5.15
CA GLN A 28 -6.72 -12.14 -4.57
C GLN A 28 -5.31 -12.75 -4.68
N GLN A 29 -4.51 -12.29 -5.67
CA GLN A 29 -3.15 -12.84 -5.94
C GLN A 29 -2.12 -12.38 -4.89
N LEU A 30 -2.28 -11.14 -4.37
CA LEU A 30 -1.39 -10.59 -3.33
C LEU A 30 -1.72 -11.25 -1.96
N PRO A 31 -0.75 -11.31 -0.99
CA PRO A 31 -0.94 -11.93 0.35
C PRO A 31 -2.22 -11.53 1.10
N ASP A 32 -2.64 -12.43 2.00
CA ASP A 32 -3.82 -12.26 2.87
C ASP A 32 -3.44 -11.42 4.11
N HIS A 33 -2.14 -11.13 4.28
CA HIS A 33 -1.61 -10.33 5.40
C HIS A 33 -0.16 -9.89 5.11
N PHE A 34 0.19 -8.70 5.61
CA PHE A 34 1.55 -8.13 5.50
C PHE A 34 2.11 -7.85 6.90
N GLY A 35 3.32 -8.38 7.21
CA GLY A 35 3.95 -8.20 8.52
C GLY A 35 3.99 -9.51 9.34
N PRO A 36 4.43 -9.47 10.65
CA PRO A 36 4.95 -8.26 11.32
C PRO A 36 6.38 -7.88 10.85
N GLY A 37 6.52 -6.62 10.43
CA GLY A 37 7.77 -6.08 9.91
C GLY A 37 7.82 -4.57 10.07
N PRO A 38 8.86 -3.86 9.53
CA PRO A 38 9.03 -2.41 9.75
C PRO A 38 7.89 -1.58 9.12
N VAL A 39 7.46 -0.55 9.87
CA VAL A 39 6.35 0.38 9.54
C VAL A 39 6.44 0.90 8.09
N ASN A 40 7.67 1.23 7.66
CA ASN A 40 7.98 1.75 6.31
C ASN A 40 7.63 0.72 5.23
N VAL A 41 8.12 -0.51 5.41
CA VAL A 41 7.96 -1.58 4.41
C VAL A 41 6.51 -2.07 4.36
N VAL A 42 5.89 -2.30 5.53
CA VAL A 42 4.52 -2.86 5.59
C VAL A 42 3.46 -1.91 4.96
N LEU A 43 3.69 -0.56 5.02
CA LEU A 43 2.76 0.42 4.41
C LEU A 43 2.91 0.44 2.89
N ARG A 44 4.17 0.36 2.40
CA ARG A 44 4.44 0.37 0.95
C ARG A 44 3.95 -0.93 0.33
N ARG A 45 4.04 -2.05 1.10
CA ARG A 45 3.58 -3.39 0.67
C ARG A 45 2.10 -3.37 0.26
N ILE A 46 1.32 -2.48 0.91
CA ILE A 46 -0.10 -2.29 0.59
C ILE A 46 -0.23 -1.54 -0.75
N VAL A 47 0.42 -0.37 -0.82
CA VAL A 47 0.26 0.58 -1.94
C VAL A 47 0.82 0.00 -3.26
N GLN A 48 2.09 -0.47 -3.27
CA GLN A 48 2.73 -1.07 -4.47
C GLN A 48 2.02 -2.35 -4.93
N ALA A 49 1.33 -3.02 -4.01
CA ALA A 49 0.46 -4.15 -4.34
C ALA A 49 -0.77 -3.63 -5.10
N CYS A 50 -1.42 -2.59 -4.53
CA CYS A 50 -2.67 -2.03 -5.05
C CYS A 50 -2.51 -1.41 -6.46
N VAL A 51 -1.51 -0.51 -6.63
CA VAL A 51 -1.29 0.24 -7.89
C VAL A 51 -0.93 -0.73 -9.03
N ASP A 52 -0.07 -1.71 -8.72
CA ASP A 52 0.39 -2.71 -9.68
C ASP A 52 -0.75 -3.71 -10.01
N CYS A 53 -1.63 -3.98 -9.03
CA CYS A 53 -2.80 -4.88 -9.20
C CYS A 53 -4.03 -4.12 -9.71
N ALA A 54 -3.85 -2.84 -10.09
CA ALA A 54 -4.95 -1.94 -10.46
C ALA A 54 -5.45 -2.11 -11.91
N LEU A 55 -6.67 -1.60 -12.11
CA LEU A 55 -7.28 -1.35 -13.43
C LEU A 55 -6.83 0.04 -13.92
N GLU A 56 -6.14 0.09 -15.07
CA GLU A 56 -5.64 1.34 -15.69
C GLU A 56 -4.68 2.06 -14.71
N THR A 57 -3.48 1.46 -14.57
CA THR A 57 -2.49 1.80 -13.54
C THR A 57 -1.98 3.25 -13.64
N LYS A 58 -1.84 3.79 -14.87
CA LYS A 58 -1.39 5.20 -15.10
C LYS A 58 -2.26 6.24 -14.35
N THR A 59 -3.58 5.98 -14.31
CA THR A 59 -4.56 6.85 -13.64
C THR A 59 -4.47 6.65 -12.12
N VAL A 60 -4.37 5.37 -11.72
CA VAL A 60 -4.26 4.95 -10.31
C VAL A 60 -2.92 5.43 -9.68
N PHE A 61 -1.89 5.57 -10.54
CA PHE A 61 -0.55 6.03 -10.14
C PHE A 61 -0.56 7.56 -9.96
N GLY A 62 -1.59 8.22 -10.54
CA GLY A 62 -1.84 9.66 -10.35
C GLY A 62 -2.42 10.00 -8.97
N TYR A 63 -2.84 8.96 -8.20
CA TYR A 63 -3.37 9.12 -6.82
C TYR A 63 -2.21 9.33 -5.81
N LEU A 64 -0.97 9.13 -6.26
CA LEU A 64 0.25 9.28 -5.43
C LEU A 64 1.37 9.94 -6.26
N LYS A 65 2.15 10.83 -5.63
CA LYS A 65 3.26 11.55 -6.30
C LYS A 65 4.62 11.16 -5.69
N PRO A 66 5.76 11.38 -6.42
CA PRO A 66 7.11 11.25 -5.82
C PRO A 66 7.38 12.36 -4.79
N ASP A 67 8.23 12.02 -3.81
CA ASP A 67 8.64 12.90 -2.71
C ASP A 67 10.14 12.71 -2.48
N ASN A 68 10.90 13.80 -2.58
CA ASN A 68 12.38 13.78 -2.64
C ASN A 68 13.03 13.62 -1.25
N ARG A 69 12.21 13.23 -0.25
CA ARG A 69 12.66 12.88 1.11
C ARG A 69 13.61 11.66 1.09
N GLY A 70 13.24 10.60 0.34
CA GLY A 70 14.10 9.41 0.21
C GLY A 70 13.75 8.30 1.19
N GLY A 71 12.43 8.03 1.33
CA GLY A 71 11.94 6.96 2.21
C GLY A 71 11.57 5.70 1.44
N GLU A 72 10.25 5.41 1.36
CA GLU A 72 9.73 4.19 0.69
C GLU A 72 9.72 4.38 -0.85
N VAL A 73 9.43 3.28 -1.58
CA VAL A 73 9.34 3.28 -3.06
C VAL A 73 8.08 2.51 -3.48
N ILE A 74 7.30 3.06 -4.43
CA ILE A 74 6.17 2.31 -5.09
C ILE A 74 6.50 2.07 -6.57
N THR A 75 6.47 0.78 -6.97
CA THR A 75 6.66 0.36 -8.37
C THR A 75 5.32 -0.09 -8.96
N ALA A 76 5.14 0.16 -10.25
CA ALA A 76 3.92 -0.20 -11.00
C ALA A 76 4.16 -0.06 -12.52
N SER A 77 3.33 -0.73 -13.33
CA SER A 77 3.47 -0.71 -14.81
C SER A 77 2.83 0.56 -15.40
N PHE A 78 3.67 1.39 -16.03
CA PHE A 78 3.28 2.70 -16.56
C PHE A 78 4.03 2.98 -17.90
N ASP A 79 3.22 3.20 -18.97
CA ASP A 79 3.68 3.78 -20.26
C ASP A 79 4.64 2.85 -21.06
N GLY A 80 4.58 1.54 -20.78
CA GLY A 80 5.37 0.53 -21.50
C GLY A 80 6.64 0.10 -20.77
N GLU A 81 6.86 0.67 -19.57
CA GLU A 81 7.95 0.28 -18.65
C GLU A 81 7.36 0.21 -17.23
N THR A 82 8.14 -0.27 -16.26
CA THR A 82 7.77 -0.12 -14.85
C THR A 82 8.30 1.24 -14.36
N HIS A 83 7.41 2.05 -13.77
CA HIS A 83 7.77 3.35 -13.17
C HIS A 83 7.74 3.23 -11.64
N SER A 84 8.72 3.85 -10.99
CA SER A 84 8.85 3.91 -9.53
C SER A 84 8.90 5.35 -9.05
N ILE A 85 8.40 5.61 -7.83
CA ILE A 85 8.48 6.93 -7.16
C ILE A 85 9.14 6.78 -5.78
N GLN A 86 9.34 7.93 -5.12
CA GLN A 86 9.87 8.00 -3.76
C GLN A 86 8.77 8.53 -2.82
N LEU A 87 8.75 8.01 -1.60
CA LEU A 87 7.79 8.37 -0.54
C LEU A 87 8.57 9.05 0.61
N PRO A 88 7.90 9.83 1.51
CA PRO A 88 8.55 10.31 2.75
C PRO A 88 8.68 9.18 3.83
N PRO A 89 9.88 9.04 4.52
CA PRO A 89 10.11 7.97 5.52
C PRO A 89 9.32 8.19 6.83
N VAL A 90 8.73 7.10 7.33
CA VAL A 90 7.92 7.09 8.58
C VAL A 90 8.71 6.41 9.73
N ASN A 91 8.14 6.45 10.96
CA ASN A 91 8.75 5.81 12.13
C ASN A 91 7.71 5.46 13.21
N SER A 92 6.40 5.75 12.97
CA SER A 92 5.34 5.53 13.96
C SER A 92 4.29 4.54 13.43
N ALA A 93 3.76 3.66 14.31
CA ALA A 93 2.85 2.55 13.94
C ALA A 93 1.48 3.06 13.43
N SER A 94 1.01 4.16 14.02
CA SER A 94 -0.22 4.84 13.58
C SER A 94 -0.08 5.42 12.17
N PHE A 95 1.18 5.74 11.79
CA PHE A 95 1.48 6.43 10.52
C PHE A 95 1.58 5.38 9.39
N ALA A 96 1.87 4.09 9.76
CA ALA A 96 1.79 2.95 8.82
C ALA A 96 0.42 2.93 8.16
N LEU A 97 -0.59 2.81 9.02
CA LEU A 97 -1.99 2.61 8.64
C LEU A 97 -2.56 3.90 8.01
N ARG A 98 -2.13 5.05 8.57
CA ARG A 98 -2.52 6.39 8.08
C ARG A 98 -2.01 6.64 6.64
N PHE A 99 -0.85 6.05 6.28
CA PHE A 99 -0.17 6.34 4.99
C PHE A 99 -1.00 5.81 3.80
N LEU A 100 -1.50 4.57 3.89
CA LEU A 100 -2.28 3.95 2.79
C LEU A 100 -3.76 4.30 2.88
N GLU A 101 -4.16 4.85 4.06
CA GLU A 101 -5.55 5.13 4.42
C GLU A 101 -6.25 6.03 3.37
N ASN A 102 -5.63 7.20 3.12
CA ASN A 102 -6.14 8.19 2.14
C ASN A 102 -6.15 7.61 0.71
N PHE A 103 -5.15 6.76 0.41
CA PHE A 103 -4.97 6.13 -0.90
C PHE A 103 -6.13 5.15 -1.19
N CYS A 104 -6.34 4.18 -0.28
CA CYS A 104 -7.42 3.18 -0.38
C CYS A 104 -8.80 3.86 -0.35
N HIS A 105 -8.88 5.01 0.35
CA HIS A 105 -10.10 5.82 0.44
C HIS A 105 -10.48 6.42 -0.92
N SER A 106 -9.47 6.94 -1.63
CA SER A 106 -9.67 7.54 -2.95
C SER A 106 -9.86 6.45 -4.05
N LEU A 107 -9.41 5.21 -3.76
CA LEU A 107 -9.67 4.03 -4.63
C LEU A 107 -11.10 3.49 -4.44
N GLN A 108 -11.78 4.00 -3.38
CA GLN A 108 -13.17 3.62 -2.99
C GLN A 108 -13.21 2.22 -2.34
N CYS A 109 -12.03 1.65 -2.04
CA CYS A 109 -11.88 0.32 -1.42
C CYS A 109 -11.75 0.47 0.09
N ASP A 110 -12.50 -0.33 0.84
CA ASP A 110 -12.49 -0.32 2.31
C ASP A 110 -12.80 -1.72 2.82
N ASN A 111 -12.26 -2.05 4.01
CA ASN A 111 -12.21 -3.41 4.58
C ASN A 111 -11.26 -4.29 3.73
N LEU A 112 -10.40 -3.65 2.90
CA LEU A 112 -9.39 -4.33 2.06
C LEU A 112 -8.17 -4.73 2.91
N LEU A 113 -7.92 -4.00 4.00
CA LEU A 113 -6.82 -4.28 4.92
C LEU A 113 -7.03 -3.56 6.25
N SER A 114 -6.51 -4.17 7.33
CA SER A 114 -6.58 -3.63 8.71
C SER A 114 -5.59 -4.40 9.59
N SER A 115 -4.87 -3.68 10.49
CA SER A 115 -4.04 -4.29 11.55
C SER A 115 -4.92 -4.90 12.66
N GLN A 116 -6.23 -4.56 12.61
CA GLN A 116 -7.26 -5.09 13.52
C GLN A 116 -7.59 -6.56 13.18
N PRO A 117 -7.82 -7.44 14.20
CA PRO A 117 -8.26 -8.83 13.97
C PRO A 117 -9.74 -8.88 13.56
N PHE A 118 -10.05 -9.68 12.54
CA PHE A 118 -11.41 -9.83 12.00
C PHE A 118 -12.24 -10.84 12.82
N SER A 119 -11.58 -11.49 13.80
CA SER A 119 -12.18 -12.44 14.73
C SER A 119 -11.25 -12.57 15.95
N GLY A 1 17.77 0.62 24.61
CA GLY A 1 16.46 0.14 24.13
C GLY A 1 16.31 0.26 22.63
N SER A 2 15.08 0.54 22.16
CA SER A 2 14.76 0.68 20.73
C SER A 2 15.04 2.12 20.23
N HIS A 3 15.78 2.24 19.12
CA HIS A 3 16.07 3.53 18.47
C HIS A 3 15.84 3.42 16.94
N MET A 4 15.27 2.29 16.50
CA MET A 4 14.94 2.05 15.07
C MET A 4 13.56 2.65 14.71
N MET A 5 13.09 2.38 13.48
CA MET A 5 11.73 2.71 13.03
C MET A 5 10.66 1.91 13.82
N SER A 6 9.38 2.24 13.60
CA SER A 6 8.26 1.50 14.22
C SER A 6 8.02 0.17 13.47
N THR A 7 7.13 -0.69 14.02
CA THR A 7 6.76 -1.99 13.41
C THR A 7 5.23 -2.20 13.51
N VAL A 8 4.64 -2.80 12.45
CA VAL A 8 3.18 -3.05 12.34
C VAL A 8 2.90 -4.40 11.64
N CYS A 9 1.63 -4.85 11.74
CA CYS A 9 1.12 -6.07 11.08
C CYS A 9 -0.26 -5.78 10.47
N VAL A 10 -0.31 -5.72 9.12
CA VAL A 10 -1.57 -5.54 8.37
C VAL A 10 -2.12 -6.90 7.95
N TYR A 11 -3.45 -7.00 7.85
CA TYR A 11 -4.16 -8.21 7.38
C TYR A 11 -4.95 -7.87 6.12
N VAL A 12 -4.39 -8.20 4.96
CA VAL A 12 -5.00 -7.92 3.64
C VAL A 12 -6.26 -8.78 3.45
N ASN A 13 -7.43 -8.13 3.61
CA ASN A 13 -8.73 -8.81 3.57
C ASN A 13 -9.32 -8.71 2.15
N LYS A 14 -9.08 -9.75 1.35
CA LYS A 14 -9.62 -9.87 -0.02
C LYS A 14 -11.10 -10.31 0.01
N HIS A 15 -11.57 -10.73 1.19
CA HIS A 15 -13.01 -10.98 1.45
C HIS A 15 -13.77 -9.65 1.63
N GLY A 16 -13.00 -8.55 1.84
CA GLY A 16 -13.54 -7.19 1.80
C GLY A 16 -13.64 -6.64 0.39
N ASN A 17 -13.70 -5.30 0.24
CA ASN A 17 -13.80 -4.66 -1.09
C ASN A 17 -12.46 -4.73 -1.83
N PHE A 18 -12.54 -4.89 -3.15
CA PHE A 18 -11.37 -5.06 -4.03
C PHE A 18 -10.89 -3.68 -4.45
N GLY A 19 -11.78 -2.93 -5.12
CA GLY A 19 -11.47 -1.61 -5.63
C GLY A 19 -12.67 -0.66 -5.60
N PRO A 20 -13.50 -0.54 -6.68
CA PRO A 20 -13.45 -1.40 -7.89
C PRO A 20 -12.44 -0.90 -8.96
N HIS A 21 -11.56 0.06 -8.58
CA HIS A 21 -10.45 0.51 -9.43
C HIS A 21 -9.27 -0.48 -9.39
N LEU A 22 -9.41 -1.55 -8.59
CA LEU A 22 -8.42 -2.64 -8.45
C LEU A 22 -9.02 -3.92 -9.05
N ASP A 23 -8.21 -4.72 -9.74
CA ASP A 23 -8.66 -5.95 -10.40
C ASP A 23 -9.00 -7.02 -9.35
N PRO A 24 -10.30 -7.49 -9.29
CA PRO A 24 -10.78 -8.41 -8.24
C PRO A 24 -9.99 -9.74 -8.17
N LYS A 25 -9.53 -10.24 -9.33
CA LYS A 25 -8.80 -11.52 -9.42
C LYS A 25 -7.43 -11.40 -8.72
N ARG A 26 -6.68 -10.34 -9.11
CA ARG A 26 -5.32 -10.06 -8.58
C ARG A 26 -5.35 -9.79 -7.07
N ILE A 27 -6.45 -9.17 -6.62
CA ILE A 27 -6.73 -8.89 -5.20
C ILE A 27 -6.82 -10.21 -4.38
N GLN A 28 -7.33 -11.28 -5.02
CA GLN A 28 -7.41 -12.61 -4.38
C GLN A 28 -6.05 -13.35 -4.45
N GLN A 29 -5.18 -12.94 -5.40
CA GLN A 29 -3.88 -13.64 -5.65
C GLN A 29 -2.77 -13.14 -4.71
N LEU A 30 -2.76 -11.82 -4.41
CA LEU A 30 -1.74 -11.19 -3.53
C LEU A 30 -1.88 -11.77 -2.09
N PRO A 31 -0.80 -11.74 -1.23
CA PRO A 31 -0.82 -12.38 0.12
C PRO A 31 -1.97 -11.88 1.02
N ASP A 32 -2.36 -12.74 1.96
CA ASP A 32 -3.50 -12.52 2.87
C ASP A 32 -3.15 -11.53 3.99
N HIS A 33 -1.84 -11.23 4.18
CA HIS A 33 -1.37 -10.31 5.23
C HIS A 33 0.10 -9.91 5.01
N PHE A 34 0.40 -8.66 5.41
CA PHE A 34 1.76 -8.08 5.38
C PHE A 34 2.14 -7.68 6.82
N GLY A 35 3.02 -8.48 7.46
CA GLY A 35 3.49 -8.20 8.81
C GLY A 35 3.72 -9.46 9.64
N PRO A 36 4.39 -9.39 10.84
CA PRO A 36 4.97 -8.14 11.40
C PRO A 36 6.31 -7.73 10.71
N GLY A 37 6.47 -6.43 10.50
CA GLY A 37 7.66 -5.86 9.86
C GLY A 37 7.76 -4.35 10.08
N PRO A 38 8.67 -3.63 9.37
CA PRO A 38 8.91 -2.18 9.59
C PRO A 38 7.72 -1.33 9.09
N VAL A 39 7.41 -0.25 9.84
CA VAL A 39 6.31 0.69 9.54
C VAL A 39 6.40 1.24 8.08
N ASN A 40 7.64 1.51 7.64
CA ASN A 40 7.95 2.05 6.32
C ASN A 40 7.67 1.00 5.23
N VAL A 41 8.17 -0.22 5.47
CA VAL A 41 8.17 -1.28 4.46
C VAL A 41 6.76 -1.91 4.32
N VAL A 42 6.11 -2.18 5.45
CA VAL A 42 4.77 -2.81 5.46
C VAL A 42 3.74 -1.95 4.69
N LEU A 43 3.79 -0.59 4.84
CA LEU A 43 2.83 0.30 4.15
C LEU A 43 3.11 0.30 2.64
N ARG A 44 4.42 0.32 2.25
CA ARG A 44 4.82 0.41 0.83
C ARG A 44 4.47 -0.89 0.08
N ARG A 45 4.40 -2.02 0.83
CA ARG A 45 4.03 -3.33 0.26
C ARG A 45 2.52 -3.37 -0.11
N ILE A 46 1.70 -2.71 0.72
CA ILE A 46 0.24 -2.61 0.48
C ILE A 46 -0.01 -1.73 -0.76
N VAL A 47 0.59 -0.53 -0.74
CA VAL A 47 0.40 0.50 -1.78
C VAL A 47 0.88 -0.03 -3.16
N GLN A 48 2.09 -0.62 -3.22
CA GLN A 48 2.68 -1.12 -4.48
C GLN A 48 1.85 -2.28 -5.07
N ALA A 49 1.21 -3.07 -4.17
CA ALA A 49 0.30 -4.16 -4.56
C ALA A 49 -0.97 -3.59 -5.21
N CYS A 50 -1.47 -2.49 -4.63
CA CYS A 50 -2.69 -1.82 -5.08
C CYS A 50 -2.49 -1.13 -6.45
N VAL A 51 -1.38 -0.36 -6.60
CA VAL A 51 -1.06 0.37 -7.85
C VAL A 51 -0.82 -0.63 -9.01
N ASP A 52 -0.10 -1.72 -8.71
CA ASP A 52 0.15 -2.81 -9.66
C ASP A 52 -1.17 -3.44 -10.14
N CYS A 53 -2.02 -3.83 -9.18
CA CYS A 53 -3.29 -4.52 -9.46
C CYS A 53 -4.37 -3.55 -9.97
N ALA A 54 -4.07 -2.24 -9.92
CA ALA A 54 -5.00 -1.17 -10.30
C ALA A 54 -5.32 -1.21 -11.79
N LEU A 55 -6.63 -1.30 -12.08
CA LEU A 55 -7.18 -1.08 -13.41
C LEU A 55 -6.95 0.39 -13.78
N GLU A 56 -6.14 0.62 -14.82
CA GLU A 56 -5.70 1.95 -15.26
C GLU A 56 -4.75 2.56 -14.19
N THR A 57 -3.58 1.90 -14.08
CA THR A 57 -2.48 2.21 -13.14
C THR A 57 -1.99 3.67 -13.27
N LYS A 58 -2.05 4.19 -14.50
CA LYS A 58 -1.60 5.55 -14.87
C LYS A 58 -2.34 6.65 -14.07
N THR A 59 -3.64 6.45 -13.88
CA THR A 59 -4.52 7.40 -13.17
C THR A 59 -4.34 7.24 -11.65
N VAL A 60 -4.10 5.99 -11.25
CA VAL A 60 -3.78 5.64 -9.85
C VAL A 60 -2.40 6.17 -9.42
N PHE A 61 -1.50 6.26 -10.40
CA PHE A 61 -0.15 6.84 -10.24
C PHE A 61 -0.26 8.36 -10.02
N GLY A 62 -1.38 8.95 -10.49
CA GLY A 62 -1.66 10.37 -10.33
C GLY A 62 -1.86 10.80 -8.86
N TYR A 63 -2.29 9.85 -8.01
CA TYR A 63 -2.58 10.13 -6.59
C TYR A 63 -1.30 10.18 -5.73
N LEU A 64 -0.20 9.56 -6.20
CA LEU A 64 1.09 9.55 -5.48
C LEU A 64 2.24 10.11 -6.35
N LYS A 65 2.79 11.25 -5.92
CA LYS A 65 3.91 11.94 -6.57
C LYS A 65 5.25 11.57 -5.88
N PRO A 66 6.43 11.73 -6.55
CA PRO A 66 7.74 11.47 -5.93
C PRO A 66 8.16 12.58 -4.92
N ASP A 67 8.50 12.13 -3.72
CA ASP A 67 8.95 12.97 -2.60
C ASP A 67 10.31 12.41 -2.16
N ASN A 68 11.40 13.12 -2.51
CA ASN A 68 12.78 12.59 -2.47
C ASN A 68 13.39 12.77 -1.07
N ARG A 69 12.74 12.18 -0.06
CA ARG A 69 13.19 12.23 1.34
C ARG A 69 13.78 10.88 1.78
N GLY A 70 14.07 9.99 0.81
CA GLY A 70 14.72 8.69 1.09
C GLY A 70 13.88 7.72 1.90
N GLY A 71 12.56 7.85 1.81
CA GLY A 71 11.63 7.01 2.55
C GLY A 71 11.24 5.75 1.80
N GLU A 72 9.95 5.64 1.45
CA GLU A 72 9.41 4.45 0.74
C GLU A 72 9.60 4.60 -0.78
N VAL A 73 9.34 3.51 -1.50
CA VAL A 73 9.37 3.48 -2.99
C VAL A 73 8.15 2.69 -3.48
N ILE A 74 7.37 3.27 -4.41
CA ILE A 74 6.24 2.58 -5.08
C ILE A 74 6.52 2.46 -6.58
N THR A 75 6.22 1.29 -7.16
CA THR A 75 6.36 1.03 -8.60
C THR A 75 4.98 1.00 -9.26
N ALA A 76 4.92 1.53 -10.49
CA ALA A 76 3.67 1.69 -11.24
C ALA A 76 3.90 1.42 -12.73
N SER A 77 3.17 0.43 -13.25
CA SER A 77 3.25 0.02 -14.65
C SER A 77 2.49 1.04 -15.54
N PHE A 78 3.25 1.92 -16.18
CA PHE A 78 2.77 2.92 -17.14
C PHE A 78 3.51 2.72 -18.47
N ASP A 79 2.74 2.75 -19.59
CA ASP A 79 3.23 2.47 -20.97
C ASP A 79 3.70 0.99 -21.09
N GLY A 80 3.29 0.15 -20.11
CA GLY A 80 3.77 -1.23 -20.00
C GLY A 80 5.04 -1.35 -19.17
N GLU A 81 5.70 -0.21 -18.89
CA GLU A 81 7.00 -0.17 -18.18
C GLU A 81 6.78 0.09 -16.70
N THR A 82 7.70 -0.36 -15.85
CA THR A 82 7.70 -0.06 -14.42
C THR A 82 8.36 1.31 -14.18
N HIS A 83 7.62 2.22 -13.54
CA HIS A 83 8.13 3.56 -13.17
C HIS A 83 7.93 3.73 -11.66
N SER A 84 9.04 4.03 -10.96
CA SER A 84 9.06 4.10 -9.49
C SER A 84 9.17 5.56 -9.02
N ILE A 85 8.63 5.82 -7.81
CA ILE A 85 8.72 7.13 -7.13
C ILE A 85 9.34 6.96 -5.74
N GLN A 86 9.44 8.07 -5.01
CA GLN A 86 9.84 8.09 -3.60
C GLN A 86 8.69 8.66 -2.75
N LEU A 87 8.63 8.20 -1.50
CA LEU A 87 7.72 8.69 -0.46
C LEU A 87 8.57 9.31 0.67
N PRO A 88 7.98 10.20 1.54
CA PRO A 88 8.65 10.64 2.79
C PRO A 88 8.56 9.53 3.88
N PRO A 89 9.65 9.30 4.69
CA PRO A 89 9.70 8.17 5.66
C PRO A 89 8.81 8.41 6.90
N VAL A 90 8.23 7.33 7.42
CA VAL A 90 7.39 7.34 8.64
C VAL A 90 8.11 6.61 9.80
N ASN A 91 7.76 6.94 11.05
CA ASN A 91 8.34 6.28 12.26
C ASN A 91 7.26 6.04 13.34
N SER A 92 5.96 6.25 13.00
CA SER A 92 4.85 5.99 13.93
C SER A 92 3.97 4.85 13.38
N ALA A 93 3.52 3.96 14.27
CA ALA A 93 2.78 2.72 13.90
C ALA A 93 1.37 3.02 13.40
N SER A 94 0.72 3.99 14.05
CA SER A 94 -0.62 4.46 13.66
C SER A 94 -0.57 5.23 12.32
N PHE A 95 0.65 5.66 11.90
CA PHE A 95 0.82 6.41 10.63
C PHE A 95 1.00 5.41 9.47
N ALA A 96 1.54 4.19 9.79
CA ALA A 96 1.72 3.09 8.83
C ALA A 96 0.40 2.83 8.09
N LEU A 97 -0.58 2.38 8.90
CA LEU A 97 -1.89 1.93 8.44
C LEU A 97 -2.67 3.06 7.77
N ARG A 98 -2.62 4.24 8.38
CA ARG A 98 -3.31 5.44 7.90
C ARG A 98 -2.84 5.84 6.49
N PHE A 99 -1.52 5.65 6.23
CA PHE A 99 -0.90 6.11 4.98
C PHE A 99 -1.54 5.40 3.77
N LEU A 100 -1.59 4.05 3.82
CA LEU A 100 -2.17 3.26 2.72
C LEU A 100 -3.70 3.37 2.69
N GLU A 101 -4.34 3.77 3.81
CA GLU A 101 -5.82 3.92 3.87
C GLU A 101 -6.26 5.22 3.21
N ASN A 102 -5.43 6.25 3.34
CA ASN A 102 -5.60 7.53 2.62
C ASN A 102 -5.49 7.29 1.10
N PHE A 103 -4.62 6.35 0.73
CA PHE A 103 -4.44 5.93 -0.66
C PHE A 103 -5.59 4.97 -1.10
N CYS A 104 -6.07 4.11 -0.18
CA CYS A 104 -7.21 3.19 -0.44
C CYS A 104 -8.51 3.98 -0.66
N HIS A 105 -8.56 5.18 -0.06
CA HIS A 105 -9.65 6.15 -0.23
C HIS A 105 -9.70 6.63 -1.70
N SER A 106 -8.50 6.84 -2.28
CA SER A 106 -8.31 7.25 -3.68
C SER A 106 -8.67 6.12 -4.67
N LEU A 107 -8.72 4.87 -4.16
CA LEU A 107 -9.09 3.68 -4.96
C LEU A 107 -10.57 3.29 -4.75
N GLN A 108 -11.20 3.90 -3.71
CA GLN A 108 -12.57 3.57 -3.23
C GLN A 108 -12.62 2.20 -2.53
N CYS A 109 -11.45 1.58 -2.30
CA CYS A 109 -11.36 0.25 -1.69
C CYS A 109 -11.34 0.40 -0.16
N ASP A 110 -12.12 -0.44 0.53
CA ASP A 110 -12.26 -0.37 1.99
C ASP A 110 -12.60 -1.75 2.53
N ASN A 111 -12.09 -2.05 3.76
CA ASN A 111 -12.11 -3.40 4.35
C ASN A 111 -11.20 -4.35 3.54
N LEU A 112 -10.33 -3.76 2.68
CA LEU A 112 -9.35 -4.51 1.86
C LEU A 112 -8.13 -4.90 2.70
N LEU A 113 -8.03 -4.30 3.88
CA LEU A 113 -6.94 -4.53 4.82
C LEU A 113 -7.42 -4.15 6.21
N SER A 114 -6.66 -4.58 7.22
CA SER A 114 -6.90 -4.22 8.61
C SER A 114 -5.61 -4.44 9.40
N SER A 115 -4.96 -3.33 9.81
CA SER A 115 -3.78 -3.36 10.69
C SER A 115 -4.22 -3.55 12.14
N GLN A 116 -5.54 -3.49 12.37
CA GLN A 116 -6.20 -3.80 13.64
C GLN A 116 -6.34 -5.34 13.71
N PRO A 117 -5.50 -6.03 14.55
CA PRO A 117 -5.51 -7.51 14.62
C PRO A 117 -6.67 -8.06 15.46
N PHE A 118 -6.83 -9.39 15.46
CA PHE A 118 -7.83 -10.08 16.29
C PHE A 118 -7.38 -10.09 17.76
N SER A 119 -6.06 -9.88 17.99
CA SER A 119 -5.50 -9.66 19.32
C SER A 119 -5.82 -8.22 19.80
N GLY A 1 18.57 -4.75 9.32
CA GLY A 1 18.34 -3.45 9.99
C GLY A 1 17.99 -3.61 11.47
N SER A 2 17.32 -2.59 12.03
CA SER A 2 16.93 -2.55 13.45
C SER A 2 15.77 -1.56 13.65
N HIS A 3 15.29 -1.39 14.91
CA HIS A 3 14.19 -0.47 15.24
C HIS A 3 14.67 0.99 15.20
N MET A 4 14.73 1.55 13.99
CA MET A 4 14.99 2.99 13.73
C MET A 4 13.70 3.63 13.16
N MET A 5 12.60 2.89 13.32
CA MET A 5 11.25 3.23 12.84
C MET A 5 10.25 2.39 13.66
N SER A 6 8.94 2.59 13.42
CA SER A 6 7.88 1.76 14.06
C SER A 6 7.76 0.40 13.33
N THR A 7 6.98 -0.53 13.89
CA THR A 7 6.72 -1.86 13.28
C THR A 7 5.22 -2.22 13.45
N VAL A 8 4.60 -2.72 12.35
CA VAL A 8 3.16 -3.07 12.29
C VAL A 8 2.98 -4.40 11.52
N CYS A 9 1.75 -4.96 11.57
CA CYS A 9 1.38 -6.18 10.85
C CYS A 9 -0.09 -6.08 10.40
N VAL A 10 -0.31 -5.86 9.09
CA VAL A 10 -1.67 -5.79 8.52
C VAL A 10 -2.11 -7.19 8.06
N TYR A 11 -3.43 -7.40 8.07
CA TYR A 11 -4.07 -8.63 7.61
C TYR A 11 -4.96 -8.28 6.42
N VAL A 12 -4.44 -8.56 5.22
CA VAL A 12 -5.12 -8.28 3.95
C VAL A 12 -6.36 -9.19 3.81
N ASN A 13 -7.54 -8.59 3.99
CA ASN A 13 -8.83 -9.27 3.87
C ASN A 13 -9.27 -9.22 2.40
N LYS A 14 -9.11 -10.36 1.73
CA LYS A 14 -9.31 -10.51 0.28
C LYS A 14 -10.80 -10.37 -0.07
N HIS A 15 -11.65 -10.79 0.89
CA HIS A 15 -13.12 -10.80 0.75
C HIS A 15 -13.74 -9.47 1.24
N GLY A 16 -12.88 -8.52 1.71
CA GLY A 16 -13.34 -7.20 2.13
C GLY A 16 -13.82 -6.36 0.95
N ASN A 17 -12.88 -5.76 0.24
CA ASN A 17 -13.13 -5.05 -1.03
C ASN A 17 -11.90 -5.21 -1.92
N PHE A 18 -12.12 -5.10 -3.23
CA PHE A 18 -11.04 -5.16 -4.23
C PHE A 18 -10.67 -3.72 -4.57
N GLY A 19 -11.64 -3.00 -5.16
CA GLY A 19 -11.46 -1.62 -5.56
C GLY A 19 -12.75 -0.80 -5.47
N PRO A 20 -13.58 -0.70 -6.56
CA PRO A 20 -13.49 -1.52 -7.79
C PRO A 20 -12.52 -0.94 -8.87
N HIS A 21 -11.70 0.06 -8.49
CA HIS A 21 -10.66 0.63 -9.39
C HIS A 21 -9.43 -0.34 -9.46
N LEU A 22 -9.45 -1.37 -8.60
CA LEU A 22 -8.42 -2.42 -8.52
C LEU A 22 -8.99 -3.73 -9.09
N ASP A 23 -8.13 -4.51 -9.76
CA ASP A 23 -8.51 -5.78 -10.40
C ASP A 23 -8.83 -6.84 -9.34
N PRO A 24 -10.07 -7.44 -9.36
CA PRO A 24 -10.55 -8.34 -8.28
C PRO A 24 -9.79 -9.68 -8.19
N LYS A 25 -9.12 -10.08 -9.29
CA LYS A 25 -8.37 -11.34 -9.34
C LYS A 25 -6.98 -11.15 -8.73
N ARG A 26 -6.32 -10.04 -9.11
CA ARG A 26 -4.99 -9.67 -8.64
C ARG A 26 -4.99 -9.34 -7.14
N ILE A 27 -6.12 -8.79 -6.67
CA ILE A 27 -6.38 -8.54 -5.24
C ILE A 27 -6.40 -9.88 -4.44
N GLN A 28 -6.77 -10.99 -5.11
CA GLN A 28 -6.73 -12.34 -4.49
C GLN A 28 -5.31 -12.94 -4.60
N GLN A 29 -4.51 -12.48 -5.60
CA GLN A 29 -3.17 -13.02 -5.88
C GLN A 29 -2.11 -12.52 -4.87
N LEU A 30 -2.21 -11.24 -4.45
CA LEU A 30 -1.37 -10.69 -3.35
C LEU A 30 -1.68 -11.43 -2.02
N PRO A 31 -0.72 -11.51 -1.04
CA PRO A 31 -0.90 -12.34 0.20
C PRO A 31 -2.05 -11.87 1.11
N ASP A 32 -2.36 -12.73 2.10
CA ASP A 32 -3.46 -12.55 3.06
C ASP A 32 -3.03 -11.66 4.25
N HIS A 33 -1.73 -11.27 4.27
CA HIS A 33 -1.17 -10.42 5.31
C HIS A 33 0.14 -9.79 4.82
N PHE A 34 0.45 -8.61 5.36
CA PHE A 34 1.79 -7.99 5.25
C PHE A 34 2.25 -7.67 6.66
N GLY A 35 3.17 -8.49 7.19
CA GLY A 35 3.69 -8.31 8.54
C GLY A 35 4.02 -9.64 9.23
N PRO A 36 4.67 -9.60 10.45
CA PRO A 36 5.13 -8.36 11.11
C PRO A 36 6.41 -7.81 10.47
N GLY A 37 6.45 -6.49 10.24
CA GLY A 37 7.59 -5.83 9.62
C GLY A 37 7.60 -4.33 9.89
N PRO A 38 8.46 -3.55 9.18
CA PRO A 38 8.62 -2.09 9.41
C PRO A 38 7.37 -1.30 8.99
N VAL A 39 7.11 -0.18 9.69
CA VAL A 39 5.96 0.72 9.44
C VAL A 39 5.95 1.21 7.97
N ASN A 40 7.13 1.60 7.48
CA ASN A 40 7.32 2.15 6.13
C ASN A 40 7.16 1.06 5.05
N VAL A 41 7.68 -0.14 5.32
CA VAL A 41 7.62 -1.25 4.35
C VAL A 41 6.19 -1.82 4.26
N VAL A 42 5.57 -2.10 5.40
CA VAL A 42 4.21 -2.70 5.45
C VAL A 42 3.17 -1.80 4.73
N LEU A 43 3.28 -0.46 4.91
CA LEU A 43 2.36 0.50 4.25
C LEU A 43 2.58 0.50 2.74
N ARG A 44 3.87 0.52 2.31
CA ARG A 44 4.23 0.65 0.90
C ARG A 44 3.87 -0.64 0.15
N ARG A 45 3.87 -1.78 0.87
CA ARG A 45 3.51 -3.10 0.33
C ARG A 45 2.04 -3.11 -0.12
N ILE A 46 1.17 -2.45 0.66
CA ILE A 46 -0.25 -2.32 0.33
C ILE A 46 -0.41 -1.47 -0.92
N VAL A 47 0.20 -0.25 -0.88
CA VAL A 47 0.10 0.73 -1.97
C VAL A 47 0.61 0.14 -3.30
N GLN A 48 1.92 -0.23 -3.36
CA GLN A 48 2.58 -0.72 -4.60
C GLN A 48 1.85 -1.94 -5.20
N ALA A 49 1.32 -2.83 -4.32
CA ALA A 49 0.55 -4.02 -4.74
C ALA A 49 -0.76 -3.57 -5.41
N CYS A 50 -1.45 -2.61 -4.78
CA CYS A 50 -2.73 -2.05 -5.27
C CYS A 50 -2.54 -1.31 -6.61
N VAL A 51 -1.41 -0.58 -6.76
CA VAL A 51 -1.13 0.21 -7.99
C VAL A 51 -0.83 -0.73 -9.17
N ASP A 52 -0.02 -1.77 -8.90
CA ASP A 52 0.32 -2.79 -9.90
C ASP A 52 -0.93 -3.62 -10.28
N CYS A 53 -1.81 -3.83 -9.29
CA CYS A 53 -3.07 -4.57 -9.47
C CYS A 53 -4.19 -3.65 -9.95
N ALA A 54 -3.91 -2.34 -10.05
CA ALA A 54 -4.90 -1.33 -10.43
C ALA A 54 -5.21 -1.40 -11.92
N LEU A 55 -6.50 -1.30 -12.23
CA LEU A 55 -6.97 -1.03 -13.57
C LEU A 55 -6.93 0.49 -13.76
N GLU A 56 -6.31 0.96 -14.86
CA GLU A 56 -6.01 2.40 -15.09
C GLU A 56 -4.97 2.88 -14.04
N THR A 57 -3.84 2.14 -14.00
CA THR A 57 -2.71 2.34 -13.06
C THR A 57 -2.16 3.77 -13.14
N LYS A 58 -2.12 4.31 -14.35
CA LYS A 58 -1.62 5.66 -14.65
C LYS A 58 -2.36 6.79 -13.89
N THR A 59 -3.68 6.65 -13.73
CA THR A 59 -4.51 7.65 -13.00
C THR A 59 -4.45 7.37 -11.49
N VAL A 60 -4.27 6.09 -11.13
CA VAL A 60 -4.00 5.65 -9.74
C VAL A 60 -2.62 6.18 -9.26
N PHE A 61 -1.69 6.31 -10.23
CA PHE A 61 -0.35 6.86 -10.02
C PHE A 61 -0.40 8.40 -9.88
N GLY A 62 -1.53 9.00 -10.30
CA GLY A 62 -1.77 10.44 -10.15
C GLY A 62 -1.86 10.90 -8.68
N TYR A 63 -2.08 9.93 -7.77
CA TYR A 63 -2.13 10.18 -6.31
C TYR A 63 -0.74 9.96 -5.67
N LEU A 64 0.24 9.57 -6.50
CA LEU A 64 1.58 9.13 -6.05
C LEU A 64 2.67 10.01 -6.68
N LYS A 65 3.18 10.98 -5.91
CA LYS A 65 4.27 11.86 -6.35
C LYS A 65 5.61 11.42 -5.68
N PRO A 66 6.74 11.36 -6.46
CA PRO A 66 8.09 11.08 -5.94
C PRO A 66 8.64 12.23 -5.08
N ASP A 67 9.67 11.93 -4.29
CA ASP A 67 10.38 12.90 -3.46
C ASP A 67 11.78 12.35 -3.16
N ASN A 68 12.76 13.25 -2.94
CA ASN A 68 14.17 12.86 -2.70
C ASN A 68 14.39 12.65 -1.20
N ARG A 69 13.62 11.69 -0.65
CA ARG A 69 13.61 11.40 0.79
C ARG A 69 14.27 10.03 1.07
N GLY A 70 13.67 8.96 0.51
CA GLY A 70 14.18 7.59 0.69
C GLY A 70 13.56 6.89 1.89
N GLY A 71 12.25 7.06 2.05
CA GLY A 71 11.50 6.40 3.12
C GLY A 71 10.83 5.14 2.65
N GLU A 72 9.77 5.30 1.86
CA GLU A 72 9.10 4.19 1.17
C GLU A 72 9.39 4.26 -0.34
N VAL A 73 9.06 3.18 -1.07
CA VAL A 73 9.22 3.08 -2.54
C VAL A 73 7.98 2.40 -3.12
N ILE A 74 7.35 3.04 -4.14
CA ILE A 74 6.19 2.46 -4.86
C ILE A 74 6.54 2.27 -6.34
N THR A 75 6.16 1.10 -6.89
CA THR A 75 6.28 0.80 -8.32
C THR A 75 4.89 0.79 -8.97
N ALA A 76 4.82 1.34 -10.18
CA ALA A 76 3.58 1.57 -10.92
C ALA A 76 3.81 1.29 -12.41
N SER A 77 3.09 0.31 -12.96
CA SER A 77 3.17 -0.03 -14.38
C SER A 77 2.40 1.02 -15.20
N PHE A 78 3.16 1.96 -15.79
CA PHE A 78 2.65 3.12 -16.52
C PHE A 78 3.11 3.04 -17.97
N ASP A 79 2.12 2.93 -18.89
CA ASP A 79 2.32 2.87 -20.36
C ASP A 79 3.14 1.63 -20.79
N GLY A 80 3.09 0.57 -19.96
CA GLY A 80 3.78 -0.69 -20.25
C GLY A 80 5.12 -0.86 -19.53
N GLU A 81 5.68 0.24 -18.99
CA GLU A 81 6.96 0.21 -18.23
C GLU A 81 6.66 0.25 -16.74
N THR A 82 7.62 -0.17 -15.92
CA THR A 82 7.52 -0.09 -14.46
C THR A 82 8.25 1.18 -14.00
N HIS A 83 7.56 2.03 -13.22
CA HIS A 83 8.09 3.32 -12.73
C HIS A 83 8.11 3.30 -11.20
N SER A 84 9.31 3.53 -10.60
CA SER A 84 9.49 3.55 -9.14
C SER A 84 9.65 4.99 -8.66
N ILE A 85 9.00 5.32 -7.53
CA ILE A 85 9.09 6.63 -6.89
C ILE A 85 9.58 6.46 -5.44
N GLN A 86 9.86 7.59 -4.79
CA GLN A 86 10.25 7.61 -3.37
C GLN A 86 9.30 8.50 -2.57
N LEU A 87 8.99 8.03 -1.37
CA LEU A 87 8.02 8.65 -0.45
C LEU A 87 8.78 9.15 0.81
N PRO A 88 8.24 10.15 1.56
CA PRO A 88 8.86 10.62 2.82
C PRO A 88 8.67 9.62 3.99
N PRO A 89 9.79 9.25 4.72
CA PRO A 89 9.77 8.18 5.77
C PRO A 89 8.79 8.50 6.92
N VAL A 90 8.16 7.43 7.43
CA VAL A 90 7.29 7.49 8.63
C VAL A 90 7.95 6.74 9.80
N ASN A 91 7.54 7.06 11.04
CA ASN A 91 8.10 6.43 12.26
C ASN A 91 7.00 6.09 13.28
N SER A 92 5.72 6.24 12.91
CA SER A 92 4.58 5.98 13.82
C SER A 92 3.66 4.91 13.22
N ALA A 93 3.13 4.02 14.09
CA ALA A 93 2.34 2.84 13.70
C ALA A 93 0.97 3.21 13.08
N SER A 94 0.42 4.34 13.55
CA SER A 94 -0.84 4.89 13.02
C SER A 94 -0.62 5.50 11.62
N PHE A 95 0.63 5.92 11.34
CA PHE A 95 1.00 6.61 10.09
C PHE A 95 1.20 5.57 8.98
N ALA A 96 1.53 4.30 9.38
CA ALA A 96 1.55 3.14 8.49
C ALA A 96 0.22 3.09 7.72
N LEU A 97 -0.83 2.93 8.51
CA LEU A 97 -2.18 2.64 8.03
C LEU A 97 -2.75 3.81 7.26
N ARG A 98 -2.63 5.01 7.86
CA ARG A 98 -3.19 6.25 7.31
C ARG A 98 -2.65 6.57 5.90
N PHE A 99 -1.38 6.22 5.67
CA PHE A 99 -0.68 6.51 4.42
C PHE A 99 -1.40 5.82 3.24
N LEU A 100 -1.80 4.54 3.43
CA LEU A 100 -2.58 3.80 2.42
C LEU A 100 -4.10 4.01 2.59
N GLU A 101 -4.58 4.51 3.76
CA GLU A 101 -6.04 4.67 4.00
C GLU A 101 -6.63 5.77 3.09
N ASN A 102 -5.89 6.88 2.95
CA ASN A 102 -6.25 7.98 2.03
C ASN A 102 -6.17 7.52 0.56
N PHE A 103 -5.16 6.69 0.27
CA PHE A 103 -4.91 6.15 -1.08
C PHE A 103 -6.04 5.18 -1.51
N CYS A 104 -6.42 4.29 -0.58
CA CYS A 104 -7.50 3.30 -0.79
C CYS A 104 -8.87 3.98 -0.83
N HIS A 105 -8.97 5.15 -0.18
CA HIS A 105 -10.17 6.00 -0.21
C HIS A 105 -10.38 6.57 -1.63
N SER A 106 -9.25 6.87 -2.31
CA SER A 106 -9.23 7.35 -3.71
C SER A 106 -9.61 6.22 -4.70
N LEU A 107 -9.48 4.97 -4.25
CA LEU A 107 -9.78 3.75 -5.06
C LEU A 107 -11.17 3.18 -4.72
N GLN A 108 -11.77 3.70 -3.61
CA GLN A 108 -13.08 3.28 -3.03
C GLN A 108 -12.99 1.92 -2.30
N CYS A 109 -11.76 1.39 -2.14
CA CYS A 109 -11.53 0.06 -1.52
C CYS A 109 -11.40 0.21 0.01
N ASP A 110 -12.11 -0.66 0.75
CA ASP A 110 -12.19 -0.61 2.21
C ASP A 110 -12.38 -2.03 2.77
N ASN A 111 -11.85 -2.27 3.99
CA ASN A 111 -11.79 -3.61 4.64
C ASN A 111 -10.83 -4.54 3.89
N LEU A 112 -9.96 -3.96 3.02
CA LEU A 112 -8.97 -4.74 2.24
C LEU A 112 -7.76 -5.14 3.13
N LEU A 113 -7.56 -4.40 4.23
CA LEU A 113 -6.51 -4.71 5.22
C LEU A 113 -6.93 -4.18 6.61
N SER A 114 -6.24 -4.68 7.64
CA SER A 114 -6.51 -4.32 9.04
C SER A 114 -5.33 -4.77 9.91
N SER A 115 -4.62 -3.80 10.53
CA SER A 115 -3.42 -4.08 11.35
C SER A 115 -3.78 -4.44 12.80
N GLN A 116 -5.08 -4.45 13.09
CA GLN A 116 -5.61 -4.79 14.42
C GLN A 116 -5.60 -6.32 14.56
N PRO A 117 -4.71 -6.89 15.43
CA PRO A 117 -4.59 -8.36 15.58
C PRO A 117 -5.78 -8.96 16.35
N PHE A 118 -6.00 -10.27 16.17
CA PHE A 118 -7.10 -11.02 16.80
C PHE A 118 -6.94 -11.05 18.33
N SER A 119 -5.69 -10.88 18.80
CA SER A 119 -5.37 -10.65 20.21
C SER A 119 -4.63 -9.29 20.32
N GLY A 1 14.33 8.51 19.73
CA GLY A 1 15.58 8.23 20.47
C GLY A 1 16.61 7.51 19.61
N SER A 2 16.40 6.19 19.40
CA SER A 2 17.28 5.35 18.57
C SER A 2 16.87 5.43 17.10
N HIS A 3 17.80 5.11 16.19
CA HIS A 3 17.58 5.20 14.72
C HIS A 3 16.96 3.90 14.21
N MET A 4 15.70 3.67 14.61
CA MET A 4 14.89 2.51 14.20
C MET A 4 13.43 2.93 14.06
N MET A 5 12.82 2.54 12.96
CA MET A 5 11.40 2.78 12.67
C MET A 5 10.50 1.84 13.49
N SER A 6 9.18 2.09 13.44
CA SER A 6 8.17 1.27 14.14
C SER A 6 7.93 -0.07 13.39
N THR A 7 7.01 -0.90 13.93
CA THR A 7 6.63 -2.20 13.33
C THR A 7 5.10 -2.37 13.38
N VAL A 8 4.54 -2.98 12.32
CA VAL A 8 3.11 -3.33 12.19
C VAL A 8 2.96 -4.66 11.43
N CYS A 9 1.73 -5.20 11.44
CA CYS A 9 1.37 -6.39 10.68
C CYS A 9 -0.10 -6.31 10.27
N VAL A 10 -0.34 -6.03 8.98
CA VAL A 10 -1.70 -5.86 8.44
C VAL A 10 -2.23 -7.19 7.91
N TYR A 11 -3.56 -7.36 7.92
CA TYR A 11 -4.23 -8.56 7.40
C TYR A 11 -4.98 -8.18 6.12
N VAL A 12 -4.38 -8.53 4.97
CA VAL A 12 -4.90 -8.21 3.64
C VAL A 12 -6.16 -9.06 3.35
N ASN A 13 -7.33 -8.48 3.66
CA ASN A 13 -8.63 -9.14 3.53
C ASN A 13 -9.17 -8.90 2.11
N LYS A 14 -8.98 -9.91 1.25
CA LYS A 14 -9.46 -9.86 -0.15
C LYS A 14 -10.96 -10.21 -0.23
N HIS A 15 -11.55 -10.70 0.89
CA HIS A 15 -13.01 -10.89 1.00
C HIS A 15 -13.71 -9.52 1.24
N GLY A 16 -12.91 -8.49 1.60
CA GLY A 16 -13.39 -7.12 1.68
C GLY A 16 -13.49 -6.45 0.31
N ASN A 17 -13.65 -5.12 0.30
CA ASN A 17 -13.77 -4.36 -0.97
C ASN A 17 -12.42 -4.31 -1.70
N PHE A 18 -12.48 -4.63 -2.99
CA PHE A 18 -11.28 -4.79 -3.84
C PHE A 18 -10.77 -3.41 -4.21
N GLY A 19 -11.62 -2.66 -4.94
CA GLY A 19 -11.26 -1.31 -5.40
C GLY A 19 -12.43 -0.34 -5.35
N PRO A 20 -13.20 -0.13 -6.47
CA PRO A 20 -13.14 -0.94 -7.72
C PRO A 20 -12.05 -0.49 -8.74
N HIS A 21 -11.16 0.42 -8.32
CA HIS A 21 -9.97 0.82 -9.13
C HIS A 21 -8.90 -0.29 -9.13
N LEU A 22 -9.12 -1.31 -8.30
CA LEU A 22 -8.24 -2.48 -8.12
C LEU A 22 -9.02 -3.70 -8.62
N ASP A 23 -8.39 -4.51 -9.49
CA ASP A 23 -9.03 -5.67 -10.11
C ASP A 23 -9.36 -6.75 -9.05
N PRO A 24 -10.66 -7.21 -8.97
CA PRO A 24 -11.13 -8.16 -7.93
C PRO A 24 -10.32 -9.46 -7.85
N LYS A 25 -9.89 -9.99 -9.02
CA LYS A 25 -9.22 -11.30 -9.10
C LYS A 25 -7.77 -11.19 -8.60
N ARG A 26 -7.09 -10.11 -9.03
CA ARG A 26 -5.68 -9.84 -8.67
C ARG A 26 -5.55 -9.51 -7.18
N ILE A 27 -6.60 -8.92 -6.62
CA ILE A 27 -6.76 -8.66 -5.18
C ILE A 27 -6.82 -9.98 -4.37
N GLN A 28 -7.37 -11.05 -4.99
CA GLN A 28 -7.38 -12.40 -4.38
C GLN A 28 -5.97 -13.04 -4.45
N GLN A 29 -5.18 -12.63 -5.48
CA GLN A 29 -3.86 -13.23 -5.78
C GLN A 29 -2.74 -12.64 -4.87
N LEU A 30 -3.11 -11.65 -4.03
CA LEU A 30 -2.20 -11.07 -3.02
C LEU A 30 -1.94 -12.10 -1.88
N PRO A 31 -0.98 -11.82 -0.93
CA PRO A 31 -0.90 -12.61 0.32
C PRO A 31 -2.07 -12.26 1.26
N ASP A 32 -2.31 -13.12 2.24
CA ASP A 32 -3.38 -12.94 3.24
C ASP A 32 -3.02 -11.82 4.24
N HIS A 33 -1.72 -11.54 4.40
CA HIS A 33 -1.24 -10.53 5.34
C HIS A 33 0.17 -10.04 4.96
N PHE A 34 0.43 -8.76 5.25
CA PHE A 34 1.77 -8.15 5.15
C PHE A 34 2.26 -7.85 6.57
N GLY A 35 3.20 -8.69 7.05
CA GLY A 35 3.79 -8.50 8.37
C GLY A 35 4.10 -9.82 9.09
N PRO A 36 4.79 -9.79 10.28
CA PRO A 36 5.26 -8.55 10.94
C PRO A 36 6.54 -7.98 10.27
N GLY A 37 6.59 -6.65 10.14
CA GLY A 37 7.71 -5.98 9.50
C GLY A 37 7.75 -4.49 9.84
N PRO A 38 8.64 -3.71 9.15
CA PRO A 38 8.81 -2.26 9.42
C PRO A 38 7.57 -1.44 8.98
N VAL A 39 7.28 -0.38 9.73
CA VAL A 39 6.14 0.52 9.50
C VAL A 39 6.15 1.09 8.05
N ASN A 40 7.37 1.41 7.56
CA ASN A 40 7.62 1.96 6.21
C ASN A 40 7.29 0.91 5.14
N VAL A 41 7.79 -0.32 5.36
CA VAL A 41 7.68 -1.41 4.37
C VAL A 41 6.24 -1.93 4.27
N VAL A 42 5.63 -2.27 5.42
CA VAL A 42 4.27 -2.84 5.46
C VAL A 42 3.22 -1.93 4.78
N LEU A 43 3.34 -0.58 4.97
CA LEU A 43 2.40 0.38 4.35
C LEU A 43 2.61 0.43 2.83
N ARG A 44 3.90 0.44 2.39
CA ARG A 44 4.22 0.61 0.96
C ARG A 44 3.94 -0.68 0.18
N ARG A 45 3.93 -1.83 0.88
CA ARG A 45 3.55 -3.12 0.30
C ARG A 45 2.07 -3.11 -0.11
N ILE A 46 1.23 -2.42 0.68
CA ILE A 46 -0.20 -2.23 0.37
C ILE A 46 -0.34 -1.34 -0.86
N VAL A 47 0.29 -0.15 -0.80
CA VAL A 47 0.20 0.88 -1.84
C VAL A 47 0.62 0.34 -3.22
N GLN A 48 1.80 -0.31 -3.28
CA GLN A 48 2.36 -0.84 -4.55
C GLN A 48 1.55 -2.05 -5.07
N ALA A 49 1.01 -2.87 -4.14
CA ALA A 49 0.16 -4.02 -4.50
C ALA A 49 -1.13 -3.53 -5.16
N CYS A 50 -1.65 -2.41 -4.64
CA CYS A 50 -2.85 -1.77 -5.16
C CYS A 50 -2.61 -1.20 -6.58
N VAL A 51 -1.58 -0.34 -6.72
CA VAL A 51 -1.24 0.34 -8.01
C VAL A 51 -0.98 -0.69 -9.14
N ASP A 52 -0.27 -1.78 -8.79
CA ASP A 52 0.03 -2.87 -9.73
C ASP A 52 -1.25 -3.63 -10.13
N CYS A 53 -2.07 -3.99 -9.12
CA CYS A 53 -3.33 -4.74 -9.33
C CYS A 53 -4.44 -3.87 -9.93
N ALA A 54 -4.19 -2.55 -9.98
CA ALA A 54 -5.12 -1.55 -10.47
C ALA A 54 -5.35 -1.66 -11.98
N LEU A 55 -6.58 -1.30 -12.40
CA LEU A 55 -6.95 -1.14 -13.81
C LEU A 55 -6.61 0.29 -14.22
N GLU A 56 -5.89 0.46 -15.34
CA GLU A 56 -5.40 1.77 -15.83
C GLU A 56 -4.46 2.40 -14.76
N THR A 57 -3.36 1.65 -14.50
CA THR A 57 -2.31 1.99 -13.52
C THR A 57 -1.78 3.43 -13.67
N LYS A 58 -1.67 3.87 -14.93
CA LYS A 58 -1.16 5.21 -15.31
C LYS A 58 -1.90 6.36 -14.59
N THR A 59 -3.23 6.23 -14.47
CA THR A 59 -4.08 7.23 -13.82
C THR A 59 -4.04 7.04 -12.30
N VAL A 60 -4.08 5.76 -11.88
CA VAL A 60 -4.04 5.35 -10.47
C VAL A 60 -2.72 5.81 -9.77
N PHE A 61 -1.62 5.84 -10.55
CA PHE A 61 -0.29 6.24 -10.05
C PHE A 61 -0.15 7.78 -10.01
N GLY A 62 -1.09 8.49 -10.67
CA GLY A 62 -1.15 9.95 -10.64
C GLY A 62 -1.77 10.52 -9.35
N TYR A 63 -2.24 9.63 -8.45
CA TYR A 63 -2.78 10.02 -7.12
C TYR A 63 -1.66 10.08 -6.06
N LEU A 64 -0.44 9.68 -6.44
CA LEU A 64 0.74 9.68 -5.55
C LEU A 64 1.98 10.16 -6.33
N LYS A 65 2.50 11.34 -5.94
CA LYS A 65 3.66 11.98 -6.60
C LYS A 65 4.98 11.64 -5.86
N PRO A 66 6.18 11.72 -6.55
CA PRO A 66 7.48 11.49 -5.89
C PRO A 66 7.87 12.62 -4.90
N ASP A 67 8.24 12.20 -3.70
CA ASP A 67 8.76 13.03 -2.62
C ASP A 67 10.13 12.48 -2.23
N ASN A 68 11.21 13.23 -2.50
CA ASN A 68 12.61 12.73 -2.36
C ASN A 68 13.10 13.01 -0.92
N ARG A 69 12.23 12.69 0.05
CA ARG A 69 12.54 12.75 1.49
C ARG A 69 13.36 11.51 1.90
N GLY A 70 13.37 10.47 1.04
CA GLY A 70 14.18 9.27 1.26
C GLY A 70 13.50 8.23 2.15
N GLY A 71 12.20 8.02 1.92
CA GLY A 71 11.42 7.04 2.71
C GLY A 71 11.06 5.80 1.93
N GLU A 72 9.77 5.62 1.64
CA GLU A 72 9.25 4.45 0.92
C GLU A 72 9.48 4.60 -0.60
N VAL A 73 9.29 3.49 -1.34
CA VAL A 73 9.38 3.48 -2.82
C VAL A 73 8.19 2.67 -3.36
N ILE A 74 7.43 3.24 -4.32
CA ILE A 74 6.34 2.53 -5.02
C ILE A 74 6.69 2.38 -6.50
N THR A 75 6.57 1.15 -7.00
CA THR A 75 6.76 0.83 -8.43
C THR A 75 5.39 0.59 -9.08
N ALA A 76 5.35 0.81 -10.40
CA ALA A 76 4.12 0.76 -11.19
C ALA A 76 4.46 0.44 -12.64
N SER A 77 3.47 -0.07 -13.38
CA SER A 77 3.60 -0.40 -14.80
C SER A 77 2.89 0.66 -15.65
N PHE A 78 3.63 1.35 -16.52
CA PHE A 78 3.10 2.38 -17.41
C PHE A 78 3.61 2.15 -18.85
N ASP A 79 2.69 1.73 -19.74
CA ASP A 79 2.93 1.61 -21.20
C ASP A 79 4.08 0.61 -21.51
N GLY A 80 4.07 -0.51 -20.76
CA GLY A 80 5.07 -1.58 -20.92
C GLY A 80 6.41 -1.30 -20.25
N GLU A 81 6.52 -0.13 -19.60
CA GLU A 81 7.69 0.29 -18.80
C GLU A 81 7.36 0.15 -17.32
N THR A 82 8.38 0.32 -16.46
CA THR A 82 8.20 0.38 -15.00
C THR A 82 8.61 1.77 -14.50
N HIS A 83 7.67 2.49 -13.88
CA HIS A 83 7.93 3.80 -13.24
C HIS A 83 7.89 3.64 -11.71
N SER A 84 8.85 4.28 -11.03
CA SER A 84 9.01 4.23 -9.57
C SER A 84 9.08 5.66 -9.01
N ILE A 85 8.58 5.84 -7.78
CA ILE A 85 8.63 7.13 -7.05
C ILE A 85 9.18 6.93 -5.63
N GLN A 86 9.37 8.04 -4.91
CA GLN A 86 9.76 8.04 -3.49
C GLN A 86 8.62 8.64 -2.66
N LEU A 87 8.47 8.17 -1.43
CA LEU A 87 7.50 8.66 -0.44
C LEU A 87 8.25 9.28 0.76
N PRO A 88 7.61 10.18 1.58
CA PRO A 88 8.20 10.68 2.85
C PRO A 88 8.17 9.60 3.99
N PRO A 89 9.33 9.36 4.70
CA PRO A 89 9.44 8.24 5.69
C PRO A 89 8.56 8.42 6.93
N VAL A 90 8.07 7.30 7.46
CA VAL A 90 7.28 7.25 8.71
C VAL A 90 8.05 6.52 9.82
N ASN A 91 7.64 6.73 11.09
CA ASN A 91 8.29 6.13 12.27
C ASN A 91 7.26 5.70 13.33
N SER A 92 5.94 5.82 13.05
CA SER A 92 4.89 5.47 14.02
C SER A 92 3.91 4.42 13.44
N ALA A 93 3.49 3.46 14.28
CA ALA A 93 2.66 2.31 13.87
C ALA A 93 1.24 2.72 13.44
N SER A 94 0.71 3.74 14.10
CA SER A 94 -0.59 4.34 13.76
C SER A 94 -0.52 5.08 12.41
N PHE A 95 0.70 5.53 12.03
CA PHE A 95 0.91 6.33 10.81
C PHE A 95 1.11 5.40 9.60
N ALA A 96 1.51 4.12 9.87
CA ALA A 96 1.56 3.05 8.85
C ALA A 96 0.24 3.03 8.09
N LEU A 97 -0.82 2.84 8.91
CA LEU A 97 -2.20 2.63 8.45
C LEU A 97 -2.75 3.89 7.79
N ARG A 98 -2.49 5.04 8.44
CA ARG A 98 -2.92 6.37 7.96
C ARG A 98 -2.40 6.67 6.54
N PHE A 99 -1.14 6.26 6.28
CA PHE A 99 -0.43 6.62 5.05
C PHE A 99 -1.12 6.01 3.83
N LEU A 100 -1.49 4.71 3.91
CA LEU A 100 -2.22 4.06 2.81
C LEU A 100 -3.73 4.29 2.94
N GLU A 101 -4.19 4.81 4.11
CA GLU A 101 -5.64 5.06 4.37
C GLU A 101 -6.16 6.14 3.40
N ASN A 102 -5.36 7.21 3.24
CA ASN A 102 -5.66 8.31 2.31
C ASN A 102 -5.66 7.79 0.85
N PHE A 103 -4.71 6.89 0.55
CA PHE A 103 -4.52 6.32 -0.78
C PHE A 103 -5.68 5.36 -1.15
N CYS A 104 -6.06 4.48 -0.20
CA CYS A 104 -7.12 3.48 -0.41
C CYS A 104 -8.49 4.16 -0.42
N HIS A 105 -8.55 5.37 0.18
CA HIS A 105 -9.72 6.24 0.16
C HIS A 105 -9.92 6.81 -1.25
N SER A 106 -8.80 7.11 -1.93
CA SER A 106 -8.79 7.57 -3.35
C SER A 106 -9.18 6.43 -4.30
N LEU A 107 -8.83 5.18 -3.92
CA LEU A 107 -9.20 3.96 -4.69
C LEU A 107 -10.64 3.53 -4.39
N GLN A 108 -11.18 4.06 -3.26
CA GLN A 108 -12.50 3.72 -2.69
C GLN A 108 -12.52 2.31 -2.07
N CYS A 109 -11.32 1.67 -1.96
CA CYS A 109 -11.18 0.31 -1.41
C CYS A 109 -11.15 0.36 0.13
N ASP A 110 -11.86 -0.57 0.76
CA ASP A 110 -12.10 -0.55 2.22
C ASP A 110 -12.30 -1.99 2.72
N ASN A 111 -11.89 -2.25 3.99
CA ASN A 111 -11.83 -3.61 4.59
C ASN A 111 -10.80 -4.50 3.86
N LEU A 112 -9.92 -3.88 3.04
CA LEU A 112 -8.91 -4.60 2.23
C LEU A 112 -7.66 -4.98 3.08
N LEU A 113 -7.44 -4.29 4.21
CA LEU A 113 -6.34 -4.60 5.14
C LEU A 113 -6.65 -4.05 6.55
N SER A 114 -5.98 -4.61 7.58
CA SER A 114 -6.17 -4.18 8.99
C SER A 114 -5.04 -4.72 9.88
N SER A 115 -4.29 -3.83 10.57
CA SER A 115 -3.24 -4.23 11.54
C SER A 115 -3.83 -4.48 12.94
N GLN A 116 -5.16 -4.41 13.06
CA GLN A 116 -5.90 -4.63 14.31
C GLN A 116 -6.52 -6.04 14.31
N PRO A 117 -5.92 -7.03 15.06
CA PRO A 117 -6.45 -8.40 15.18
C PRO A 117 -7.68 -8.49 16.11
N PHE A 118 -8.29 -9.70 16.21
CA PHE A 118 -9.44 -9.97 17.12
C PHE A 118 -9.09 -9.60 18.58
N SER A 119 -7.90 -10.02 19.01
CA SER A 119 -7.34 -9.69 20.33
C SER A 119 -6.29 -8.56 20.18
N GLY A 1 16.57 -5.50 14.32
CA GLY A 1 16.55 -4.44 13.28
C GLY A 1 17.12 -3.11 13.77
N SER A 2 16.93 -2.05 12.97
CA SER A 2 17.45 -0.70 13.25
C SER A 2 16.81 -0.08 14.51
N HIS A 3 15.51 -0.42 14.75
CA HIS A 3 14.71 0.05 15.91
C HIS A 3 14.43 1.59 15.89
N MET A 4 14.83 2.27 14.81
CA MET A 4 14.64 3.74 14.65
C MET A 4 13.28 4.05 13.98
N MET A 5 12.54 2.98 13.65
CA MET A 5 11.18 3.05 13.11
C MET A 5 10.23 2.20 13.97
N SER A 6 8.92 2.31 13.69
CA SER A 6 7.88 1.50 14.35
C SER A 6 7.70 0.15 13.61
N THR A 7 6.74 -0.68 14.08
CA THR A 7 6.42 -1.99 13.47
C THR A 7 4.89 -2.22 13.48
N VAL A 8 4.35 -2.84 12.41
CA VAL A 8 2.90 -3.16 12.28
C VAL A 8 2.71 -4.54 11.62
N CYS A 9 1.63 -5.23 12.03
CA CYS A 9 1.16 -6.46 11.37
C CYS A 9 -0.21 -6.21 10.74
N VAL A 10 -0.25 -6.07 9.40
CA VAL A 10 -1.50 -5.86 8.65
C VAL A 10 -1.96 -7.21 8.07
N TYR A 11 -3.27 -7.30 7.83
CA TYR A 11 -3.94 -8.51 7.34
C TYR A 11 -4.81 -8.11 6.14
N VAL A 12 -4.37 -8.50 4.94
CA VAL A 12 -5.04 -8.14 3.67
C VAL A 12 -6.28 -9.02 3.46
N ASN A 13 -7.46 -8.43 3.65
CA ASN A 13 -8.75 -9.09 3.51
C ASN A 13 -9.29 -8.86 2.09
N LYS A 14 -8.93 -9.78 1.19
CA LYS A 14 -9.40 -9.79 -0.22
C LYS A 14 -10.88 -10.24 -0.31
N HIS A 15 -11.41 -10.79 0.81
CA HIS A 15 -12.85 -11.08 0.98
C HIS A 15 -13.67 -9.78 1.20
N GLY A 16 -12.97 -8.69 1.60
CA GLY A 16 -13.58 -7.36 1.73
C GLY A 16 -13.88 -6.72 0.37
N ASN A 17 -13.56 -5.43 0.19
CA ASN A 17 -13.71 -4.74 -1.11
C ASN A 17 -12.33 -4.62 -1.78
N PHE A 18 -12.32 -4.90 -3.09
CA PHE A 18 -11.09 -4.92 -3.91
C PHE A 18 -10.70 -3.48 -4.21
N GLY A 19 -11.64 -2.77 -4.84
CA GLY A 19 -11.45 -1.38 -5.23
C GLY A 19 -12.76 -0.60 -5.23
N PRO A 20 -13.56 -0.57 -6.35
CA PRO A 20 -13.31 -1.34 -7.60
C PRO A 20 -12.34 -0.64 -8.59
N HIS A 21 -11.53 0.32 -8.07
CA HIS A 21 -10.37 0.88 -8.78
C HIS A 21 -9.21 -0.14 -8.87
N LEU A 22 -9.35 -1.29 -8.17
CA LEU A 22 -8.36 -2.36 -8.15
C LEU A 22 -8.96 -3.63 -8.77
N ASP A 23 -8.13 -4.34 -9.55
CA ASP A 23 -8.52 -5.57 -10.26
C ASP A 23 -8.86 -6.70 -9.26
N PRO A 24 -10.13 -7.22 -9.28
CA PRO A 24 -10.62 -8.22 -8.31
C PRO A 24 -9.80 -9.54 -8.28
N LYS A 25 -9.11 -9.88 -9.39
CA LYS A 25 -8.36 -11.15 -9.51
C LYS A 25 -6.98 -11.00 -8.87
N ARG A 26 -6.31 -9.87 -9.18
CA ARG A 26 -4.96 -9.54 -8.69
C ARG A 26 -4.96 -9.28 -7.17
N ILE A 27 -6.05 -8.70 -6.69
CA ILE A 27 -6.32 -8.55 -5.24
C ILE A 27 -6.35 -9.91 -4.51
N GLN A 28 -6.70 -11.00 -5.23
CA GLN A 28 -6.66 -12.37 -4.68
C GLN A 28 -5.24 -12.97 -4.82
N GLN A 29 -4.48 -12.51 -5.85
CA GLN A 29 -3.12 -13.04 -6.17
C GLN A 29 -2.07 -12.62 -5.12
N LEU A 30 -2.20 -11.39 -4.58
CA LEU A 30 -1.26 -10.85 -3.56
C LEU A 30 -1.48 -11.59 -2.20
N PRO A 31 -0.48 -11.59 -1.25
CA PRO A 31 -0.59 -12.35 0.05
C PRO A 31 -1.75 -11.84 0.92
N ASP A 32 -2.21 -12.73 1.82
CA ASP A 32 -3.37 -12.51 2.71
C ASP A 32 -3.00 -11.63 3.93
N HIS A 33 -1.71 -11.20 4.00
CA HIS A 33 -1.22 -10.27 5.04
C HIS A 33 0.15 -9.70 4.68
N PHE A 34 0.40 -8.47 5.16
CA PHE A 34 1.73 -7.83 5.14
C PHE A 34 2.08 -7.46 6.59
N GLY A 35 3.03 -8.19 7.18
CA GLY A 35 3.43 -7.97 8.58
C GLY A 35 3.39 -9.26 9.39
N PRO A 36 3.96 -9.30 10.65
CA PRO A 36 4.63 -8.15 11.32
C PRO A 36 6.02 -7.82 10.73
N GLY A 37 6.22 -6.53 10.42
CA GLY A 37 7.48 -6.02 9.88
C GLY A 37 7.64 -4.53 10.17
N PRO A 38 8.59 -3.81 9.51
CA PRO A 38 8.80 -2.37 9.74
C PRO A 38 7.63 -1.53 9.18
N VAL A 39 7.23 -0.49 9.93
CA VAL A 39 6.13 0.43 9.56
C VAL A 39 6.24 0.93 8.09
N ASN A 40 7.48 1.26 7.71
CA ASN A 40 7.84 1.78 6.38
C ASN A 40 7.54 0.73 5.28
N VAL A 41 8.12 -0.46 5.48
CA VAL A 41 8.06 -1.54 4.48
C VAL A 41 6.64 -2.10 4.35
N VAL A 42 5.96 -2.30 5.47
CA VAL A 42 4.61 -2.86 5.48
C VAL A 42 3.60 -1.95 4.74
N LEU A 43 3.60 -0.62 5.03
CA LEU A 43 2.64 0.34 4.40
C LEU A 43 2.91 0.46 2.90
N ARG A 44 4.22 0.43 2.49
CA ARG A 44 4.58 0.62 1.08
C ARG A 44 4.21 -0.64 0.29
N ARG A 45 4.31 -1.82 0.95
CA ARG A 45 3.95 -3.12 0.37
C ARG A 45 2.43 -3.19 0.06
N ILE A 46 1.63 -2.49 0.88
CA ILE A 46 0.17 -2.37 0.65
C ILE A 46 -0.07 -1.54 -0.63
N VAL A 47 0.45 -0.30 -0.59
CA VAL A 47 0.19 0.73 -1.61
C VAL A 47 0.69 0.27 -3.00
N GLN A 48 1.96 -0.17 -3.09
CA GLN A 48 2.60 -0.57 -4.37
C GLN A 48 1.92 -1.82 -4.98
N ALA A 49 1.40 -2.71 -4.11
CA ALA A 49 0.63 -3.88 -4.55
C ALA A 49 -0.67 -3.39 -5.21
N CYS A 50 -1.30 -2.39 -4.58
CA CYS A 50 -2.57 -1.83 -5.04
C CYS A 50 -2.42 -1.03 -6.36
N VAL A 51 -1.34 -0.22 -6.52
CA VAL A 51 -1.14 0.60 -7.75
C VAL A 51 -0.88 -0.33 -8.95
N ASP A 52 -0.05 -1.36 -8.70
CA ASP A 52 0.32 -2.35 -9.73
C ASP A 52 -0.92 -3.21 -10.11
N CYS A 53 -1.77 -3.52 -9.11
CA CYS A 53 -2.99 -4.31 -9.32
C CYS A 53 -4.20 -3.43 -9.71
N ALA A 54 -3.97 -2.12 -9.86
CA ALA A 54 -5.03 -1.14 -10.14
C ALA A 54 -5.57 -1.24 -11.57
N LEU A 55 -6.88 -1.02 -11.70
CA LEU A 55 -7.54 -0.75 -12.97
C LEU A 55 -7.37 0.75 -13.29
N GLU A 56 -6.82 1.05 -14.48
CA GLU A 56 -6.47 2.41 -14.93
C GLU A 56 -5.30 2.96 -14.06
N THR A 57 -4.20 2.15 -14.02
CA THR A 57 -2.97 2.46 -13.24
C THR A 57 -2.33 3.80 -13.69
N LYS A 58 -2.54 4.19 -14.97
CA LYS A 58 -2.04 5.48 -15.52
C LYS A 58 -2.52 6.69 -14.68
N THR A 59 -3.77 6.62 -14.19
CA THR A 59 -4.38 7.67 -13.36
C THR A 59 -4.08 7.45 -11.86
N VAL A 60 -4.06 6.17 -11.44
CA VAL A 60 -3.80 5.76 -10.03
C VAL A 60 -2.37 6.14 -9.58
N PHE A 61 -1.43 6.04 -10.53
CA PHE A 61 -0.01 6.43 -10.33
C PHE A 61 0.12 7.97 -10.27
N GLY A 62 -0.88 8.67 -10.83
CA GLY A 62 -0.97 10.13 -10.79
C GLY A 62 -1.42 10.68 -9.43
N TYR A 63 -2.06 9.83 -8.59
CA TYR A 63 -2.48 10.21 -7.22
C TYR A 63 -1.28 10.25 -6.25
N LEU A 64 -0.14 9.64 -6.64
CA LEU A 64 1.09 9.64 -5.81
C LEU A 64 2.33 10.01 -6.65
N LYS A 65 2.80 11.26 -6.46
CA LYS A 65 4.03 11.78 -7.08
C LYS A 65 5.27 11.46 -6.18
N PRO A 66 6.54 11.54 -6.72
CA PRO A 66 7.75 11.24 -5.92
C PRO A 66 8.13 12.35 -4.90
N ASP A 67 9.06 12.00 -3.99
CA ASP A 67 9.55 12.88 -2.91
C ASP A 67 11.03 12.60 -2.65
N ASN A 68 11.88 13.66 -2.60
CA ASN A 68 13.35 13.50 -2.45
C ASN A 68 13.72 13.50 -0.94
N ARG A 69 12.94 12.73 -0.16
CA ARG A 69 13.24 12.45 1.25
C ARG A 69 14.04 11.15 1.36
N GLY A 70 13.78 10.22 0.42
CA GLY A 70 14.49 8.94 0.36
C GLY A 70 13.91 7.89 1.30
N GLY A 71 12.60 7.97 1.55
CA GLY A 71 11.90 7.01 2.41
C GLY A 71 11.42 5.80 1.64
N GLU A 72 10.11 5.53 1.69
CA GLU A 72 9.49 4.36 1.02
C GLU A 72 9.52 4.50 -0.51
N VAL A 73 9.24 3.40 -1.22
CA VAL A 73 9.21 3.39 -2.70
C VAL A 73 7.94 2.65 -3.16
N ILE A 74 7.21 3.26 -4.12
CA ILE A 74 6.01 2.64 -4.74
C ILE A 74 6.28 2.38 -6.23
N THR A 75 6.07 1.12 -6.66
CA THR A 75 6.22 0.68 -8.06
C THR A 75 4.84 0.43 -8.70
N ALA A 76 4.78 0.62 -10.02
CA ALA A 76 3.55 0.53 -10.81
C ALA A 76 3.88 0.33 -12.30
N SER A 77 3.10 -0.53 -12.98
CA SER A 77 3.26 -0.78 -14.42
C SER A 77 2.47 0.26 -15.24
N PHE A 78 3.17 1.04 -16.07
CA PHE A 78 2.57 2.04 -16.97
C PHE A 78 3.31 2.03 -18.33
N ASP A 79 2.53 2.04 -19.43
CA ASP A 79 3.02 2.14 -20.83
C ASP A 79 3.87 0.89 -21.20
N GLY A 80 3.59 -0.24 -20.52
CA GLY A 80 4.34 -1.50 -20.71
C GLY A 80 5.67 -1.52 -19.96
N GLU A 81 5.96 -0.45 -19.21
CA GLU A 81 7.19 -0.27 -18.45
C GLU A 81 6.91 -0.38 -16.95
N THR A 82 8.00 -0.46 -16.16
CA THR A 82 7.94 -0.39 -14.70
C THR A 82 8.34 1.04 -14.26
N HIS A 83 7.58 1.61 -13.33
CA HIS A 83 7.79 2.99 -12.85
C HIS A 83 7.77 3.03 -11.32
N SER A 84 8.76 3.74 -10.73
CA SER A 84 8.94 3.82 -9.27
C SER A 84 9.02 5.28 -8.83
N ILE A 85 8.39 5.59 -7.68
CA ILE A 85 8.49 6.90 -7.02
C ILE A 85 9.09 6.74 -5.61
N GLN A 86 9.59 7.84 -5.05
CA GLN A 86 10.05 7.90 -3.66
C GLN A 86 9.02 8.61 -2.78
N LEU A 87 8.95 8.18 -1.53
CA LEU A 87 8.03 8.69 -0.50
C LEU A 87 8.87 9.36 0.63
N PRO A 88 8.24 10.16 1.52
CA PRO A 88 8.87 10.55 2.81
C PRO A 88 8.83 9.37 3.84
N PRO A 89 9.91 9.18 4.67
CA PRO A 89 9.98 8.06 5.64
C PRO A 89 9.11 8.30 6.89
N VAL A 90 8.27 7.32 7.20
CA VAL A 90 7.46 7.30 8.44
C VAL A 90 8.27 6.71 9.61
N ASN A 91 7.71 6.77 10.83
CA ASN A 91 8.32 6.13 12.01
C ASN A 91 7.28 5.72 13.06
N SER A 92 5.97 5.86 12.77
CA SER A 92 4.89 5.57 13.74
C SER A 92 3.90 4.56 13.16
N ALA A 93 3.42 3.64 14.02
CA ALA A 93 2.47 2.57 13.66
C ALA A 93 1.09 3.12 13.26
N SER A 94 0.78 4.30 13.82
CA SER A 94 -0.43 5.06 13.47
C SER A 94 -0.31 5.64 12.05
N PHE A 95 0.95 5.96 11.65
CA PHE A 95 1.24 6.59 10.34
C PHE A 95 1.26 5.51 9.25
N ALA A 96 1.50 4.24 9.67
CA ALA A 96 1.41 3.07 8.78
C ALA A 96 0.05 3.04 8.09
N LEU A 97 -0.99 2.91 8.93
CA LEU A 97 -2.38 2.70 8.49
C LEU A 97 -2.94 3.99 7.87
N ARG A 98 -2.54 5.15 8.44
CA ARG A 98 -2.97 6.47 7.95
C ARG A 98 -2.49 6.70 6.50
N PHE A 99 -1.31 6.13 6.14
CA PHE A 99 -0.69 6.37 4.84
C PHE A 99 -1.55 5.77 3.71
N LEU A 100 -1.83 4.44 3.81
CA LEU A 100 -2.64 3.76 2.78
C LEU A 100 -4.13 4.12 2.88
N GLU A 101 -4.55 4.74 4.01
CA GLU A 101 -5.96 5.19 4.22
C GLU A 101 -6.36 6.26 3.19
N ASN A 102 -5.51 7.27 2.99
CA ASN A 102 -5.71 8.33 1.97
C ASN A 102 -5.80 7.73 0.56
N PHE A 103 -4.90 6.78 0.29
CA PHE A 103 -4.77 6.13 -1.02
C PHE A 103 -5.97 5.21 -1.31
N CYS A 104 -6.34 4.36 -0.34
CA CYS A 104 -7.41 3.35 -0.50
C CYS A 104 -8.79 4.03 -0.53
N HIS A 105 -8.85 5.26 0.00
CA HIS A 105 -10.07 6.08 0.03
C HIS A 105 -10.41 6.60 -1.39
N SER A 106 -9.37 6.96 -2.16
CA SER A 106 -9.53 7.37 -3.57
C SER A 106 -9.75 6.14 -4.48
N LEU A 107 -9.29 4.97 -4.02
CA LEU A 107 -9.55 3.67 -4.68
C LEU A 107 -10.97 3.16 -4.37
N GLN A 108 -11.56 3.74 -3.29
CA GLN A 108 -12.90 3.38 -2.74
C GLN A 108 -12.87 2.01 -2.04
N CYS A 109 -11.67 1.41 -1.88
CA CYS A 109 -11.52 0.07 -1.30
C CYS A 109 -11.56 0.14 0.24
N ASP A 110 -12.32 -0.77 0.83
CA ASP A 110 -12.61 -0.79 2.27
C ASP A 110 -12.71 -2.24 2.73
N ASN A 111 -12.30 -2.50 3.98
CA ASN A 111 -12.16 -3.87 4.54
C ASN A 111 -11.15 -4.69 3.71
N LEU A 112 -10.29 -4.01 2.93
CA LEU A 112 -9.26 -4.66 2.10
C LEU A 112 -8.02 -5.03 2.92
N LEU A 113 -7.77 -4.30 4.01
CA LEU A 113 -6.64 -4.56 4.92
C LEU A 113 -6.82 -3.81 6.25
N SER A 114 -6.27 -4.39 7.33
CA SER A 114 -6.40 -3.88 8.71
C SER A 114 -5.37 -4.59 9.61
N SER A 115 -4.88 -3.90 10.66
CA SER A 115 -3.95 -4.48 11.66
C SER A 115 -4.71 -5.16 12.83
N GLN A 116 -5.71 -5.97 12.44
CA GLN A 116 -6.53 -6.77 13.35
C GLN A 116 -6.94 -8.06 12.60
N PRO A 117 -7.02 -9.24 13.28
CA PRO A 117 -7.30 -10.53 12.60
C PRO A 117 -8.73 -10.60 12.00
N PHE A 118 -8.94 -11.61 11.14
CA PHE A 118 -10.20 -11.82 10.41
C PHE A 118 -11.33 -12.22 11.38
N SER A 119 -10.94 -12.94 12.45
CA SER A 119 -11.84 -13.32 13.55
C SER A 119 -12.06 -12.09 14.48
N GLY A 1 10.72 0.69 20.94
CA GLY A 1 11.32 1.20 19.69
C GLY A 1 12.81 0.93 19.64
N SER A 2 13.17 -0.35 19.39
CA SER A 2 14.58 -0.78 19.25
C SER A 2 15.17 -0.22 17.94
N HIS A 3 14.30 -0.13 16.91
CA HIS A 3 14.60 0.60 15.66
C HIS A 3 14.09 2.05 15.79
N MET A 4 14.67 2.96 15.00
CA MET A 4 14.30 4.40 15.01
C MET A 4 12.86 4.62 14.47
N MET A 5 12.37 3.64 13.68
CA MET A 5 11.00 3.63 13.16
C MET A 5 10.12 2.67 13.99
N SER A 6 8.80 2.72 13.73
CA SER A 6 7.81 1.83 14.37
C SER A 6 7.74 0.45 13.63
N THR A 7 6.88 -0.45 14.14
CA THR A 7 6.60 -1.77 13.53
C THR A 7 5.10 -2.07 13.64
N VAL A 8 4.50 -2.60 12.55
CA VAL A 8 3.04 -2.90 12.46
C VAL A 8 2.81 -4.28 11.78
N CYS A 9 1.64 -4.88 12.06
CA CYS A 9 1.19 -6.14 11.46
C CYS A 9 -0.17 -5.94 10.78
N VAL A 10 -0.23 -6.12 9.45
CA VAL A 10 -1.48 -5.97 8.68
C VAL A 10 -1.92 -7.34 8.11
N TYR A 11 -3.24 -7.48 7.92
CA TYR A 11 -3.87 -8.68 7.39
C TYR A 11 -4.77 -8.26 6.21
N VAL A 12 -4.28 -8.51 4.99
CA VAL A 12 -4.96 -8.14 3.75
C VAL A 12 -6.24 -9.00 3.55
N ASN A 13 -7.42 -8.37 3.66
CA ASN A 13 -8.72 -9.03 3.52
C ASN A 13 -9.30 -8.81 2.12
N LYS A 14 -9.00 -9.77 1.23
CA LYS A 14 -9.49 -9.76 -0.18
C LYS A 14 -10.99 -10.14 -0.24
N HIS A 15 -11.55 -10.65 0.89
CA HIS A 15 -12.99 -10.93 1.04
C HIS A 15 -13.80 -9.62 1.22
N GLY A 16 -13.10 -8.53 1.63
CA GLY A 16 -13.72 -7.20 1.80
C GLY A 16 -14.13 -6.56 0.46
N ASN A 17 -13.43 -5.48 0.06
CA ASN A 17 -13.64 -4.82 -1.25
C ASN A 17 -12.30 -4.74 -1.99
N PHE A 18 -12.38 -4.90 -3.31
CA PHE A 18 -11.21 -4.99 -4.21
C PHE A 18 -10.82 -3.57 -4.60
N GLY A 19 -11.76 -2.91 -5.30
CA GLY A 19 -11.59 -1.54 -5.75
C GLY A 19 -12.92 -0.80 -5.78
N PRO A 20 -13.65 -0.73 -6.93
CA PRO A 20 -13.33 -1.46 -8.19
C PRO A 20 -12.38 -0.68 -9.13
N HIS A 21 -11.56 0.21 -8.55
CA HIS A 21 -10.42 0.85 -9.26
C HIS A 21 -9.23 -0.14 -9.33
N LEU A 22 -9.36 -1.26 -8.59
CA LEU A 22 -8.39 -2.37 -8.53
C LEU A 22 -9.06 -3.62 -9.13
N ASP A 23 -8.28 -4.42 -9.89
CA ASP A 23 -8.79 -5.63 -10.54
C ASP A 23 -9.11 -6.71 -9.47
N PRO A 24 -10.37 -7.25 -9.45
CA PRO A 24 -10.84 -8.20 -8.40
C PRO A 24 -10.01 -9.50 -8.30
N LYS A 25 -9.48 -9.98 -9.44
CA LYS A 25 -8.73 -11.26 -9.49
C LYS A 25 -7.33 -11.10 -8.89
N ARG A 26 -6.66 -9.99 -9.23
CA ARG A 26 -5.28 -9.70 -8.79
C ARG A 26 -5.24 -9.39 -7.29
N ILE A 27 -6.35 -8.84 -6.79
CA ILE A 27 -6.60 -8.60 -5.36
C ILE A 27 -6.64 -9.95 -4.60
N GLN A 28 -7.08 -11.03 -5.26
CA GLN A 28 -7.08 -12.39 -4.68
C GLN A 28 -5.68 -13.05 -4.78
N GLN A 29 -4.85 -12.57 -5.73
CA GLN A 29 -3.53 -13.16 -6.00
C GLN A 29 -2.46 -12.65 -5.01
N LEU A 30 -2.55 -11.37 -4.59
CA LEU A 30 -1.60 -10.77 -3.63
C LEU A 30 -1.76 -11.44 -2.24
N PRO A 31 -0.69 -11.47 -1.36
CA PRO A 31 -0.73 -12.25 -0.09
C PRO A 31 -1.85 -11.82 0.90
N ASP A 32 -2.14 -12.72 1.83
CA ASP A 32 -3.24 -12.58 2.83
C ASP A 32 -2.85 -11.62 3.98
N HIS A 33 -1.56 -11.23 4.03
CA HIS A 33 -1.03 -10.39 5.12
C HIS A 33 0.30 -9.72 4.70
N PHE A 34 0.57 -8.57 5.33
CA PHE A 34 1.87 -7.88 5.26
C PHE A 34 2.28 -7.50 6.69
N GLY A 35 3.30 -8.18 7.24
CA GLY A 35 3.79 -7.91 8.62
C GLY A 35 3.79 -9.17 9.50
N PRO A 36 4.21 -9.07 10.81
CA PRO A 36 4.76 -7.84 11.46
C PRO A 36 6.19 -7.49 10.97
N GLY A 37 6.36 -6.24 10.58
CA GLY A 37 7.65 -5.72 10.11
C GLY A 37 7.72 -4.20 10.28
N PRO A 38 8.67 -3.50 9.60
CA PRO A 38 8.87 -2.03 9.76
C PRO A 38 7.66 -1.23 9.24
N VAL A 39 7.28 -0.16 9.97
CA VAL A 39 6.16 0.75 9.62
C VAL A 39 6.25 1.22 8.14
N ASN A 40 7.50 1.54 7.73
CA ASN A 40 7.85 2.00 6.38
C ASN A 40 7.54 0.92 5.34
N VAL A 41 8.06 -0.29 5.60
CA VAL A 41 7.98 -1.41 4.66
C VAL A 41 6.54 -1.92 4.53
N VAL A 42 5.89 -2.19 5.66
CA VAL A 42 4.52 -2.74 5.68
C VAL A 42 3.51 -1.84 4.91
N LEU A 43 3.62 -0.50 5.05
CA LEU A 43 2.69 0.44 4.36
C LEU A 43 2.94 0.44 2.85
N ARG A 44 4.23 0.43 2.44
CA ARG A 44 4.60 0.50 1.02
C ARG A 44 4.29 -0.83 0.31
N ARG A 45 4.26 -1.94 1.09
CA ARG A 45 3.91 -3.27 0.56
C ARG A 45 2.42 -3.32 0.15
N ILE A 46 1.55 -2.68 0.95
CA ILE A 46 0.11 -2.59 0.65
C ILE A 46 -0.10 -1.76 -0.63
N VAL A 47 0.49 -0.54 -0.61
CA VAL A 47 0.32 0.45 -1.68
C VAL A 47 0.86 -0.09 -3.03
N GLN A 48 2.08 -0.66 -3.02
CA GLN A 48 2.73 -1.19 -4.26
C GLN A 48 1.91 -2.36 -4.86
N ALA A 49 1.22 -3.11 -3.98
CA ALA A 49 0.35 -4.23 -4.37
C ALA A 49 -0.93 -3.70 -5.04
N CYS A 50 -1.48 -2.61 -4.46
CA CYS A 50 -2.74 -1.99 -4.95
C CYS A 50 -2.52 -1.30 -6.31
N VAL A 51 -1.43 -0.51 -6.42
CA VAL A 51 -1.08 0.23 -7.67
C VAL A 51 -0.74 -0.77 -8.80
N ASP A 52 -0.03 -1.86 -8.44
CA ASP A 52 0.26 -2.98 -9.35
C ASP A 52 -1.04 -3.56 -9.93
N CYS A 53 -1.95 -3.91 -9.01
CA CYS A 53 -3.21 -4.63 -9.32
C CYS A 53 -4.30 -3.70 -9.87
N ALA A 54 -3.97 -2.40 -10.00
CA ALA A 54 -4.93 -1.36 -10.36
C ALA A 54 -5.39 -1.41 -11.82
N LEU A 55 -6.71 -1.25 -12.00
CA LEU A 55 -7.33 -0.88 -13.27
C LEU A 55 -7.05 0.63 -13.48
N GLU A 56 -6.32 0.97 -14.55
CA GLU A 56 -5.88 2.35 -14.85
C GLU A 56 -4.86 2.81 -13.76
N THR A 57 -3.77 2.04 -13.69
CA THR A 57 -2.62 2.23 -12.78
C THR A 57 -2.06 3.66 -12.82
N LYS A 58 -1.99 4.23 -14.03
CA LYS A 58 -1.52 5.59 -14.31
C LYS A 58 -2.20 6.70 -13.44
N THR A 59 -3.53 6.56 -13.23
CA THR A 59 -4.33 7.51 -12.44
C THR A 59 -4.13 7.25 -10.94
N VAL A 60 -4.06 5.96 -10.61
CA VAL A 60 -3.82 5.47 -9.24
C VAL A 60 -2.46 5.96 -8.71
N PHE A 61 -1.45 5.91 -9.59
CA PHE A 61 -0.05 6.26 -9.28
C PHE A 61 0.12 7.80 -9.20
N GLY A 62 -0.89 8.55 -9.71
CA GLY A 62 -0.90 10.01 -9.63
C GLY A 62 -1.20 10.55 -8.23
N TYR A 63 -1.86 9.73 -7.39
CA TYR A 63 -2.24 10.11 -6.01
C TYR A 63 -1.00 10.17 -5.09
N LEU A 64 0.05 9.43 -5.46
CA LEU A 64 1.32 9.39 -4.74
C LEU A 64 2.44 9.88 -5.69
N LYS A 65 3.02 11.03 -5.38
CA LYS A 65 4.04 11.69 -6.24
C LYS A 65 5.47 11.34 -5.75
N PRO A 66 6.52 11.45 -6.63
CA PRO A 66 7.93 11.31 -6.20
C PRO A 66 8.42 12.52 -5.36
N ASP A 67 9.27 12.22 -4.37
CA ASP A 67 9.93 13.20 -3.49
C ASP A 67 11.29 12.64 -3.07
N ASN A 68 12.34 13.48 -3.10
CA ASN A 68 13.73 13.06 -2.82
C ASN A 68 13.97 13.11 -1.30
N ARG A 69 13.28 12.19 -0.63
CA ARG A 69 13.23 12.09 0.83
C ARG A 69 14.06 10.90 1.32
N GLY A 70 14.28 9.93 0.42
CA GLY A 70 15.08 8.74 0.70
C GLY A 70 14.34 7.73 1.57
N GLY A 71 13.00 7.76 1.50
CA GLY A 71 12.15 6.86 2.28
C GLY A 71 11.69 5.66 1.48
N GLU A 72 10.37 5.43 1.46
CA GLU A 72 9.75 4.26 0.79
C GLU A 72 9.80 4.41 -0.75
N VAL A 73 9.47 3.34 -1.48
CA VAL A 73 9.45 3.31 -2.96
C VAL A 73 8.24 2.50 -3.43
N ILE A 74 7.48 3.02 -4.41
CA ILE A 74 6.37 2.27 -5.05
C ILE A 74 6.68 2.06 -6.55
N THR A 75 6.47 0.81 -7.02
CA THR A 75 6.63 0.42 -8.43
C THR A 75 5.25 0.20 -9.07
N ALA A 76 5.15 0.59 -10.34
CA ALA A 76 3.87 0.68 -11.06
C ALA A 76 4.07 0.54 -12.56
N SER A 77 3.19 -0.22 -13.22
CA SER A 77 3.22 -0.41 -14.67
C SER A 77 2.46 0.73 -15.39
N PHE A 78 3.22 1.66 -15.98
CA PHE A 78 2.68 2.86 -16.66
C PHE A 78 3.04 2.81 -18.16
N ASP A 79 2.01 2.52 -18.98
CA ASP A 79 2.09 2.49 -20.46
C ASP A 79 3.20 1.54 -20.96
N GLY A 80 3.13 0.29 -20.49
CA GLY A 80 4.08 -0.76 -20.88
C GLY A 80 5.38 -0.75 -20.08
N GLU A 81 5.67 0.37 -19.38
CA GLU A 81 6.91 0.56 -18.61
C GLU A 81 6.72 0.17 -17.14
N THR A 82 7.83 0.12 -16.41
CA THR A 82 7.85 0.03 -14.94
C THR A 82 8.40 1.35 -14.35
N HIS A 83 7.47 2.20 -13.87
CA HIS A 83 7.81 3.48 -13.22
C HIS A 83 7.87 3.30 -11.69
N SER A 84 8.83 3.98 -11.05
CA SER A 84 9.09 3.87 -9.61
C SER A 84 9.40 5.26 -9.02
N ILE A 85 8.87 5.55 -7.82
CA ILE A 85 9.00 6.87 -7.15
C ILE A 85 9.61 6.70 -5.75
N GLN A 86 9.71 7.83 -5.00
CA GLN A 86 10.14 7.82 -3.60
C GLN A 86 9.11 8.58 -2.73
N LEU A 87 8.91 8.05 -1.53
CA LEU A 87 7.95 8.54 -0.53
C LEU A 87 8.75 9.14 0.66
N PRO A 88 8.13 10.02 1.49
CA PRO A 88 8.76 10.49 2.75
C PRO A 88 8.79 9.38 3.84
N PRO A 89 9.97 9.15 4.51
CA PRO A 89 10.10 8.08 5.52
C PRO A 89 9.27 8.36 6.78
N VAL A 90 8.48 7.37 7.18
CA VAL A 90 7.64 7.42 8.39
C VAL A 90 8.39 6.83 9.61
N ASN A 91 7.77 6.95 10.80
CA ASN A 91 8.32 6.42 12.06
C ASN A 91 7.21 6.11 13.07
N SER A 92 5.94 6.35 12.69
CA SER A 92 4.79 6.20 13.58
C SER A 92 3.84 5.13 13.04
N ALA A 93 3.31 4.28 13.94
CA ALA A 93 2.43 3.15 13.60
C ALA A 93 1.05 3.64 13.15
N SER A 94 0.65 4.77 13.73
CA SER A 94 -0.57 5.47 13.37
C SER A 94 -0.53 5.89 11.89
N PHE A 95 0.70 6.19 11.36
CA PHE A 95 0.86 6.71 9.98
C PHE A 95 0.94 5.54 8.98
N ALA A 96 1.33 4.35 9.48
CA ALA A 96 1.47 3.12 8.67
C ALA A 96 0.20 2.84 7.86
N LEU A 97 -0.87 2.52 8.60
CA LEU A 97 -2.18 2.19 8.03
C LEU A 97 -2.85 3.46 7.47
N ARG A 98 -2.64 4.62 8.14
CA ARG A 98 -3.19 5.93 7.70
C ARG A 98 -2.85 6.23 6.24
N PHE A 99 -1.63 5.82 5.84
CA PHE A 99 -1.10 6.07 4.49
C PHE A 99 -2.01 5.43 3.43
N LEU A 100 -2.22 4.11 3.57
CA LEU A 100 -3.01 3.33 2.59
C LEU A 100 -4.53 3.46 2.82
N GLU A 101 -4.97 4.00 3.98
CA GLU A 101 -6.40 4.28 4.22
C GLU A 101 -6.86 5.46 3.34
N ASN A 102 -6.05 6.53 3.34
CA ASN A 102 -6.33 7.75 2.53
C ASN A 102 -6.19 7.42 1.02
N PHE A 103 -5.24 6.52 0.73
CA PHE A 103 -4.97 6.04 -0.63
C PHE A 103 -6.12 5.17 -1.16
N CYS A 104 -6.57 4.18 -0.36
CA CYS A 104 -7.64 3.24 -0.76
C CYS A 104 -9.01 3.95 -0.84
N HIS A 105 -9.13 5.10 -0.12
CA HIS A 105 -10.32 5.98 -0.17
C HIS A 105 -10.59 6.45 -1.62
N SER A 106 -9.51 6.90 -2.31
CA SER A 106 -9.61 7.43 -3.69
C SER A 106 -9.85 6.30 -4.72
N LEU A 107 -9.46 5.07 -4.34
CA LEU A 107 -9.67 3.85 -5.16
C LEU A 107 -11.09 3.28 -4.96
N GLN A 108 -11.81 3.86 -3.96
CA GLN A 108 -13.17 3.45 -3.56
C GLN A 108 -13.16 2.07 -2.86
N CYS A 109 -11.95 1.55 -2.55
CA CYS A 109 -11.76 0.24 -1.91
C CYS A 109 -11.62 0.43 -0.40
N ASP A 110 -12.15 -0.53 0.36
CA ASP A 110 -12.06 -0.54 1.82
C ASP A 110 -12.39 -1.93 2.34
N ASN A 111 -12.05 -2.20 3.62
CA ASN A 111 -12.13 -3.54 4.24
C ASN A 111 -11.14 -4.52 3.57
N LEU A 112 -10.19 -3.95 2.79
CA LEU A 112 -9.20 -4.70 1.99
C LEU A 112 -7.98 -5.11 2.83
N LEU A 113 -7.90 -4.59 4.06
CA LEU A 113 -6.82 -4.91 5.01
C LEU A 113 -7.26 -4.54 6.43
N SER A 114 -6.46 -4.98 7.41
CA SER A 114 -6.71 -4.73 8.83
C SER A 114 -5.41 -4.88 9.62
N SER A 115 -4.91 -3.76 10.19
CA SER A 115 -3.72 -3.73 11.06
C SER A 115 -4.02 -4.35 12.45
N GLN A 116 -5.30 -4.67 12.70
CA GLN A 116 -5.76 -5.40 13.90
C GLN A 116 -6.12 -6.85 13.51
N PRO A 117 -5.97 -7.84 14.46
CA PRO A 117 -6.30 -9.27 14.21
C PRO A 117 -7.82 -9.51 14.09
N PHE A 118 -8.19 -10.74 13.68
CA PHE A 118 -9.60 -11.13 13.43
C PHE A 118 -10.39 -11.29 14.75
N SER A 119 -9.64 -11.47 15.86
CA SER A 119 -10.19 -11.49 17.23
C SER A 119 -9.30 -10.59 18.13
N GLY A 1 17.71 -8.36 14.73
CA GLY A 1 17.01 -8.02 16.00
C GLY A 1 17.18 -6.56 16.36
N SER A 2 16.62 -5.66 15.53
CA SER A 2 16.75 -4.20 15.71
C SER A 2 15.53 -3.46 15.13
N HIS A 3 15.38 -2.18 15.54
CA HIS A 3 14.31 -1.28 15.10
C HIS A 3 14.72 0.19 15.31
N MET A 4 14.69 0.98 14.22
CA MET A 4 14.76 2.47 14.28
C MET A 4 13.42 3.08 13.78
N MET A 5 12.43 2.19 13.64
CA MET A 5 11.10 2.49 13.12
C MET A 5 10.09 1.54 13.80
N SER A 6 8.78 1.82 13.67
CA SER A 6 7.71 1.00 14.24
C SER A 6 7.55 -0.35 13.48
N THR A 7 6.61 -1.19 13.97
CA THR A 7 6.28 -2.49 13.39
C THR A 7 4.75 -2.69 13.43
N VAL A 8 4.16 -3.14 12.31
CA VAL A 8 2.69 -3.35 12.15
C VAL A 8 2.39 -4.60 11.33
N CYS A 9 1.17 -5.14 11.54
CA CYS A 9 0.60 -6.21 10.73
C CYS A 9 -0.78 -5.76 10.21
N VAL A 10 -0.87 -5.47 8.91
CA VAL A 10 -2.16 -5.21 8.24
C VAL A 10 -2.69 -6.52 7.67
N TYR A 11 -3.86 -6.92 8.12
CA TYR A 11 -4.47 -8.19 7.74
C TYR A 11 -5.29 -7.97 6.46
N VAL A 12 -4.66 -8.31 5.32
CA VAL A 12 -5.18 -8.00 3.98
C VAL A 12 -6.38 -8.89 3.66
N ASN A 13 -7.57 -8.32 3.85
CA ASN A 13 -8.84 -9.01 3.69
C ASN A 13 -9.33 -8.83 2.25
N LYS A 14 -8.87 -9.73 1.36
CA LYS A 14 -9.31 -9.78 -0.05
C LYS A 14 -10.76 -10.31 -0.15
N HIS A 15 -11.27 -10.90 0.97
CA HIS A 15 -12.69 -11.26 1.12
C HIS A 15 -13.56 -9.99 1.30
N GLY A 16 -12.91 -8.88 1.69
CA GLY A 16 -13.54 -7.54 1.70
C GLY A 16 -13.64 -6.95 0.30
N ASN A 17 -13.59 -5.60 0.19
CA ASN A 17 -13.70 -4.91 -1.11
C ASN A 17 -12.34 -4.89 -1.82
N PHE A 18 -12.38 -5.04 -3.14
CA PHE A 18 -11.19 -5.10 -4.01
C PHE A 18 -10.81 -3.68 -4.36
N GLY A 19 -11.78 -2.95 -4.93
CA GLY A 19 -11.57 -1.60 -5.40
C GLY A 19 -12.82 -0.73 -5.36
N PRO A 20 -13.69 -0.69 -6.41
CA PRO A 20 -13.64 -1.59 -7.60
C PRO A 20 -12.68 -1.11 -8.72
N HIS A 21 -11.96 0.00 -8.43
CA HIS A 21 -10.94 0.56 -9.34
C HIS A 21 -9.69 -0.35 -9.38
N LEU A 22 -9.62 -1.32 -8.44
CA LEU A 22 -8.58 -2.36 -8.37
C LEU A 22 -9.13 -3.66 -8.97
N ASP A 23 -8.25 -4.40 -9.66
CA ASP A 23 -8.60 -5.66 -10.33
C ASP A 23 -8.89 -6.76 -9.30
N PRO A 24 -10.11 -7.38 -9.32
CA PRO A 24 -10.57 -8.34 -8.28
C PRO A 24 -9.74 -9.64 -8.21
N LYS A 25 -9.04 -10.02 -9.30
CA LYS A 25 -8.26 -11.28 -9.35
C LYS A 25 -6.88 -11.09 -8.73
N ARG A 26 -6.24 -9.95 -9.08
CA ARG A 26 -4.91 -9.57 -8.60
C ARG A 26 -4.90 -9.28 -7.09
N ILE A 27 -5.97 -8.65 -6.62
CA ILE A 27 -6.25 -8.43 -5.18
C ILE A 27 -6.18 -9.75 -4.35
N GLN A 28 -6.49 -10.89 -4.99
CA GLN A 28 -6.47 -12.22 -4.34
C GLN A 28 -5.04 -12.83 -4.33
N GLN A 29 -4.15 -12.31 -5.20
CA GLN A 29 -2.79 -12.88 -5.44
C GLN A 29 -1.80 -12.49 -4.35
N LEU A 30 -1.84 -11.19 -3.95
CA LEU A 30 -1.02 -10.66 -2.84
C LEU A 30 -1.44 -11.33 -1.51
N PRO A 31 -0.54 -11.45 -0.47
CA PRO A 31 -0.81 -12.27 0.74
C PRO A 31 -2.03 -11.78 1.56
N ASP A 32 -2.48 -12.65 2.47
CA ASP A 32 -3.67 -12.41 3.32
C ASP A 32 -3.33 -11.52 4.53
N HIS A 33 -2.03 -11.23 4.73
CA HIS A 33 -1.55 -10.26 5.73
C HIS A 33 -0.11 -9.82 5.43
N PHE A 34 0.15 -8.51 5.57
CA PHE A 34 1.50 -7.92 5.53
C PHE A 34 1.94 -7.62 6.97
N GLY A 35 2.82 -8.48 7.53
CA GLY A 35 3.37 -8.26 8.87
C GLY A 35 3.18 -9.45 9.81
N PRO A 36 3.54 -9.34 11.14
CA PRO A 36 4.12 -8.11 11.74
C PRO A 36 5.60 -7.88 11.32
N GLY A 37 5.86 -6.65 10.82
CA GLY A 37 7.16 -6.25 10.30
C GLY A 37 7.26 -4.72 10.20
N PRO A 38 8.33 -4.16 9.57
CA PRO A 38 8.63 -2.70 9.63
C PRO A 38 7.53 -1.83 8.99
N VAL A 39 7.10 -0.81 9.75
CA VAL A 39 6.04 0.17 9.40
C VAL A 39 6.18 0.71 7.95
N ASN A 40 7.40 1.16 7.62
CA ASN A 40 7.76 1.74 6.30
C ASN A 40 7.50 0.75 5.15
N VAL A 41 7.87 -0.51 5.35
CA VAL A 41 7.76 -1.55 4.30
C VAL A 41 6.30 -2.00 4.17
N VAL A 42 5.66 -2.37 5.30
CA VAL A 42 4.26 -2.85 5.33
C VAL A 42 3.28 -1.88 4.61
N LEU A 43 3.44 -0.56 4.85
CA LEU A 43 2.58 0.46 4.20
C LEU A 43 2.86 0.55 2.70
N ARG A 44 4.14 0.47 2.31
CA ARG A 44 4.56 0.61 0.89
C ARG A 44 4.17 -0.64 0.10
N ARG A 45 4.05 -1.80 0.79
CA ARG A 45 3.65 -3.07 0.16
C ARG A 45 2.18 -2.99 -0.28
N ILE A 46 1.35 -2.28 0.52
CA ILE A 46 -0.05 -2.01 0.18
C ILE A 46 -0.10 -1.14 -1.09
N VAL A 47 0.72 -0.08 -1.09
CA VAL A 47 0.74 0.92 -2.18
C VAL A 47 1.19 0.26 -3.50
N GLN A 48 2.43 -0.29 -3.53
CA GLN A 48 3.02 -0.89 -4.75
C GLN A 48 2.20 -2.07 -5.30
N ALA A 49 1.50 -2.80 -4.40
CA ALA A 49 0.61 -3.89 -4.82
C ALA A 49 -0.63 -3.32 -5.52
N CYS A 50 -1.38 -2.49 -4.80
CA CYS A 50 -2.69 -1.99 -5.23
C CYS A 50 -2.63 -1.07 -6.48
N VAL A 51 -1.54 -0.29 -6.65
CA VAL A 51 -1.36 0.56 -7.86
C VAL A 51 -1.12 -0.35 -9.07
N ASP A 52 -0.22 -1.30 -8.90
CA ASP A 52 0.21 -2.23 -9.96
C ASP A 52 -0.87 -3.31 -10.25
N CYS A 53 -1.78 -3.52 -9.27
CA CYS A 53 -2.91 -4.47 -9.39
C CYS A 53 -4.21 -3.71 -9.73
N ALA A 54 -4.08 -2.41 -10.06
CA ALA A 54 -5.22 -1.55 -10.36
C ALA A 54 -5.65 -1.63 -11.82
N LEU A 55 -6.95 -1.39 -12.04
CA LEU A 55 -7.52 -1.05 -13.34
C LEU A 55 -7.28 0.45 -13.58
N GLU A 56 -6.60 0.79 -14.70
CA GLU A 56 -6.19 2.17 -15.05
C GLU A 56 -5.13 2.68 -14.03
N THR A 57 -4.02 1.91 -13.95
CA THR A 57 -2.84 2.16 -13.09
C THR A 57 -2.26 3.58 -13.30
N LYS A 58 -2.33 4.06 -14.54
CA LYS A 58 -1.82 5.39 -14.97
C LYS A 58 -2.43 6.56 -14.16
N THR A 59 -3.73 6.46 -13.85
CA THR A 59 -4.44 7.47 -13.05
C THR A 59 -4.19 7.25 -11.55
N VAL A 60 -4.10 5.96 -11.18
CA VAL A 60 -3.82 5.53 -9.79
C VAL A 60 -2.44 6.04 -9.32
N PHE A 61 -1.49 6.01 -10.26
CA PHE A 61 -0.11 6.44 -10.04
C PHE A 61 -0.02 7.96 -9.82
N GLY A 62 -1.08 8.68 -10.26
CA GLY A 62 -1.22 10.12 -10.03
C GLY A 62 -1.51 10.49 -8.57
N TYR A 63 -2.07 9.54 -7.78
CA TYR A 63 -2.40 9.77 -6.35
C TYR A 63 -1.14 9.70 -5.45
N LEU A 64 -0.01 9.25 -6.03
CA LEU A 64 1.28 9.15 -5.32
C LEU A 64 2.38 9.83 -6.17
N LYS A 65 2.99 10.89 -5.61
CA LYS A 65 4.05 11.68 -6.28
C LYS A 65 5.46 11.19 -5.86
N PRO A 66 6.52 11.46 -6.68
CA PRO A 66 7.93 11.31 -6.23
C PRO A 66 8.29 12.36 -5.16
N ASP A 67 9.25 12.03 -4.29
CA ASP A 67 9.61 12.88 -3.15
C ASP A 67 11.09 12.70 -2.77
N ASN A 68 11.78 13.83 -2.50
CA ASN A 68 13.25 13.86 -2.32
C ASN A 68 13.64 13.64 -0.83
N ARG A 69 12.63 13.25 -0.02
CA ARG A 69 12.80 12.81 1.37
C ARG A 69 13.71 11.57 1.46
N GLY A 70 13.63 10.69 0.45
CA GLY A 70 14.44 9.45 0.42
C GLY A 70 13.81 8.30 1.18
N GLY A 71 12.47 8.30 1.27
CA GLY A 71 11.73 7.30 2.03
C GLY A 71 11.54 5.99 1.29
N GLU A 72 10.30 5.70 0.89
CA GLU A 72 9.94 4.43 0.22
C GLU A 72 10.08 4.58 -1.31
N VAL A 73 9.95 3.46 -2.03
CA VAL A 73 9.94 3.44 -3.51
C VAL A 73 8.76 2.60 -3.99
N ILE A 74 7.95 3.14 -4.93
CA ILE A 74 6.82 2.37 -5.54
C ILE A 74 7.08 2.18 -7.04
N THR A 75 6.91 0.93 -7.48
CA THR A 75 6.95 0.54 -8.89
C THR A 75 5.53 0.18 -9.36
N ALA A 76 5.17 0.64 -10.56
CA ALA A 76 3.78 0.59 -11.06
C ALA A 76 3.75 0.68 -12.60
N SER A 77 3.04 -0.27 -13.24
CA SER A 77 3.00 -0.39 -14.71
C SER A 77 2.29 0.82 -15.39
N PHE A 78 3.11 1.73 -15.95
CA PHE A 78 2.66 2.91 -16.69
C PHE A 78 3.51 3.05 -17.97
N ASP A 79 2.84 3.35 -19.10
CA ASP A 79 3.49 3.61 -20.42
C ASP A 79 4.18 2.31 -20.97
N GLY A 80 3.80 1.15 -20.41
CA GLY A 80 4.34 -0.16 -20.80
C GLY A 80 5.46 -0.67 -19.91
N GLU A 81 6.04 0.22 -19.08
CA GLU A 81 7.15 -0.14 -18.14
C GLU A 81 6.67 0.06 -16.71
N THR A 82 7.43 -0.46 -15.73
CA THR A 82 7.11 -0.22 -14.30
C THR A 82 7.83 1.06 -13.83
N HIS A 83 7.05 2.16 -13.71
CA HIS A 83 7.59 3.47 -13.31
C HIS A 83 7.85 3.47 -11.80
N SER A 84 9.06 3.94 -11.44
CA SER A 84 9.55 3.97 -10.05
C SER A 84 9.64 5.43 -9.54
N ILE A 85 9.10 5.69 -8.34
CA ILE A 85 9.15 7.00 -7.66
C ILE A 85 9.58 6.81 -6.18
N GLN A 86 9.80 7.93 -5.47
CA GLN A 86 10.08 7.92 -4.02
C GLN A 86 8.93 8.57 -3.23
N LEU A 87 8.72 8.06 -2.01
CA LEU A 87 7.69 8.54 -1.06
C LEU A 87 8.40 9.12 0.19
N PRO A 88 7.69 9.87 1.09
CA PRO A 88 8.26 10.26 2.41
C PRO A 88 8.34 9.05 3.39
N PRO A 89 9.39 8.99 4.29
CA PRO A 89 9.51 7.91 5.29
C PRO A 89 8.68 8.20 6.55
N VAL A 90 8.38 7.15 7.32
CA VAL A 90 7.63 7.24 8.59
C VAL A 90 8.40 6.52 9.70
N ASN A 91 7.90 6.63 10.94
CA ASN A 91 8.43 5.86 12.09
C ASN A 91 7.34 5.59 13.13
N SER A 92 6.04 5.72 12.73
CA SER A 92 4.92 5.53 13.66
C SER A 92 3.94 4.46 13.15
N ALA A 93 3.44 3.65 14.08
CA ALA A 93 2.55 2.51 13.79
C ALA A 93 1.13 2.98 13.45
N SER A 94 0.73 4.08 14.08
CA SER A 94 -0.54 4.76 13.78
C SER A 94 -0.51 5.43 12.40
N PHE A 95 0.72 5.77 11.92
CA PHE A 95 0.89 6.45 10.61
C PHE A 95 0.98 5.41 9.49
N ALA A 96 1.35 4.15 9.84
CA ALA A 96 1.44 3.01 8.90
C ALA A 96 0.14 2.83 8.13
N LEU A 97 -0.90 2.48 8.91
CA LEU A 97 -2.25 2.21 8.41
C LEU A 97 -2.84 3.49 7.78
N ARG A 98 -2.54 4.64 8.41
CA ARG A 98 -3.03 5.97 7.99
C ARG A 98 -2.47 6.39 6.61
N PHE A 99 -1.25 5.92 6.28
CA PHE A 99 -0.54 6.35 5.07
C PHE A 99 -1.23 5.74 3.84
N LEU A 100 -1.56 4.46 4.01
CA LEU A 100 -2.13 3.62 2.96
C LEU A 100 -3.67 3.75 2.97
N GLU A 101 -4.21 4.32 4.08
CA GLU A 101 -5.66 4.53 4.28
C GLU A 101 -6.18 5.62 3.33
N ASN A 102 -5.47 6.76 3.31
CA ASN A 102 -5.73 7.88 2.39
C ASN A 102 -5.62 7.42 0.92
N PHE A 103 -4.64 6.54 0.69
CA PHE A 103 -4.37 5.93 -0.62
C PHE A 103 -5.53 5.00 -1.07
N CYS A 104 -5.93 4.07 -0.18
CA CYS A 104 -6.97 3.06 -0.48
C CYS A 104 -8.37 3.72 -0.54
N HIS A 105 -8.49 4.90 0.10
CA HIS A 105 -9.69 5.74 0.06
C HIS A 105 -9.92 6.29 -1.36
N SER A 106 -8.80 6.66 -2.03
CA SER A 106 -8.79 7.16 -3.42
C SER A 106 -9.22 6.04 -4.41
N LEU A 107 -8.91 4.78 -4.02
CA LEU A 107 -9.24 3.58 -4.82
C LEU A 107 -10.68 3.11 -4.54
N GLN A 108 -11.27 3.66 -3.45
CA GLN A 108 -12.62 3.33 -2.92
C GLN A 108 -12.65 1.94 -2.27
N CYS A 109 -11.46 1.30 -2.11
CA CYS A 109 -11.33 -0.03 -1.53
C CYS A 109 -11.32 0.08 0.00
N ASP A 110 -12.11 -0.78 0.65
CA ASP A 110 -12.34 -0.73 2.09
C ASP A 110 -12.58 -2.14 2.61
N ASN A 111 -12.14 -2.40 3.85
CA ASN A 111 -12.06 -3.75 4.44
C ASN A 111 -11.12 -4.64 3.60
N LEU A 112 -10.20 -4.00 2.83
CA LEU A 112 -9.17 -4.69 2.05
C LEU A 112 -7.96 -5.02 2.95
N LEU A 113 -7.92 -4.36 4.11
CA LEU A 113 -6.93 -4.59 5.15
C LEU A 113 -7.46 -4.04 6.47
N SER A 114 -6.74 -4.34 7.56
CA SER A 114 -7.04 -3.87 8.91
C SER A 114 -5.80 -4.13 9.77
N SER A 115 -5.15 -3.06 10.27
CA SER A 115 -3.93 -3.19 11.10
C SER A 115 -4.23 -3.91 12.44
N GLN A 116 -5.53 -3.96 12.80
CA GLN A 116 -6.04 -4.72 13.96
C GLN A 116 -6.53 -6.11 13.48
N PRO A 117 -6.48 -7.19 14.34
CA PRO A 117 -6.92 -8.55 13.95
C PRO A 117 -8.45 -8.70 13.90
N PHE A 118 -8.90 -9.83 13.32
CA PHE A 118 -10.33 -10.17 13.22
C PHE A 118 -10.89 -10.61 14.59
N SER A 119 -9.97 -11.14 15.43
CA SER A 119 -10.23 -11.42 16.85
C SER A 119 -8.94 -11.06 17.66
N GLY A 1 20.20 -1.63 10.99
CA GLY A 1 20.54 -0.99 12.27
C GLY A 1 19.53 -1.31 13.35
N SER A 2 19.26 -0.32 14.22
CA SER A 2 18.25 -0.42 15.30
C SER A 2 16.83 -0.17 14.76
N HIS A 3 15.82 -0.32 15.64
CA HIS A 3 14.41 -0.07 15.31
C HIS A 3 14.13 1.46 15.37
N MET A 4 14.76 2.23 14.46
CA MET A 4 14.51 3.68 14.33
C MET A 4 13.16 3.93 13.64
N MET A 5 12.67 2.89 12.96
CA MET A 5 11.32 2.83 12.38
C MET A 5 10.42 2.03 13.32
N SER A 6 9.10 2.23 13.22
CA SER A 6 8.10 1.47 13.97
C SER A 6 7.86 0.09 13.30
N THR A 7 6.93 -0.71 13.86
CA THR A 7 6.59 -2.05 13.34
C THR A 7 5.06 -2.28 13.40
N VAL A 8 4.49 -2.85 12.31
CA VAL A 8 3.05 -3.11 12.17
C VAL A 8 2.80 -4.45 11.44
N CYS A 9 1.57 -4.96 11.59
CA CYS A 9 1.06 -6.09 10.80
C CYS A 9 -0.34 -5.73 10.32
N VAL A 10 -0.62 -5.94 9.02
CA VAL A 10 -1.96 -5.76 8.45
C VAL A 10 -2.47 -7.09 7.89
N TYR A 11 -3.79 -7.22 7.83
CA TYR A 11 -4.47 -8.39 7.25
C TYR A 11 -5.16 -7.94 5.97
N VAL A 12 -4.53 -8.23 4.82
CA VAL A 12 -5.06 -7.89 3.50
C VAL A 12 -6.28 -8.79 3.19
N ASN A 13 -7.45 -8.32 3.61
CA ASN A 13 -8.71 -9.04 3.46
C ASN A 13 -9.25 -8.82 2.05
N LYS A 14 -8.89 -9.75 1.15
CA LYS A 14 -9.33 -9.73 -0.24
C LYS A 14 -10.80 -10.21 -0.37
N HIS A 15 -11.39 -10.67 0.76
CA HIS A 15 -12.81 -11.02 0.84
C HIS A 15 -13.69 -9.77 1.11
N GLY A 16 -13.04 -8.64 1.49
CA GLY A 16 -13.73 -7.37 1.68
C GLY A 16 -14.13 -6.72 0.37
N ASN A 17 -13.51 -5.58 0.02
CA ASN A 17 -13.70 -4.91 -1.27
C ASN A 17 -12.35 -4.80 -1.99
N PHE A 18 -12.38 -5.05 -3.29
CA PHE A 18 -11.21 -5.03 -4.18
C PHE A 18 -10.79 -3.58 -4.42
N GLY A 19 -11.71 -2.79 -4.96
CA GLY A 19 -11.44 -1.41 -5.34
C GLY A 19 -12.71 -0.58 -5.35
N PRO A 20 -13.50 -0.51 -6.48
CA PRO A 20 -13.32 -1.36 -7.69
C PRO A 20 -12.31 -0.80 -8.71
N HIS A 21 -11.50 0.19 -8.28
CA HIS A 21 -10.38 0.72 -9.09
C HIS A 21 -9.21 -0.27 -9.14
N LEU A 22 -9.30 -1.36 -8.34
CA LEU A 22 -8.29 -2.42 -8.27
C LEU A 22 -8.87 -3.71 -8.88
N ASP A 23 -8.01 -4.49 -9.58
CA ASP A 23 -8.41 -5.73 -10.26
C ASP A 23 -8.81 -6.81 -9.23
N PRO A 24 -10.10 -7.30 -9.27
CA PRO A 24 -10.65 -8.26 -8.28
C PRO A 24 -9.79 -9.53 -8.09
N LYS A 25 -9.18 -10.05 -9.18
CA LYS A 25 -8.50 -11.36 -9.17
C LYS A 25 -7.11 -11.22 -8.54
N ARG A 26 -6.38 -10.18 -8.97
CA ARG A 26 -5.02 -9.88 -8.50
C ARG A 26 -4.98 -9.54 -7.02
N ILE A 27 -6.04 -8.85 -6.57
CA ILE A 27 -6.30 -8.57 -5.15
C ILE A 27 -6.34 -9.88 -4.31
N GLN A 28 -6.81 -10.98 -4.94
CA GLN A 28 -6.83 -12.31 -4.29
C GLN A 28 -5.42 -12.96 -4.31
N GLN A 29 -4.68 -12.72 -5.42
CA GLN A 29 -3.39 -13.40 -5.70
C GLN A 29 -2.26 -12.93 -4.77
N LEU A 30 -2.30 -11.64 -4.38
CA LEU A 30 -1.34 -11.06 -3.43
C LEU A 30 -1.61 -11.60 -2.00
N PRO A 31 -0.60 -11.63 -1.06
CA PRO A 31 -0.75 -12.24 0.29
C PRO A 31 -1.97 -11.71 1.08
N ASP A 32 -2.52 -12.61 1.92
CA ASP A 32 -3.71 -12.36 2.77
C ASP A 32 -3.35 -11.46 3.98
N HIS A 33 -2.05 -11.24 4.21
CA HIS A 33 -1.55 -10.42 5.32
C HIS A 33 -0.09 -10.03 5.11
N PHE A 34 0.26 -8.82 5.55
CA PHE A 34 1.64 -8.29 5.60
C PHE A 34 2.04 -8.09 7.07
N GLY A 35 3.35 -8.04 7.33
CA GLY A 35 3.88 -7.90 8.68
C GLY A 35 3.85 -9.21 9.48
N PRO A 36 4.31 -9.23 10.77
CA PRO A 36 4.79 -8.03 11.49
C PRO A 36 6.24 -7.66 11.09
N GLY A 37 6.44 -6.39 10.73
CA GLY A 37 7.72 -5.89 10.29
C GLY A 37 7.72 -4.37 10.17
N PRO A 38 8.73 -3.76 9.47
CA PRO A 38 8.95 -2.29 9.48
C PRO A 38 7.78 -1.49 8.85
N VAL A 39 7.38 -0.43 9.58
CA VAL A 39 6.29 0.53 9.23
C VAL A 39 6.41 1.01 7.76
N ASN A 40 7.66 1.25 7.35
CA ASN A 40 8.03 1.70 5.99
C ASN A 40 7.59 0.69 4.92
N VAL A 41 8.01 -0.57 5.12
CA VAL A 41 7.80 -1.65 4.14
C VAL A 41 6.35 -2.11 4.13
N VAL A 42 5.76 -2.36 5.31
CA VAL A 42 4.39 -2.90 5.41
C VAL A 42 3.35 -1.96 4.72
N LEU A 43 3.52 -0.62 4.86
CA LEU A 43 2.59 0.35 4.23
C LEU A 43 2.80 0.39 2.71
N ARG A 44 4.08 0.41 2.28
CA ARG A 44 4.42 0.59 0.84
C ARG A 44 4.08 -0.68 0.06
N ARG A 45 4.06 -1.82 0.75
CA ARG A 45 3.66 -3.12 0.16
C ARG A 45 2.18 -3.10 -0.22
N ILE A 46 1.35 -2.43 0.59
CA ILE A 46 -0.08 -2.25 0.30
C ILE A 46 -0.25 -1.37 -0.94
N VAL A 47 0.33 -0.15 -0.87
CA VAL A 47 0.19 0.86 -1.93
C VAL A 47 0.68 0.33 -3.29
N GLN A 48 1.92 -0.21 -3.35
CA GLN A 48 2.53 -0.68 -4.62
C GLN A 48 1.76 -1.86 -5.22
N ALA A 49 1.23 -2.75 -4.35
CA ALA A 49 0.40 -3.88 -4.77
C ALA A 49 -0.93 -3.38 -5.34
N CYS A 50 -1.47 -2.32 -4.73
CA CYS A 50 -2.73 -1.70 -5.16
C CYS A 50 -2.57 -1.01 -6.54
N VAL A 51 -1.53 -0.16 -6.69
CA VAL A 51 -1.31 0.64 -7.92
C VAL A 51 -1.06 -0.30 -9.12
N ASP A 52 -0.15 -1.27 -8.94
CA ASP A 52 0.23 -2.20 -10.02
C ASP A 52 -0.93 -3.16 -10.39
N CYS A 53 -1.72 -3.60 -9.37
CA CYS A 53 -2.90 -4.47 -9.60
C CYS A 53 -4.14 -3.64 -9.98
N ALA A 54 -4.00 -2.30 -10.02
CA ALA A 54 -5.13 -1.39 -10.32
C ALA A 54 -5.57 -1.46 -11.77
N LEU A 55 -6.89 -1.48 -11.98
CA LEU A 55 -7.51 -1.26 -13.28
C LEU A 55 -7.25 0.20 -13.67
N GLU A 56 -6.51 0.40 -14.77
CA GLU A 56 -6.08 1.74 -15.24
C GLU A 56 -5.12 2.38 -14.21
N THR A 57 -3.96 1.73 -14.08
CA THR A 57 -2.90 2.06 -13.11
C THR A 57 -2.44 3.54 -13.19
N LYS A 58 -2.42 4.09 -14.41
CA LYS A 58 -1.95 5.47 -14.70
C LYS A 58 -2.73 6.56 -13.95
N THR A 59 -4.04 6.32 -13.77
CA THR A 59 -4.95 7.25 -13.08
C THR A 59 -4.81 7.09 -11.56
N VAL A 60 -4.63 5.83 -11.16
CA VAL A 60 -4.41 5.44 -9.75
C VAL A 60 -3.02 5.91 -9.25
N PHE A 61 -2.06 5.97 -10.18
CA PHE A 61 -0.68 6.44 -9.94
C PHE A 61 -0.67 7.97 -9.75
N GLY A 62 -1.73 8.63 -10.24
CA GLY A 62 -1.90 10.08 -10.13
C GLY A 62 -2.02 10.61 -8.70
N TYR A 63 -2.28 9.71 -7.73
CA TYR A 63 -2.49 10.10 -6.31
C TYR A 63 -1.18 10.00 -5.50
N LEU A 64 -0.07 9.67 -6.17
CA LEU A 64 1.24 9.51 -5.52
C LEU A 64 2.38 9.92 -6.50
N LYS A 65 2.99 11.09 -6.24
CA LYS A 65 4.17 11.60 -6.98
C LYS A 65 5.46 11.22 -6.22
N PRO A 66 6.66 11.23 -6.89
CA PRO A 66 7.96 10.93 -6.22
C PRO A 66 8.34 11.97 -5.14
N ASP A 67 9.30 11.55 -4.31
CA ASP A 67 9.83 12.31 -3.15
C ASP A 67 11.37 12.40 -3.27
N ASN A 68 12.00 13.33 -2.53
CA ASN A 68 13.46 13.54 -2.56
C ASN A 68 14.05 13.56 -1.16
N ARG A 69 13.48 12.72 -0.28
CA ARG A 69 14.03 12.45 1.06
C ARG A 69 14.51 10.99 1.16
N GLY A 70 13.73 10.06 0.55
CA GLY A 70 14.12 8.65 0.46
C GLY A 70 13.45 7.75 1.48
N GLY A 71 12.14 7.95 1.69
CA GLY A 71 11.36 7.14 2.63
C GLY A 71 10.95 5.80 2.03
N GLU A 72 9.66 5.67 1.70
CA GLU A 72 9.12 4.43 1.08
C GLU A 72 9.37 4.44 -0.44
N VAL A 73 9.06 3.31 -1.10
CA VAL A 73 9.23 3.13 -2.57
C VAL A 73 8.02 2.37 -3.11
N ILE A 74 7.42 2.89 -4.21
CA ILE A 74 6.27 2.25 -4.88
C ILE A 74 6.65 1.88 -6.30
N THR A 75 6.31 0.64 -6.70
CA THR A 75 6.47 0.15 -8.07
C THR A 75 5.10 0.00 -8.74
N ALA A 76 5.02 0.44 -10.02
CA ALA A 76 3.77 0.49 -10.78
C ALA A 76 4.03 0.44 -12.30
N SER A 77 3.26 -0.39 -13.02
CA SER A 77 3.35 -0.50 -14.47
C SER A 77 2.65 0.72 -15.15
N PHE A 78 3.44 1.53 -15.86
CA PHE A 78 3.00 2.78 -16.49
C PHE A 78 3.90 3.08 -17.70
N ASP A 79 3.29 3.59 -18.80
CA ASP A 79 4.00 4.06 -20.02
C ASP A 79 4.78 2.91 -20.73
N GLY A 80 4.45 1.66 -20.39
CA GLY A 80 5.10 0.47 -20.94
C GLY A 80 6.18 -0.10 -20.03
N GLU A 81 6.66 0.73 -19.07
CA GLU A 81 7.77 0.37 -18.15
C GLU A 81 7.26 0.15 -16.72
N THR A 82 8.11 -0.45 -15.88
CA THR A 82 7.89 -0.49 -14.43
C THR A 82 8.54 0.76 -13.80
N HIS A 83 7.69 1.72 -13.43
CA HIS A 83 8.14 2.99 -12.82
C HIS A 83 8.08 2.90 -11.29
N SER A 84 9.20 3.27 -10.64
CA SER A 84 9.32 3.26 -9.17
C SER A 84 9.58 4.69 -8.68
N ILE A 85 8.84 5.11 -7.63
CA ILE A 85 8.96 6.46 -7.04
C ILE A 85 9.40 6.35 -5.58
N GLN A 86 9.55 7.51 -4.94
CA GLN A 86 9.79 7.62 -3.50
C GLN A 86 8.56 8.23 -2.80
N LEU A 87 8.37 7.87 -1.53
CA LEU A 87 7.36 8.46 -0.64
C LEU A 87 8.08 9.14 0.54
N PRO A 88 7.49 10.22 1.15
CA PRO A 88 8.08 10.86 2.36
C PRO A 88 8.17 9.88 3.56
N PRO A 89 9.37 9.79 4.24
CA PRO A 89 9.62 8.77 5.30
C PRO A 89 8.66 8.86 6.51
N VAL A 90 8.22 7.68 6.97
CA VAL A 90 7.44 7.52 8.21
C VAL A 90 8.31 6.83 9.28
N ASN A 91 7.84 6.84 10.54
CA ASN A 91 8.48 6.08 11.63
C ASN A 91 7.49 5.79 12.77
N SER A 92 6.17 5.95 12.50
CA SER A 92 5.11 5.73 13.51
C SER A 92 4.11 4.68 12.99
N ALA A 93 3.63 3.82 13.91
CA ALA A 93 2.81 2.63 13.57
C ALA A 93 1.42 3.01 13.07
N SER A 94 0.82 4.03 13.69
CA SER A 94 -0.47 4.58 13.27
C SER A 94 -0.34 5.33 11.92
N PHE A 95 0.91 5.75 11.56
CA PHE A 95 1.17 6.48 10.30
C PHE A 95 1.36 5.48 9.15
N ALA A 96 1.73 4.21 9.50
CA ALA A 96 1.77 3.09 8.53
C ALA A 96 0.43 3.03 7.81
N LEU A 97 -0.60 2.81 8.64
CA LEU A 97 -1.98 2.59 8.22
C LEU A 97 -2.49 3.82 7.48
N ARG A 98 -2.36 4.97 8.16
CA ARG A 98 -2.82 6.29 7.68
C ARG A 98 -2.36 6.58 6.24
N PHE A 99 -1.09 6.20 5.94
CA PHE A 99 -0.45 6.51 4.66
C PHE A 99 -1.22 5.82 3.51
N LEU A 100 -1.52 4.51 3.66
CA LEU A 100 -2.29 3.80 2.62
C LEU A 100 -3.81 4.01 2.77
N GLU A 101 -4.30 4.48 3.95
CA GLU A 101 -5.76 4.65 4.16
C GLU A 101 -6.28 5.81 3.30
N ASN A 102 -5.51 6.91 3.27
CA ASN A 102 -5.82 8.09 2.45
C ASN A 102 -5.82 7.73 0.95
N PHE A 103 -4.88 6.85 0.57
CA PHE A 103 -4.73 6.36 -0.80
C PHE A 103 -5.91 5.43 -1.19
N CYS A 104 -6.20 4.47 -0.32
CA CYS A 104 -7.26 3.46 -0.50
C CYS A 104 -8.66 4.09 -0.45
N HIS A 105 -8.73 5.28 0.20
CA HIS A 105 -9.96 6.09 0.28
C HIS A 105 -10.35 6.61 -1.13
N SER A 106 -9.33 6.94 -1.93
CA SER A 106 -9.51 7.41 -3.32
C SER A 106 -9.81 6.22 -4.26
N LEU A 107 -9.30 5.03 -3.89
CA LEU A 107 -9.55 3.78 -4.63
C LEU A 107 -10.96 3.22 -4.34
N GLN A 108 -11.56 3.72 -3.24
CA GLN A 108 -12.88 3.30 -2.70
C GLN A 108 -12.81 1.89 -2.07
N CYS A 109 -11.59 1.32 -1.97
CA CYS A 109 -11.39 -0.05 -1.48
C CYS A 109 -11.50 -0.05 0.04
N ASP A 110 -12.28 -0.99 0.57
CA ASP A 110 -12.76 -0.95 1.96
C ASP A 110 -12.89 -2.36 2.51
N ASN A 111 -12.54 -2.53 3.81
CA ASN A 111 -12.33 -3.85 4.46
C ASN A 111 -11.22 -4.64 3.74
N LEU A 112 -10.36 -3.92 2.97
CA LEU A 112 -9.27 -4.54 2.19
C LEU A 112 -8.05 -4.83 3.08
N LEU A 113 -7.92 -4.09 4.19
CA LEU A 113 -6.87 -4.34 5.20
C LEU A 113 -7.29 -3.80 6.57
N SER A 114 -6.63 -4.32 7.61
CA SER A 114 -6.87 -3.95 9.01
C SER A 114 -5.69 -4.42 9.87
N SER A 115 -5.18 -3.54 10.74
CA SER A 115 -4.02 -3.84 11.59
C SER A 115 -4.41 -4.64 12.85
N GLN A 116 -5.73 -4.91 13.00
CA GLN A 116 -6.31 -5.63 14.13
C GLN A 116 -5.95 -7.13 14.05
N PRO A 117 -5.07 -7.63 14.97
CA PRO A 117 -4.70 -9.06 15.00
C PRO A 117 -5.63 -9.88 15.89
N PHE A 118 -5.44 -11.21 15.90
CA PHE A 118 -6.19 -12.12 16.77
C PHE A 118 -5.62 -12.08 18.21
N SER A 119 -4.37 -11.64 18.32
CA SER A 119 -3.67 -11.47 19.60
C SER A 119 -4.06 -10.10 20.23
N GLY A 1 16.64 8.18 13.47
CA GLY A 1 17.80 8.49 14.33
C GLY A 1 18.24 7.28 15.15
N SER A 2 18.14 7.38 16.50
CA SER A 2 18.50 6.28 17.41
C SER A 2 17.34 5.26 17.50
N HIS A 3 16.10 5.78 17.44
CA HIS A 3 14.90 4.95 17.26
C HIS A 3 14.84 4.51 15.79
N MET A 4 14.72 3.19 15.58
CA MET A 4 14.56 2.60 14.23
C MET A 4 13.11 2.80 13.71
N MET A 5 12.76 2.07 12.66
CA MET A 5 11.37 2.02 12.17
C MET A 5 10.46 1.34 13.22
N SER A 6 9.18 1.73 13.23
CA SER A 6 8.15 1.02 14.00
C SER A 6 7.81 -0.33 13.31
N THR A 7 6.86 -1.08 13.89
CA THR A 7 6.40 -2.36 13.32
C THR A 7 4.86 -2.44 13.36
N VAL A 8 4.27 -2.97 12.27
CA VAL A 8 2.80 -3.17 12.13
C VAL A 8 2.50 -4.50 11.43
N CYS A 9 1.28 -5.00 11.66
CA CYS A 9 0.75 -6.19 10.99
C CYS A 9 -0.69 -5.89 10.53
N VAL A 10 -0.88 -5.73 9.22
CA VAL A 10 -2.22 -5.64 8.61
C VAL A 10 -2.63 -7.03 8.12
N TYR A 11 -3.94 -7.27 8.05
CA TYR A 11 -4.53 -8.51 7.54
C TYR A 11 -5.34 -8.17 6.30
N VAL A 12 -4.75 -8.41 5.11
CA VAL A 12 -5.34 -8.06 3.82
C VAL A 12 -6.54 -8.99 3.53
N ASN A 13 -7.75 -8.47 3.80
CA ASN A 13 -8.99 -9.18 3.57
C ASN A 13 -9.40 -9.00 2.11
N LYS A 14 -8.82 -9.85 1.23
CA LYS A 14 -9.12 -9.88 -0.20
C LYS A 14 -10.53 -10.49 -0.47
N HIS A 15 -11.18 -11.00 0.59
CA HIS A 15 -12.58 -11.46 0.54
C HIS A 15 -13.54 -10.24 0.61
N GLY A 16 -13.03 -9.10 1.13
CA GLY A 16 -13.78 -7.84 1.19
C GLY A 16 -13.76 -7.06 -0.12
N ASN A 17 -13.80 -5.72 -0.04
CA ASN A 17 -13.77 -4.84 -1.24
C ASN A 17 -12.36 -4.80 -1.82
N PHE A 18 -12.29 -4.81 -3.14
CA PHE A 18 -11.04 -4.81 -3.93
C PHE A 18 -10.64 -3.37 -4.20
N GLY A 19 -11.59 -2.61 -4.78
CA GLY A 19 -11.33 -1.24 -5.19
C GLY A 19 -12.62 -0.42 -5.24
N PRO A 20 -13.38 -0.42 -6.38
CA PRO A 20 -13.18 -1.31 -7.55
C PRO A 20 -12.21 -0.74 -8.61
N HIS A 21 -11.42 0.29 -8.23
CA HIS A 21 -10.30 0.79 -9.06
C HIS A 21 -9.14 -0.22 -9.10
N LEU A 22 -9.20 -1.23 -8.21
CA LEU A 22 -8.21 -2.32 -8.10
C LEU A 22 -8.84 -3.62 -8.64
N ASP A 23 -8.10 -4.34 -9.51
CA ASP A 23 -8.58 -5.62 -10.10
C ASP A 23 -8.68 -6.71 -9.02
N PRO A 24 -9.86 -7.40 -8.88
CA PRO A 24 -10.10 -8.41 -7.82
C PRO A 24 -9.12 -9.60 -7.87
N LYS A 25 -8.82 -10.10 -9.10
CA LYS A 25 -7.98 -11.30 -9.29
C LYS A 25 -6.53 -11.03 -8.85
N ARG A 26 -6.05 -9.81 -9.16
CA ARG A 26 -4.68 -9.37 -8.82
C ARG A 26 -4.58 -9.05 -7.32
N ILE A 27 -5.71 -8.59 -6.74
CA ILE A 27 -5.85 -8.35 -5.28
C ILE A 27 -5.70 -9.67 -4.47
N GLN A 28 -5.97 -10.83 -5.11
CA GLN A 28 -5.81 -12.16 -4.46
C GLN A 28 -4.34 -12.65 -4.54
N GLN A 29 -3.54 -12.03 -5.44
CA GLN A 29 -2.16 -12.51 -5.78
C GLN A 29 -1.14 -12.09 -4.72
N LEU A 30 -1.40 -10.95 -4.07
CA LEU A 30 -0.65 -10.52 -2.86
C LEU A 30 -1.13 -11.36 -1.65
N PRO A 31 -0.33 -11.50 -0.54
CA PRO A 31 -0.70 -12.35 0.61
C PRO A 31 -1.93 -11.82 1.38
N ASP A 32 -2.47 -12.69 2.25
CA ASP A 32 -3.67 -12.40 3.07
C ASP A 32 -3.31 -11.51 4.29
N HIS A 33 -2.03 -11.13 4.39
CA HIS A 33 -1.54 -10.20 5.41
C HIS A 33 -0.20 -9.58 4.96
N PHE A 34 0.09 -8.39 5.49
CA PHE A 34 1.42 -7.77 5.40
C PHE A 34 1.88 -7.44 6.82
N GLY A 35 2.93 -8.12 7.28
CA GLY A 35 3.42 -8.00 8.66
C GLY A 35 3.24 -9.29 9.45
N PRO A 36 3.72 -9.37 10.74
CA PRO A 36 4.36 -8.24 11.47
C PRO A 36 5.79 -7.96 10.97
N GLY A 37 6.05 -6.68 10.65
CA GLY A 37 7.31 -6.26 10.06
C GLY A 37 7.43 -4.73 10.04
N PRO A 38 8.38 -4.14 9.24
CA PRO A 38 8.71 -2.70 9.32
C PRO A 38 7.53 -1.81 8.87
N VAL A 39 7.32 -0.70 9.59
CA VAL A 39 6.25 0.28 9.32
C VAL A 39 6.31 0.78 7.85
N ASN A 40 7.55 1.11 7.41
CA ASN A 40 7.85 1.65 6.09
C ASN A 40 7.51 0.62 4.99
N VAL A 41 7.92 -0.63 5.23
CA VAL A 41 7.74 -1.71 4.28
C VAL A 41 6.26 -2.12 4.19
N VAL A 42 5.64 -2.50 5.31
CA VAL A 42 4.22 -2.93 5.36
C VAL A 42 3.26 -1.93 4.66
N LEU A 43 3.45 -0.60 4.92
CA LEU A 43 2.58 0.43 4.31
C LEU A 43 2.84 0.53 2.80
N ARG A 44 4.13 0.47 2.39
CA ARG A 44 4.50 0.64 0.97
C ARG A 44 4.06 -0.57 0.16
N ARG A 45 3.99 -1.75 0.82
CA ARG A 45 3.62 -3.02 0.18
C ARG A 45 2.12 -3.03 -0.18
N ILE A 46 1.29 -2.38 0.66
CA ILE A 46 -0.13 -2.17 0.36
C ILE A 46 -0.26 -1.25 -0.85
N VAL A 47 0.34 -0.05 -0.73
CA VAL A 47 0.20 1.04 -1.70
C VAL A 47 0.69 0.62 -3.11
N GLN A 48 1.90 0.02 -3.19
CA GLN A 48 2.50 -0.39 -4.49
C GLN A 48 1.71 -1.55 -5.12
N ALA A 49 1.22 -2.49 -4.28
CA ALA A 49 0.40 -3.62 -4.74
C ALA A 49 -0.94 -3.10 -5.28
N CYS A 50 -1.47 -2.04 -4.65
CA CYS A 50 -2.74 -1.42 -5.06
C CYS A 50 -2.60 -0.74 -6.44
N VAL A 51 -1.59 0.15 -6.59
CA VAL A 51 -1.39 0.93 -7.83
C VAL A 51 -1.12 -0.01 -9.02
N ASP A 52 -0.22 -0.97 -8.82
CA ASP A 52 0.16 -1.92 -9.88
C ASP A 52 -1.03 -2.84 -10.26
N CYS A 53 -1.72 -3.39 -9.24
CA CYS A 53 -2.88 -4.29 -9.44
C CYS A 53 -4.14 -3.52 -9.89
N ALA A 54 -4.04 -2.18 -9.93
CA ALA A 54 -5.16 -1.31 -10.30
C ALA A 54 -5.54 -1.45 -11.78
N LEU A 55 -6.84 -1.34 -12.02
CA LEU A 55 -7.41 -1.09 -13.34
C LEU A 55 -7.09 0.36 -13.72
N GLU A 56 -6.49 0.56 -14.91
CA GLU A 56 -6.08 1.89 -15.39
C GLU A 56 -5.04 2.51 -14.42
N THR A 57 -3.94 1.75 -14.21
CA THR A 57 -2.80 2.11 -13.35
C THR A 57 -2.22 3.49 -13.73
N LYS A 58 -2.29 3.82 -15.02
CA LYS A 58 -1.78 5.08 -15.60
C LYS A 58 -2.40 6.34 -14.95
N THR A 59 -3.67 6.22 -14.52
CA THR A 59 -4.40 7.28 -13.80
C THR A 59 -4.17 7.16 -12.28
N VAL A 60 -4.22 5.90 -11.78
CA VAL A 60 -4.08 5.57 -10.35
C VAL A 60 -2.69 6.01 -9.79
N PHE A 61 -1.68 5.95 -10.66
CA PHE A 61 -0.28 6.32 -10.36
C PHE A 61 -0.14 7.86 -10.24
N GLY A 62 -1.04 8.58 -10.93
CA GLY A 62 -1.09 10.04 -10.90
C GLY A 62 -1.59 10.62 -9.57
N TYR A 63 -2.21 9.78 -8.71
CA TYR A 63 -2.70 10.19 -7.37
C TYR A 63 -1.55 10.23 -6.34
N LEU A 64 -0.33 9.86 -6.75
CA LEU A 64 0.85 9.85 -5.87
C LEU A 64 2.12 10.22 -6.68
N LYS A 65 2.60 11.46 -6.49
CA LYS A 65 3.84 11.99 -7.11
C LYS A 65 5.09 11.57 -6.27
N PRO A 66 6.33 11.52 -6.87
CA PRO A 66 7.56 11.21 -6.11
C PRO A 66 7.95 12.34 -5.12
N ASP A 67 8.83 11.99 -4.17
CA ASP A 67 9.28 12.92 -3.11
C ASP A 67 10.76 12.69 -2.80
N ASN A 68 11.50 13.79 -2.63
CA ASN A 68 12.98 13.77 -2.56
C ASN A 68 13.47 13.75 -1.10
N ARG A 69 12.76 12.99 -0.25
CA ARG A 69 13.20 12.69 1.13
C ARG A 69 13.94 11.33 1.18
N GLY A 70 13.77 10.49 0.14
CA GLY A 70 14.47 9.20 0.03
C GLY A 70 13.92 8.13 0.95
N GLY A 71 12.58 8.08 1.08
CA GLY A 71 11.91 7.13 1.95
C GLY A 71 11.45 5.87 1.22
N GLU A 72 10.14 5.59 1.30
CA GLU A 72 9.51 4.38 0.70
C GLU A 72 9.52 4.48 -0.83
N VAL A 73 9.33 3.34 -1.51
CA VAL A 73 9.32 3.27 -2.98
C VAL A 73 8.06 2.51 -3.46
N ILE A 74 7.30 3.13 -4.38
CA ILE A 74 6.10 2.54 -4.98
C ILE A 74 6.33 2.21 -6.45
N THR A 75 6.17 0.94 -6.82
CA THR A 75 6.34 0.43 -8.19
C THR A 75 4.98 0.09 -8.80
N ALA A 76 4.84 0.37 -10.11
CA ALA A 76 3.57 0.24 -10.85
C ALA A 76 3.81 0.23 -12.37
N SER A 77 3.12 -0.68 -13.08
CA SER A 77 3.23 -0.83 -14.54
C SER A 77 2.51 0.30 -15.30
N PHE A 78 3.27 1.06 -16.10
CA PHE A 78 2.77 2.19 -16.92
C PHE A 78 3.62 2.31 -18.21
N ASP A 79 2.93 2.56 -19.35
CA ASP A 79 3.54 2.81 -20.68
C ASP A 79 4.43 1.63 -21.15
N GLY A 80 4.04 0.41 -20.78
CA GLY A 80 4.74 -0.81 -21.19
C GLY A 80 6.03 -1.09 -20.42
N GLU A 81 6.28 -0.29 -19.36
CA GLU A 81 7.45 -0.47 -18.46
C GLU A 81 6.98 -0.41 -16.99
N THR A 82 7.90 -0.72 -16.05
CA THR A 82 7.64 -0.52 -14.61
C THR A 82 8.22 0.85 -14.18
N HIS A 83 7.40 1.65 -13.48
CA HIS A 83 7.78 2.99 -12.99
C HIS A 83 7.68 3.03 -11.46
N SER A 84 8.63 3.74 -10.84
CA SER A 84 8.77 3.82 -9.38
C SER A 84 8.86 5.29 -8.94
N ILE A 85 8.25 5.60 -7.79
CA ILE A 85 8.38 6.91 -7.13
C ILE A 85 8.99 6.72 -5.73
N GLN A 86 9.30 7.84 -5.07
CA GLN A 86 9.72 7.87 -3.66
C GLN A 86 8.66 8.56 -2.80
N LEU A 87 8.61 8.16 -1.54
CA LEU A 87 7.74 8.71 -0.49
C LEU A 87 8.61 9.35 0.62
N PRO A 88 8.03 10.13 1.58
CA PRO A 88 8.76 10.53 2.81
C PRO A 88 8.85 9.35 3.82
N PRO A 89 10.03 9.10 4.47
CA PRO A 89 10.21 7.96 5.40
C PRO A 89 9.48 8.19 6.74
N VAL A 90 8.75 7.16 7.18
CA VAL A 90 7.99 7.17 8.45
C VAL A 90 8.77 6.42 9.57
N ASN A 91 8.25 6.47 10.81
CA ASN A 91 8.79 5.69 11.95
C ASN A 91 7.69 5.42 13.00
N SER A 92 6.41 5.68 12.66
CA SER A 92 5.28 5.51 13.59
C SER A 92 4.28 4.47 13.06
N ALA A 93 3.79 3.61 13.96
CA ALA A 93 2.83 2.53 13.65
C ALA A 93 1.44 3.12 13.38
N SER A 94 1.16 4.25 14.03
CA SER A 94 -0.08 5.02 13.83
C SER A 94 -0.09 5.72 12.46
N PHE A 95 1.11 5.94 11.89
CA PHE A 95 1.24 6.59 10.57
C PHE A 95 1.12 5.53 9.46
N ALA A 96 1.61 4.30 9.80
CA ALA A 96 1.60 3.13 8.91
C ALA A 96 0.24 2.94 8.26
N LEU A 97 -0.74 2.67 9.14
CA LEU A 97 -2.11 2.32 8.77
C LEU A 97 -2.76 3.51 8.08
N ARG A 98 -2.60 4.70 8.72
CA ARG A 98 -3.16 5.98 8.24
C ARG A 98 -2.73 6.31 6.81
N PHE A 99 -1.49 5.89 6.44
CA PHE A 99 -0.92 6.19 5.11
C PHE A 99 -1.77 5.54 4.00
N LEU A 100 -1.94 4.21 4.10
CA LEU A 100 -2.72 3.46 3.09
C LEU A 100 -4.23 3.60 3.28
N GLU A 101 -4.70 4.09 4.45
CA GLU A 101 -6.13 4.41 4.68
C GLU A 101 -6.51 5.67 3.90
N ASN A 102 -5.59 6.65 3.91
CA ASN A 102 -5.73 7.91 3.16
C ASN A 102 -5.63 7.65 1.64
N PHE A 103 -4.85 6.63 1.28
CA PHE A 103 -4.63 6.23 -0.11
C PHE A 103 -5.79 5.35 -0.64
N CYS A 104 -6.27 4.42 0.19
CA CYS A 104 -7.41 3.51 -0.18
C CYS A 104 -8.72 4.30 -0.28
N HIS A 105 -8.73 5.45 0.43
CA HIS A 105 -9.82 6.45 0.39
C HIS A 105 -9.98 7.05 -1.03
N SER A 106 -8.85 7.15 -1.76
CA SER A 106 -8.82 7.63 -3.16
C SER A 106 -9.27 6.51 -4.13
N LEU A 107 -8.94 5.25 -3.76
CA LEU A 107 -9.22 4.06 -4.60
C LEU A 107 -10.67 3.53 -4.40
N GLN A 108 -11.34 4.09 -3.37
CA GLN A 108 -12.70 3.70 -2.92
C GLN A 108 -12.70 2.31 -2.23
N CYS A 109 -11.49 1.74 -2.00
CA CYS A 109 -11.33 0.40 -1.42
C CYS A 109 -11.39 0.48 0.11
N ASP A 110 -12.15 -0.46 0.69
CA ASP A 110 -12.42 -0.50 2.13
C ASP A 110 -12.54 -1.96 2.57
N ASN A 111 -12.35 -2.24 3.88
CA ASN A 111 -12.37 -3.60 4.47
C ASN A 111 -11.49 -4.61 3.68
N LEU A 112 -10.46 -4.04 2.99
CA LEU A 112 -9.45 -4.78 2.22
C LEU A 112 -8.25 -5.11 3.12
N LEU A 113 -8.15 -4.43 4.26
CA LEU A 113 -7.12 -4.70 5.29
C LEU A 113 -7.56 -4.15 6.65
N SER A 114 -6.87 -4.61 7.70
CA SER A 114 -7.15 -4.23 9.09
C SER A 114 -5.99 -4.71 9.96
N SER A 115 -5.41 -3.81 10.78
CA SER A 115 -4.24 -4.12 11.64
C SER A 115 -4.59 -5.12 12.75
N GLN A 116 -5.89 -5.21 13.06
CA GLN A 116 -6.44 -6.12 14.07
C GLN A 116 -7.21 -7.25 13.37
N PRO A 117 -7.21 -8.50 13.94
CA PRO A 117 -8.02 -9.62 13.41
C PRO A 117 -9.52 -9.44 13.75
N PHE A 118 -10.36 -10.35 13.21
CA PHE A 118 -11.83 -10.29 13.40
C PHE A 118 -12.26 -10.74 14.82
N SER A 119 -11.31 -11.28 15.60
CA SER A 119 -11.52 -11.67 17.00
C SER A 119 -11.32 -10.44 17.92
N GLY A 1 18.31 -2.51 12.54
CA GLY A 1 17.75 -1.15 12.63
C GLY A 1 16.40 -1.13 13.33
N SER A 2 16.33 -1.76 14.52
CA SER A 2 15.10 -1.80 15.34
C SER A 2 14.75 -0.40 15.88
N HIS A 3 15.79 0.35 16.29
CA HIS A 3 15.65 1.74 16.81
C HIS A 3 15.53 2.79 15.67
N MET A 4 15.52 2.32 14.41
CA MET A 4 15.43 3.19 13.22
C MET A 4 13.97 3.61 12.96
N MET A 5 13.03 2.67 13.13
CA MET A 5 11.60 2.87 12.79
C MET A 5 10.69 2.00 13.70
N SER A 6 9.37 2.04 13.40
CA SER A 6 8.33 1.22 14.08
C SER A 6 8.13 -0.14 13.34
N THR A 7 7.24 -0.99 13.89
CA THR A 7 6.84 -2.28 13.30
C THR A 7 5.31 -2.45 13.40
N VAL A 8 4.65 -2.91 12.31
CA VAL A 8 3.17 -3.14 12.26
C VAL A 8 2.86 -4.45 11.53
N CYS A 9 1.60 -4.89 11.65
CA CYS A 9 1.05 -6.02 10.92
C CYS A 9 -0.35 -5.66 10.42
N VAL A 10 -0.55 -5.71 9.09
CA VAL A 10 -1.87 -5.58 8.48
C VAL A 10 -2.32 -6.96 8.00
N TYR A 11 -3.62 -7.20 8.07
CA TYR A 11 -4.25 -8.45 7.65
C TYR A 11 -5.09 -8.12 6.42
N VAL A 12 -4.51 -8.41 5.24
CA VAL A 12 -5.07 -8.04 3.95
C VAL A 12 -6.35 -8.84 3.68
N ASN A 13 -7.50 -8.18 3.91
CA ASN A 13 -8.81 -8.80 3.84
C ASN A 13 -9.38 -8.64 2.42
N LYS A 14 -9.09 -9.64 1.58
CA LYS A 14 -9.60 -9.73 0.20
C LYS A 14 -11.07 -10.20 0.19
N HIS A 15 -11.60 -10.56 1.38
CA HIS A 15 -13.04 -10.79 1.61
C HIS A 15 -13.77 -9.42 1.72
N GLY A 16 -13.01 -8.34 2.01
CA GLY A 16 -13.54 -6.97 2.07
C GLY A 16 -13.85 -6.40 0.68
N ASN A 17 -13.29 -5.22 0.36
CA ASN A 17 -13.46 -4.59 -0.97
C ASN A 17 -12.14 -4.71 -1.77
N PHE A 18 -12.25 -4.65 -3.11
CA PHE A 18 -11.11 -4.79 -4.02
C PHE A 18 -10.63 -3.38 -4.35
N GLY A 19 -11.51 -2.63 -5.05
CA GLY A 19 -11.16 -1.32 -5.58
C GLY A 19 -12.33 -0.36 -5.64
N PRO A 20 -13.17 -0.32 -6.74
CA PRO A 20 -13.08 -1.24 -7.90
C PRO A 20 -12.07 -0.78 -9.00
N HIS A 21 -11.17 0.14 -8.62
CA HIS A 21 -10.02 0.53 -9.47
C HIS A 21 -8.99 -0.60 -9.52
N LEU A 22 -9.04 -1.46 -8.50
CA LEU A 22 -8.15 -2.61 -8.34
C LEU A 22 -8.83 -3.87 -8.89
N ASP A 23 -8.05 -4.68 -9.63
CA ASP A 23 -8.52 -5.91 -10.28
C ASP A 23 -8.95 -6.96 -9.22
N PRO A 24 -10.20 -7.49 -9.30
CA PRO A 24 -10.78 -8.34 -8.24
C PRO A 24 -10.09 -9.71 -8.08
N LYS A 25 -9.36 -10.17 -9.12
CA LYS A 25 -8.68 -11.48 -9.10
C LYS A 25 -7.31 -11.34 -8.41
N ARG A 26 -6.56 -10.31 -8.82
CA ARG A 26 -5.20 -10.00 -8.30
C ARG A 26 -5.22 -9.68 -6.81
N ILE A 27 -6.30 -9.02 -6.37
CA ILE A 27 -6.59 -8.75 -4.96
C ILE A 27 -6.70 -10.09 -4.14
N GLN A 28 -7.12 -11.17 -4.80
CA GLN A 28 -7.19 -12.51 -4.17
C GLN A 28 -5.81 -13.25 -4.27
N GLN A 29 -4.95 -12.79 -5.20
CA GLN A 29 -3.65 -13.46 -5.49
C GLN A 29 -2.51 -12.96 -4.58
N LEU A 30 -2.59 -11.69 -4.13
CA LEU A 30 -1.62 -11.13 -3.16
C LEU A 30 -1.80 -11.79 -1.76
N PRO A 31 -0.79 -11.76 -0.83
CA PRO A 31 -0.90 -12.44 0.50
C PRO A 31 -2.05 -11.90 1.37
N ASP A 32 -2.56 -12.79 2.24
CA ASP A 32 -3.70 -12.51 3.15
C ASP A 32 -3.28 -11.61 4.34
N HIS A 33 -1.97 -11.31 4.43
CA HIS A 33 -1.44 -10.35 5.42
C HIS A 33 -0.04 -9.86 5.00
N PHE A 34 0.26 -8.62 5.36
CA PHE A 34 1.62 -8.05 5.28
C PHE A 34 2.09 -7.71 6.72
N GLY A 35 2.97 -8.56 7.27
CA GLY A 35 3.56 -8.32 8.58
C GLY A 35 3.55 -9.55 9.48
N PRO A 36 3.95 -9.42 10.78
CA PRO A 36 4.53 -8.17 11.36
C PRO A 36 5.98 -7.88 10.85
N GLY A 37 6.17 -6.65 10.35
CA GLY A 37 7.42 -6.19 9.78
C GLY A 37 7.58 -4.67 9.93
N PRO A 38 8.49 -4.00 9.16
CA PRO A 38 8.79 -2.56 9.32
C PRO A 38 7.61 -1.67 8.88
N VAL A 39 7.34 -0.61 9.66
CA VAL A 39 6.27 0.39 9.39
C VAL A 39 6.33 0.92 7.93
N ASN A 40 7.57 1.13 7.45
CA ASN A 40 7.85 1.66 6.10
C ASN A 40 7.45 0.64 5.02
N VAL A 41 7.89 -0.61 5.23
CA VAL A 41 7.73 -1.67 4.22
C VAL A 41 6.28 -2.16 4.15
N VAL A 42 5.66 -2.45 5.31
CA VAL A 42 4.25 -2.93 5.40
C VAL A 42 3.28 -1.97 4.67
N LEU A 43 3.44 -0.64 4.86
CA LEU A 43 2.52 0.35 4.26
C LEU A 43 2.69 0.37 2.73
N ARG A 44 3.96 0.36 2.27
CA ARG A 44 4.28 0.50 0.85
C ARG A 44 3.95 -0.79 0.10
N ARG A 45 3.95 -1.93 0.83
CA ARG A 45 3.58 -3.24 0.26
C ARG A 45 2.10 -3.25 -0.17
N ILE A 46 1.23 -2.61 0.63
CA ILE A 46 -0.20 -2.47 0.30
C ILE A 46 -0.35 -1.60 -0.95
N VAL A 47 0.23 -0.39 -0.87
CA VAL A 47 0.08 0.66 -1.89
C VAL A 47 0.62 0.21 -3.26
N GLN A 48 1.84 -0.37 -3.28
CA GLN A 48 2.48 -0.83 -4.55
C GLN A 48 1.73 -2.04 -5.14
N ALA A 49 1.15 -2.88 -4.25
CA ALA A 49 0.30 -4.01 -4.67
C ALA A 49 -0.98 -3.50 -5.33
N CYS A 50 -1.50 -2.38 -4.79
CA CYS A 50 -2.71 -1.73 -5.29
C CYS A 50 -2.49 -1.16 -6.71
N VAL A 51 -1.47 -0.29 -6.87
CA VAL A 51 -1.21 0.39 -8.17
C VAL A 51 -0.86 -0.67 -9.26
N ASP A 52 -0.12 -1.71 -8.83
CA ASP A 52 0.26 -2.86 -9.70
C ASP A 52 -0.99 -3.64 -10.16
N CYS A 53 -1.92 -3.88 -9.22
CA CYS A 53 -3.13 -4.67 -9.50
C CYS A 53 -4.22 -3.80 -10.14
N ALA A 54 -3.99 -2.49 -10.17
CA ALA A 54 -4.98 -1.51 -10.64
C ALA A 54 -5.19 -1.56 -12.16
N LEU A 55 -6.46 -1.54 -12.54
CA LEU A 55 -6.91 -1.36 -13.92
C LEU A 55 -6.76 0.13 -14.30
N GLU A 56 -6.01 0.38 -15.39
CA GLU A 56 -5.60 1.73 -15.83
C GLU A 56 -4.66 2.34 -14.76
N THR A 57 -3.46 1.73 -14.68
CA THR A 57 -2.44 2.02 -13.66
C THR A 57 -1.94 3.48 -13.72
N LYS A 58 -1.81 4.05 -14.94
CA LYS A 58 -1.37 5.46 -15.16
C LYS A 58 -2.19 6.47 -14.33
N THR A 59 -3.51 6.29 -14.29
CA THR A 59 -4.44 7.20 -13.59
C THR A 59 -4.33 7.00 -12.07
N VAL A 60 -4.17 5.72 -11.69
CA VAL A 60 -4.02 5.29 -10.29
C VAL A 60 -2.65 5.73 -9.70
N PHE A 61 -1.64 5.82 -10.58
CA PHE A 61 -0.27 6.24 -10.23
C PHE A 61 -0.21 7.79 -10.10
N GLY A 62 -1.30 8.46 -10.52
CA GLY A 62 -1.45 9.91 -10.36
C GLY A 62 -1.99 10.34 -9.00
N TYR A 63 -2.43 9.36 -8.16
CA TYR A 63 -2.95 9.62 -6.79
C TYR A 63 -1.81 9.74 -5.76
N LEU A 64 -0.58 9.41 -6.17
CA LEU A 64 0.63 9.56 -5.34
C LEU A 64 1.75 10.22 -6.18
N LYS A 65 2.54 11.10 -5.54
CA LYS A 65 3.58 11.91 -6.22
C LYS A 65 5.00 11.55 -5.68
N PRO A 66 6.07 11.67 -6.53
CA PRO A 66 7.47 11.48 -6.09
C PRO A 66 7.95 12.60 -5.15
N ASP A 67 8.49 12.18 -4.01
CA ASP A 67 9.00 13.06 -2.95
C ASP A 67 10.55 12.95 -2.92
N ASN A 68 11.23 13.83 -2.16
CA ASN A 68 12.72 13.89 -2.17
C ASN A 68 13.33 13.60 -0.79
N ARG A 69 12.57 12.91 0.06
CA ARG A 69 13.04 12.47 1.41
C ARG A 69 13.45 10.97 1.41
N GLY A 70 12.87 10.18 0.49
CA GLY A 70 13.44 8.87 0.11
C GLY A 70 13.28 7.75 1.14
N GLY A 71 12.10 7.67 1.75
CA GLY A 71 11.77 6.58 2.67
C GLY A 71 11.24 5.35 1.95
N GLU A 72 9.92 5.34 1.69
CA GLU A 72 9.27 4.26 0.95
C GLU A 72 9.39 4.49 -0.57
N VAL A 73 9.16 3.43 -1.35
CA VAL A 73 9.18 3.46 -2.82
C VAL A 73 7.98 2.67 -3.34
N ILE A 74 7.14 3.32 -4.17
CA ILE A 74 6.03 2.65 -4.86
C ILE A 74 6.38 2.43 -6.33
N THR A 75 6.33 1.16 -6.75
CA THR A 75 6.62 0.74 -8.11
C THR A 75 5.30 0.36 -8.81
N ALA A 76 5.25 0.63 -10.13
CA ALA A 76 4.02 0.47 -10.93
C ALA A 76 4.36 0.53 -12.43
N SER A 77 3.65 -0.29 -13.21
CA SER A 77 3.77 -0.33 -14.67
C SER A 77 3.01 0.88 -15.29
N PHE A 78 3.76 1.90 -15.72
CA PHE A 78 3.20 3.10 -16.36
C PHE A 78 3.69 3.16 -17.81
N ASP A 79 2.72 3.25 -18.75
CA ASP A 79 2.98 3.48 -20.20
C ASP A 79 3.83 2.33 -20.81
N GLY A 80 3.68 1.13 -20.21
CA GLY A 80 4.36 -0.09 -20.67
C GLY A 80 5.63 -0.41 -19.90
N GLU A 81 6.19 0.58 -19.18
CA GLU A 81 7.48 0.43 -18.49
C GLU A 81 7.29 0.42 -16.98
N THR A 82 8.31 -0.08 -16.26
CA THR A 82 8.33 -0.06 -14.79
C THR A 82 8.81 1.34 -14.32
N HIS A 83 7.97 2.01 -13.53
CA HIS A 83 8.28 3.35 -12.97
C HIS A 83 8.10 3.33 -11.45
N SER A 84 8.88 4.16 -10.76
CA SER A 84 8.94 4.18 -9.30
C SER A 84 9.03 5.63 -8.80
N ILE A 85 8.41 5.88 -7.63
CA ILE A 85 8.47 7.18 -6.94
C ILE A 85 9.10 7.01 -5.55
N GLN A 86 9.23 8.14 -4.84
CA GLN A 86 9.68 8.17 -3.43
C GLN A 86 8.58 8.76 -2.54
N LEU A 87 8.54 8.26 -1.30
CA LEU A 87 7.62 8.71 -0.24
C LEU A 87 8.46 9.33 0.90
N PRO A 88 7.89 10.24 1.74
CA PRO A 88 8.56 10.69 2.99
C PRO A 88 8.62 9.53 4.05
N PRO A 89 9.82 9.25 4.66
CA PRO A 89 10.00 8.11 5.59
C PRO A 89 9.19 8.27 6.90
N VAL A 90 8.44 7.22 7.21
CA VAL A 90 7.67 7.11 8.46
C VAL A 90 8.54 6.47 9.57
N ASN A 91 8.05 6.52 10.81
CA ASN A 91 8.71 5.91 11.97
C ASN A 91 7.68 5.56 13.06
N SER A 92 6.39 5.85 12.80
CA SER A 92 5.31 5.64 13.79
C SER A 92 4.26 4.67 13.23
N ALA A 93 3.71 3.82 14.11
CA ALA A 93 2.81 2.71 13.74
C ALA A 93 1.45 3.21 13.21
N SER A 94 1.04 4.38 13.70
CA SER A 94 -0.20 5.05 13.27
C SER A 94 -0.08 5.58 11.83
N PHE A 95 1.17 5.92 11.39
CA PHE A 95 1.38 6.54 10.06
C PHE A 95 1.48 5.44 8.99
N ALA A 96 1.85 4.21 9.43
CA ALA A 96 1.82 3.00 8.59
C ALA A 96 0.48 2.91 7.87
N LEU A 97 -0.57 2.85 8.71
CA LEU A 97 -1.95 2.58 8.31
C LEU A 97 -2.47 3.74 7.45
N ARG A 98 -2.31 4.96 7.99
CA ARG A 98 -2.77 6.22 7.35
C ARG A 98 -2.36 6.32 5.87
N PHE A 99 -1.10 5.92 5.58
CA PHE A 99 -0.49 6.13 4.28
C PHE A 99 -1.25 5.35 3.18
N LEU A 100 -1.68 4.09 3.49
CA LEU A 100 -2.50 3.31 2.53
C LEU A 100 -4.00 3.59 2.70
N GLU A 101 -4.44 4.15 3.85
CA GLU A 101 -5.89 4.35 4.10
C GLU A 101 -6.42 5.53 3.25
N ASN A 102 -5.62 6.60 3.20
CA ASN A 102 -5.91 7.78 2.37
C ASN A 102 -5.86 7.42 0.87
N PHE A 103 -4.86 6.60 0.52
CA PHE A 103 -4.66 6.14 -0.87
C PHE A 103 -5.82 5.23 -1.33
N CYS A 104 -6.21 4.27 -0.47
CA CYS A 104 -7.29 3.31 -0.75
C CYS A 104 -8.65 4.04 -0.81
N HIS A 105 -8.78 5.12 -0.03
CA HIS A 105 -10.01 5.92 0.01
C HIS A 105 -10.18 6.69 -1.32
N SER A 106 -9.04 7.07 -1.93
CA SER A 106 -9.02 7.70 -3.26
C SER A 106 -9.46 6.69 -4.34
N LEU A 107 -9.12 5.40 -4.13
CA LEU A 107 -9.48 4.28 -5.04
C LEU A 107 -10.90 3.75 -4.75
N GLN A 108 -11.48 4.22 -3.62
CA GLN A 108 -12.83 3.88 -3.10
C GLN A 108 -12.83 2.51 -2.38
N CYS A 109 -11.63 1.90 -2.21
CA CYS A 109 -11.49 0.58 -1.56
C CYS A 109 -11.35 0.75 -0.03
N ASP A 110 -11.89 -0.23 0.71
CA ASP A 110 -11.93 -0.22 2.18
C ASP A 110 -12.21 -1.64 2.69
N ASN A 111 -11.77 -1.94 3.93
CA ASN A 111 -11.79 -3.30 4.53
C ASN A 111 -10.87 -4.26 3.76
N LEU A 112 -9.92 -3.70 2.97
CA LEU A 112 -8.93 -4.48 2.19
C LEU A 112 -7.73 -4.88 3.08
N LEU A 113 -7.68 -4.32 4.29
CA LEU A 113 -6.66 -4.64 5.30
C LEU A 113 -7.18 -4.28 6.70
N SER A 114 -6.42 -4.67 7.73
CA SER A 114 -6.75 -4.41 9.14
C SER A 114 -5.50 -4.59 10.02
N SER A 115 -5.15 -3.58 10.83
CA SER A 115 -3.96 -3.64 11.73
C SER A 115 -4.19 -4.59 12.93
N GLN A 116 -5.42 -5.10 13.06
CA GLN A 116 -5.88 -5.90 14.20
C GLN A 116 -6.75 -7.06 13.69
N PRO A 117 -6.73 -8.27 14.35
CA PRO A 117 -7.54 -9.44 13.92
C PRO A 117 -9.05 -9.22 14.16
N PHE A 118 -9.85 -10.06 13.49
CA PHE A 118 -11.33 -9.94 13.47
C PHE A 118 -11.95 -10.48 14.78
N SER A 119 -11.17 -11.24 15.55
CA SER A 119 -11.53 -11.70 16.89
C SER A 119 -10.79 -10.83 17.94
N GLY A 1 21.86 10.71 12.35
CA GLY A 1 20.69 11.19 13.10
C GLY A 1 19.43 10.40 12.77
N SER A 2 19.34 9.17 13.34
CA SER A 2 18.17 8.29 13.18
C SER A 2 18.14 7.20 14.27
N HIS A 3 16.93 6.68 14.52
CA HIS A 3 16.69 5.55 15.45
C HIS A 3 15.92 4.45 14.70
N MET A 4 15.48 3.41 15.45
CA MET A 4 14.71 2.29 14.88
C MET A 4 13.26 2.72 14.58
N MET A 5 12.80 2.42 13.35
CA MET A 5 11.40 2.60 12.92
C MET A 5 10.47 1.65 13.72
N SER A 6 9.14 1.92 13.67
CA SER A 6 8.14 1.06 14.35
C SER A 6 7.90 -0.27 13.57
N THR A 7 6.97 -1.09 14.07
CA THR A 7 6.57 -2.37 13.45
C THR A 7 5.04 -2.57 13.58
N VAL A 8 4.39 -2.98 12.48
CA VAL A 8 2.92 -3.17 12.40
C VAL A 8 2.58 -4.47 11.64
N CYS A 9 1.29 -4.84 11.66
CA CYS A 9 0.79 -6.04 10.99
C CYS A 9 -0.64 -5.78 10.45
N VAL A 10 -0.75 -5.67 9.12
CA VAL A 10 -2.05 -5.52 8.44
C VAL A 10 -2.48 -6.90 7.90
N TYR A 11 -3.80 -7.15 7.94
CA TYR A 11 -4.39 -8.41 7.43
C TYR A 11 -5.19 -8.09 6.17
N VAL A 12 -4.57 -8.39 5.02
CA VAL A 12 -5.09 -8.06 3.70
C VAL A 12 -6.27 -8.98 3.33
N ASN A 13 -7.48 -8.43 3.46
CA ASN A 13 -8.73 -9.16 3.25
C ASN A 13 -9.24 -8.93 1.82
N LYS A 14 -8.91 -9.88 0.94
CA LYS A 14 -9.34 -9.87 -0.47
C LYS A 14 -10.81 -10.37 -0.60
N HIS A 15 -11.40 -10.82 0.53
CA HIS A 15 -12.83 -11.18 0.61
C HIS A 15 -13.69 -9.92 0.93
N GLY A 16 -13.01 -8.79 1.25
CA GLY A 16 -13.67 -7.49 1.38
C GLY A 16 -13.87 -6.82 0.02
N ASN A 17 -13.61 -5.51 -0.08
CA ASN A 17 -13.66 -4.79 -1.37
C ASN A 17 -12.26 -4.80 -2.01
N PHE A 18 -12.25 -4.94 -3.33
CA PHE A 18 -11.02 -4.98 -4.15
C PHE A 18 -10.61 -3.53 -4.42
N GLY A 19 -11.56 -2.78 -5.01
CA GLY A 19 -11.28 -1.41 -5.44
C GLY A 19 -12.49 -0.49 -5.35
N PRO A 20 -13.52 -0.57 -6.26
CA PRO A 20 -13.64 -1.59 -7.33
C PRO A 20 -12.67 -1.41 -8.54
N HIS A 21 -12.03 -0.23 -8.68
CA HIS A 21 -11.12 0.03 -9.85
C HIS A 21 -9.78 -0.73 -9.76
N LEU A 22 -9.60 -1.52 -8.68
CA LEU A 22 -8.48 -2.44 -8.53
C LEU A 22 -8.93 -3.80 -9.10
N ASP A 23 -8.11 -4.36 -10.01
CA ASP A 23 -8.41 -5.63 -10.70
C ASP A 23 -8.69 -6.76 -9.69
N PRO A 24 -9.92 -7.35 -9.69
CA PRO A 24 -10.37 -8.28 -8.62
C PRO A 24 -9.56 -9.59 -8.57
N LYS A 25 -8.85 -9.95 -9.66
CA LYS A 25 -8.06 -11.20 -9.72
C LYS A 25 -6.68 -10.97 -9.11
N ARG A 26 -6.08 -9.82 -9.45
CA ARG A 26 -4.76 -9.40 -8.95
C ARG A 26 -4.81 -9.10 -7.45
N ILE A 27 -5.96 -8.58 -7.00
CA ILE A 27 -6.26 -8.41 -5.57
C ILE A 27 -6.24 -9.78 -4.81
N GLN A 28 -6.53 -10.88 -5.53
CA GLN A 28 -6.41 -12.24 -4.95
C GLN A 28 -4.95 -12.77 -5.05
N GLN A 29 -4.16 -12.19 -5.99
CA GLN A 29 -2.76 -12.64 -6.25
C GLN A 29 -1.77 -12.08 -5.22
N LEU A 30 -2.05 -10.89 -4.67
CA LEU A 30 -1.23 -10.29 -3.60
C LEU A 30 -1.49 -11.05 -2.27
N PRO A 31 -0.54 -11.07 -1.27
CA PRO A 31 -0.65 -11.95 -0.08
C PRO A 31 -1.83 -11.61 0.86
N ASP A 32 -2.12 -12.58 1.73
CA ASP A 32 -3.23 -12.60 2.70
C ASP A 32 -3.02 -11.60 3.86
N HIS A 33 -1.77 -11.18 4.07
CA HIS A 33 -1.40 -10.23 5.13
C HIS A 33 0.01 -9.69 4.89
N PHE A 34 0.24 -8.44 5.34
CA PHE A 34 1.59 -7.86 5.41
C PHE A 34 1.89 -7.59 6.89
N GLY A 35 2.71 -8.46 7.51
CA GLY A 35 3.08 -8.30 8.91
C GLY A 35 3.22 -9.63 9.66
N PRO A 36 3.84 -9.64 10.89
CA PRO A 36 4.47 -8.45 11.52
C PRO A 36 5.82 -8.07 10.84
N GLY A 37 5.94 -6.78 10.49
CA GLY A 37 7.13 -6.24 9.82
C GLY A 37 7.27 -4.74 10.08
N PRO A 38 8.23 -4.03 9.42
CA PRO A 38 8.52 -2.61 9.72
C PRO A 38 7.41 -1.68 9.19
N VAL A 39 7.13 -0.63 9.97
CA VAL A 39 6.10 0.39 9.70
C VAL A 39 6.11 0.89 8.23
N ASN A 40 7.31 1.28 7.79
CA ASN A 40 7.55 1.90 6.49
C ASN A 40 7.38 0.91 5.33
N VAL A 41 7.76 -0.35 5.57
CA VAL A 41 7.65 -1.41 4.57
C VAL A 41 6.19 -1.88 4.42
N VAL A 42 5.52 -2.16 5.55
CA VAL A 42 4.12 -2.66 5.54
C VAL A 42 3.16 -1.68 4.83
N LEU A 43 3.36 -0.35 5.03
CA LEU A 43 2.51 0.68 4.40
C LEU A 43 2.76 0.76 2.88
N ARG A 44 4.05 0.69 2.45
CA ARG A 44 4.42 0.85 1.03
C ARG A 44 3.97 -0.38 0.23
N ARG A 45 3.97 -1.54 0.90
CA ARG A 45 3.60 -2.84 0.30
C ARG A 45 2.10 -2.89 -0.04
N ILE A 46 1.27 -2.16 0.74
CA ILE A 46 -0.16 -1.99 0.42
C ILE A 46 -0.31 -1.12 -0.83
N VAL A 47 0.30 0.08 -0.76
CA VAL A 47 0.16 1.14 -1.79
C VAL A 47 0.61 0.63 -3.19
N GLN A 48 1.82 0.04 -3.27
CA GLN A 48 2.41 -0.44 -4.55
C GLN A 48 1.63 -1.63 -5.14
N ALA A 49 1.06 -2.46 -4.24
CA ALA A 49 0.17 -3.55 -4.64
C ALA A 49 -1.12 -2.97 -5.24
N CYS A 50 -1.65 -1.92 -4.58
CA CYS A 50 -2.93 -1.29 -4.97
C CYS A 50 -2.84 -0.54 -6.32
N VAL A 51 -1.67 0.04 -6.65
CA VAL A 51 -1.48 0.77 -7.92
C VAL A 51 -1.23 -0.23 -9.06
N ASP A 52 -0.25 -1.13 -8.86
CA ASP A 52 0.16 -2.10 -9.90
C ASP A 52 -0.99 -3.04 -10.27
N CYS A 53 -1.77 -3.45 -9.25
CA CYS A 53 -2.89 -4.39 -9.41
C CYS A 53 -4.20 -3.65 -9.75
N ALA A 54 -4.09 -2.37 -10.10
CA ALA A 54 -5.23 -1.55 -10.50
C ALA A 54 -5.49 -1.63 -12.00
N LEU A 55 -6.78 -1.57 -12.36
CA LEU A 55 -7.23 -1.34 -13.74
C LEU A 55 -6.90 0.11 -14.14
N GLU A 56 -6.11 0.27 -15.22
CA GLU A 56 -5.62 1.56 -15.71
C GLU A 56 -4.65 2.18 -14.68
N THR A 57 -3.54 1.46 -14.45
CA THR A 57 -2.52 1.72 -13.41
C THR A 57 -1.95 3.13 -13.54
N LYS A 58 -1.71 3.53 -14.79
CA LYS A 58 -1.18 4.84 -15.17
C LYS A 58 -1.98 6.05 -14.61
N THR A 59 -3.31 5.91 -14.51
CA THR A 59 -4.19 6.94 -13.92
C THR A 59 -4.11 6.86 -12.39
N VAL A 60 -4.06 5.62 -11.89
CA VAL A 60 -3.96 5.30 -10.46
C VAL A 60 -2.60 5.75 -9.88
N PHE A 61 -1.60 5.81 -10.77
CA PHE A 61 -0.22 6.26 -10.48
C PHE A 61 -0.21 7.79 -10.22
N GLY A 62 -1.30 8.47 -10.65
CA GLY A 62 -1.52 9.90 -10.43
C GLY A 62 -2.08 10.24 -9.04
N TYR A 63 -2.48 9.21 -8.27
CA TYR A 63 -3.07 9.39 -6.92
C TYR A 63 -1.98 9.56 -5.84
N LEU A 64 -0.70 9.47 -6.26
CA LEU A 64 0.46 9.49 -5.36
C LEU A 64 1.67 10.13 -6.07
N LYS A 65 2.42 10.96 -5.32
CA LYS A 65 3.56 11.75 -5.84
C LYS A 65 4.91 11.16 -5.38
N PRO A 66 6.01 11.37 -6.19
CA PRO A 66 7.39 11.12 -5.72
C PRO A 66 7.83 12.15 -4.67
N ASP A 67 8.74 11.75 -3.78
CA ASP A 67 9.16 12.58 -2.64
C ASP A 67 10.63 12.24 -2.34
N ASN A 68 11.55 13.17 -2.65
CA ASN A 68 13.00 12.88 -2.66
C ASN A 68 13.63 13.19 -1.30
N ARG A 69 12.93 12.73 -0.26
CA ARG A 69 13.43 12.71 1.13
C ARG A 69 14.05 11.33 1.44
N GLY A 70 14.12 10.46 0.41
CA GLY A 70 14.84 9.19 0.51
C GLY A 70 14.15 8.17 1.40
N GLY A 71 12.80 8.19 1.35
CA GLY A 71 11.99 7.28 2.13
C GLY A 71 11.74 5.96 1.42
N GLU A 72 10.46 5.60 1.31
CA GLU A 72 10.03 4.31 0.72
C GLU A 72 9.94 4.41 -0.81
N VAL A 73 9.67 3.28 -1.47
CA VAL A 73 9.51 3.22 -2.95
C VAL A 73 8.22 2.46 -3.30
N ILE A 74 7.45 3.02 -4.25
CA ILE A 74 6.27 2.36 -4.83
C ILE A 74 6.57 1.96 -6.27
N THR A 75 6.41 0.67 -6.59
CA THR A 75 6.58 0.16 -7.97
C THR A 75 5.21 -0.17 -8.56
N ALA A 76 5.04 0.28 -9.81
CA ALA A 76 3.76 0.21 -10.53
C ALA A 76 4.02 0.24 -12.05
N SER A 77 3.36 -0.65 -12.78
CA SER A 77 3.51 -0.77 -14.24
C SER A 77 2.75 0.37 -14.97
N PHE A 78 3.50 1.37 -15.48
CA PHE A 78 2.95 2.59 -16.09
C PHE A 78 3.22 2.61 -17.61
N ASP A 79 2.13 2.47 -18.40
CA ASP A 79 2.11 2.69 -19.86
C ASP A 79 3.13 1.77 -20.59
N GLY A 80 2.98 0.45 -20.39
CA GLY A 80 3.86 -0.55 -21.00
C GLY A 80 5.22 -0.70 -20.30
N GLU A 81 5.53 0.17 -19.31
CA GLU A 81 6.80 0.15 -18.57
C GLU A 81 6.58 -0.29 -17.13
N THR A 82 7.68 -0.53 -16.40
CA THR A 82 7.66 -0.72 -14.94
C THR A 82 8.42 0.45 -14.29
N HIS A 83 7.67 1.33 -13.61
CA HIS A 83 8.21 2.60 -13.04
C HIS A 83 8.01 2.63 -11.52
N SER A 84 8.66 3.61 -10.87
CA SER A 84 8.65 3.75 -9.42
C SER A 84 8.73 5.23 -8.99
N ILE A 85 8.23 5.52 -7.77
CA ILE A 85 8.35 6.84 -7.13
C ILE A 85 9.04 6.67 -5.77
N GLN A 86 9.22 7.79 -5.05
CA GLN A 86 9.69 7.80 -3.65
C GLN A 86 8.59 8.38 -2.73
N LEU A 87 8.63 7.95 -1.47
CA LEU A 87 7.72 8.41 -0.40
C LEU A 87 8.55 9.16 0.67
N PRO A 88 7.90 9.95 1.58
CA PRO A 88 8.58 10.48 2.79
C PRO A 88 8.77 9.37 3.86
N PRO A 89 9.99 9.24 4.50
CA PRO A 89 10.26 8.17 5.47
C PRO A 89 9.48 8.39 6.80
N VAL A 90 8.76 7.34 7.23
CA VAL A 90 7.98 7.34 8.48
C VAL A 90 8.76 6.63 9.61
N ASN A 91 8.22 6.70 10.83
CA ASN A 91 8.85 6.08 12.01
C ASN A 91 7.79 5.61 13.03
N SER A 92 6.51 6.04 12.87
CA SER A 92 5.45 5.76 13.87
C SER A 92 4.44 4.74 13.33
N ALA A 93 4.03 3.81 14.22
CA ALA A 93 3.09 2.72 13.89
C ALA A 93 1.68 3.25 13.62
N SER A 94 1.35 4.36 14.28
CA SER A 94 0.11 5.10 14.06
C SER A 94 0.05 5.65 12.62
N PHE A 95 1.24 6.02 12.07
CA PHE A 95 1.33 6.65 10.75
C PHE A 95 1.30 5.56 9.64
N ALA A 96 1.73 4.32 10.00
CA ALA A 96 1.74 3.16 9.08
C ALA A 96 0.42 3.02 8.34
N LEU A 97 -0.62 2.72 9.13
CA LEU A 97 -1.97 2.45 8.65
C LEU A 97 -2.58 3.72 8.03
N ARG A 98 -2.28 4.88 8.65
CA ARG A 98 -2.79 6.20 8.25
C ARG A 98 -2.28 6.60 6.84
N PHE A 99 -1.08 6.13 6.48
CA PHE A 99 -0.41 6.48 5.20
C PHE A 99 -1.25 5.98 4.02
N LEU A 100 -1.65 4.69 4.08
CA LEU A 100 -2.38 4.05 2.97
C LEU A 100 -3.89 4.23 3.14
N GLU A 101 -4.31 4.66 4.33
CA GLU A 101 -5.71 4.84 4.70
C GLU A 101 -6.39 5.87 3.76
N ASN A 102 -5.73 7.02 3.58
CA ASN A 102 -6.21 8.10 2.70
C ASN A 102 -6.11 7.69 1.21
N PHE A 103 -5.08 6.89 0.89
CA PHE A 103 -4.83 6.40 -0.47
C PHE A 103 -5.94 5.43 -0.93
N CYS A 104 -6.18 4.40 -0.11
CA CYS A 104 -7.22 3.36 -0.31
C CYS A 104 -8.62 4.00 -0.29
N HIS A 105 -8.76 5.11 0.45
CA HIS A 105 -10.00 5.90 0.51
C HIS A 105 -10.27 6.58 -0.85
N SER A 106 -9.18 7.01 -1.52
CA SER A 106 -9.23 7.60 -2.88
C SER A 106 -9.55 6.52 -3.94
N LEU A 107 -9.16 5.26 -3.64
CA LEU A 107 -9.46 4.09 -4.52
C LEU A 107 -10.87 3.55 -4.26
N GLN A 108 -11.44 3.94 -3.08
CA GLN A 108 -12.73 3.46 -2.53
C GLN A 108 -12.62 2.02 -1.98
N CYS A 109 -11.39 1.45 -1.94
CA CYS A 109 -11.19 0.08 -1.48
C CYS A 109 -11.22 0.07 0.04
N ASP A 110 -11.99 -0.87 0.60
CA ASP A 110 -12.29 -0.90 2.05
C ASP A 110 -12.55 -2.33 2.47
N ASN A 111 -12.15 -2.67 3.71
CA ASN A 111 -12.07 -4.05 4.21
C ASN A 111 -11.04 -4.85 3.37
N LEU A 112 -10.12 -4.14 2.68
CA LEU A 112 -9.03 -4.74 1.88
C LEU A 112 -7.81 -5.04 2.78
N LEU A 113 -7.74 -4.36 3.95
CA LEU A 113 -6.73 -4.62 4.97
C LEU A 113 -7.23 -4.16 6.34
N SER A 114 -6.50 -4.53 7.40
CA SER A 114 -6.83 -4.19 8.79
C SER A 114 -5.54 -4.26 9.64
N SER A 115 -5.05 -3.09 10.06
CA SER A 115 -3.80 -2.96 10.84
C SER A 115 -3.97 -3.48 12.29
N GLN A 116 -5.24 -3.60 12.71
CA GLN A 116 -5.61 -4.01 14.07
C GLN A 116 -5.64 -5.55 14.12
N PRO A 117 -4.69 -6.22 14.86
CA PRO A 117 -4.63 -7.71 14.89
C PRO A 117 -5.79 -8.34 15.68
N PHE A 118 -6.14 -9.57 15.31
CA PHE A 118 -7.23 -10.34 15.95
C PHE A 118 -6.86 -10.71 17.40
N SER A 119 -5.54 -10.82 17.65
CA SER A 119 -4.99 -11.12 18.98
C SER A 119 -4.43 -9.82 19.58
N GLY A 1 17.13 -3.95 19.32
CA GLY A 1 17.36 -3.68 17.88
C GLY A 1 17.22 -2.20 17.54
N SER A 2 17.97 -1.75 16.52
CA SER A 2 17.97 -0.36 16.04
C SER A 2 16.66 -0.04 15.27
N HIS A 3 15.59 0.22 16.02
CA HIS A 3 14.28 0.55 15.46
C HIS A 3 14.24 2.04 15.09
N MET A 4 14.87 2.37 13.93
CA MET A 4 14.85 3.74 13.39
C MET A 4 13.46 4.06 12.79
N MET A 5 12.72 2.98 12.46
CA MET A 5 11.31 3.05 12.05
C MET A 5 10.47 2.24 13.08
N SER A 6 9.13 2.35 12.98
CA SER A 6 8.20 1.53 13.80
C SER A 6 7.91 0.17 13.12
N THR A 7 6.98 -0.62 13.68
CA THR A 7 6.58 -1.94 13.13
C THR A 7 5.06 -2.14 13.23
N VAL A 8 4.47 -2.79 12.20
CA VAL A 8 3.01 -3.08 12.11
C VAL A 8 2.76 -4.45 11.46
N CYS A 9 1.62 -5.07 11.81
CA CYS A 9 1.12 -6.30 11.16
C CYS A 9 -0.27 -6.02 10.59
N VAL A 10 -0.36 -5.89 9.27
CA VAL A 10 -1.63 -5.68 8.56
C VAL A 10 -2.18 -7.01 8.06
N TYR A 11 -3.51 -7.09 7.98
CA TYR A 11 -4.24 -8.28 7.52
C TYR A 11 -5.04 -7.91 6.26
N VAL A 12 -4.53 -8.32 5.09
CA VAL A 12 -5.18 -8.02 3.80
C VAL A 12 -6.41 -8.92 3.59
N ASN A 13 -7.61 -8.33 3.71
CA ASN A 13 -8.88 -9.01 3.49
C ASN A 13 -9.30 -8.83 2.02
N LYS A 14 -8.82 -9.76 1.17
CA LYS A 14 -9.19 -9.79 -0.26
C LYS A 14 -10.65 -10.27 -0.46
N HIS A 15 -11.23 -10.88 0.60
CA HIS A 15 -12.65 -11.27 0.63
C HIS A 15 -13.56 -10.03 0.81
N GLY A 16 -12.97 -8.92 1.30
CA GLY A 16 -13.67 -7.64 1.43
C GLY A 16 -13.75 -6.86 0.12
N ASN A 17 -13.84 -5.52 0.21
CA ASN A 17 -13.94 -4.65 -0.98
C ASN A 17 -12.58 -4.57 -1.69
N PHE A 18 -12.63 -4.56 -3.02
CA PHE A 18 -11.46 -4.74 -3.90
C PHE A 18 -10.98 -3.36 -4.33
N GLY A 19 -11.85 -2.66 -5.08
CA GLY A 19 -11.53 -1.33 -5.59
C GLY A 19 -12.71 -0.37 -5.49
N PRO A 20 -13.48 -0.10 -6.60
CA PRO A 20 -13.42 -0.84 -7.88
C PRO A 20 -12.37 -0.31 -8.89
N HIS A 21 -11.43 0.52 -8.39
CA HIS A 21 -10.27 0.99 -9.16
C HIS A 21 -9.12 -0.03 -9.14
N LEU A 22 -9.34 -1.15 -8.42
CA LEU A 22 -8.38 -2.26 -8.27
C LEU A 22 -8.95 -3.52 -8.92
N ASP A 23 -8.05 -4.35 -9.48
CA ASP A 23 -8.41 -5.57 -10.23
C ASP A 23 -8.81 -6.71 -9.27
N PRO A 24 -10.06 -7.26 -9.40
CA PRO A 24 -10.61 -8.27 -8.45
C PRO A 24 -9.80 -9.58 -8.36
N LYS A 25 -9.02 -9.94 -9.42
CA LYS A 25 -8.27 -11.20 -9.47
C LYS A 25 -6.93 -11.05 -8.75
N ARG A 26 -6.22 -9.97 -9.10
CA ARG A 26 -4.85 -9.69 -8.61
C ARG A 26 -4.84 -9.35 -7.11
N ILE A 27 -5.91 -8.67 -6.65
CA ILE A 27 -6.19 -8.44 -5.21
C ILE A 27 -6.15 -9.75 -4.38
N GLN A 28 -6.53 -10.86 -5.02
CA GLN A 28 -6.52 -12.21 -4.39
C GLN A 28 -5.09 -12.82 -4.38
N GLN A 29 -4.26 -12.42 -5.39
CA GLN A 29 -2.95 -13.06 -5.66
C GLN A 29 -1.85 -12.59 -4.69
N LEU A 30 -1.97 -11.34 -4.22
CA LEU A 30 -1.09 -10.80 -3.16
C LEU A 30 -1.46 -11.45 -1.81
N PRO A 31 -0.51 -11.55 -0.81
CA PRO A 31 -0.74 -12.34 0.45
C PRO A 31 -1.95 -11.87 1.28
N ASP A 32 -2.33 -12.75 2.23
CA ASP A 32 -3.47 -12.55 3.16
C ASP A 32 -3.14 -11.52 4.25
N HIS A 33 -1.86 -11.19 4.38
CA HIS A 33 -1.38 -10.23 5.37
C HIS A 33 0.00 -9.68 4.95
N PHE A 34 0.29 -8.44 5.37
CA PHE A 34 1.62 -7.84 5.28
C PHE A 34 2.08 -7.49 6.70
N GLY A 35 2.99 -8.29 7.26
CA GLY A 35 3.51 -8.08 8.62
C GLY A 35 3.41 -9.33 9.50
N PRO A 36 3.91 -9.30 10.80
CA PRO A 36 4.61 -8.13 11.41
C PRO A 36 6.00 -7.85 10.80
N GLY A 37 6.26 -6.58 10.56
CA GLY A 37 7.50 -6.11 9.96
C GLY A 37 7.60 -4.59 10.03
N PRO A 38 8.63 -3.97 9.38
CA PRO A 38 8.88 -2.52 9.49
C PRO A 38 7.79 -1.68 8.80
N VAL A 39 7.40 -0.57 9.47
CA VAL A 39 6.32 0.35 9.04
C VAL A 39 6.51 0.81 7.58
N ASN A 40 7.78 1.14 7.24
CA ASN A 40 8.24 1.50 5.89
C ASN A 40 7.78 0.47 4.84
N VAL A 41 8.20 -0.78 5.05
CA VAL A 41 7.99 -1.89 4.10
C VAL A 41 6.53 -2.33 4.05
N VAL A 42 5.88 -2.44 5.22
CA VAL A 42 4.49 -2.92 5.27
C VAL A 42 3.51 -1.96 4.53
N LEU A 43 3.64 -0.63 4.75
CA LEU A 43 2.73 0.37 4.14
C LEU A 43 2.94 0.41 2.61
N ARG A 44 4.23 0.33 2.17
CA ARG A 44 4.56 0.46 0.74
C ARG A 44 4.15 -0.82 0.00
N ARG A 45 4.18 -1.97 0.72
CA ARG A 45 3.76 -3.27 0.17
C ARG A 45 2.22 -3.35 -0.02
N ILE A 46 1.46 -2.53 0.74
CA ILE A 46 0.01 -2.39 0.51
C ILE A 46 -0.20 -1.57 -0.77
N VAL A 47 0.41 -0.37 -0.79
CA VAL A 47 0.20 0.63 -1.85
C VAL A 47 0.67 0.10 -3.23
N GLN A 48 1.95 -0.34 -3.33
CA GLN A 48 2.54 -0.80 -4.63
C GLN A 48 1.84 -2.06 -5.14
N ALA A 49 1.31 -2.89 -4.23
CA ALA A 49 0.48 -4.04 -4.59
C ALA A 49 -0.81 -3.55 -5.26
N CYS A 50 -1.47 -2.57 -4.62
CA CYS A 50 -2.73 -2.01 -5.10
C CYS A 50 -2.59 -1.29 -6.46
N VAL A 51 -1.55 -0.40 -6.62
CA VAL A 51 -1.38 0.41 -7.85
C VAL A 51 -1.08 -0.49 -9.04
N ASP A 52 -0.13 -1.42 -8.87
CA ASP A 52 0.31 -2.34 -9.92
C ASP A 52 -0.82 -3.34 -10.29
N CYS A 53 -1.62 -3.72 -9.27
CA CYS A 53 -2.77 -4.63 -9.44
C CYS A 53 -4.06 -3.84 -9.67
N ALA A 54 -3.93 -2.57 -10.05
CA ALA A 54 -5.09 -1.69 -10.30
C ALA A 54 -5.52 -1.71 -11.76
N LEU A 55 -6.80 -1.39 -11.95
CA LEU A 55 -7.41 -1.16 -13.26
C LEU A 55 -7.05 0.27 -13.71
N GLU A 56 -6.40 0.37 -14.89
CA GLU A 56 -5.87 1.63 -15.43
C GLU A 56 -4.90 2.28 -14.42
N THR A 57 -3.81 1.51 -14.15
CA THR A 57 -2.73 1.84 -13.20
C THR A 57 -2.19 3.27 -13.37
N LYS A 58 -2.14 3.73 -14.63
CA LYS A 58 -1.63 5.07 -15.00
C LYS A 58 -2.39 6.22 -14.29
N THR A 59 -3.73 6.07 -14.15
CA THR A 59 -4.60 7.06 -13.48
C THR A 59 -4.50 6.89 -11.95
N VAL A 60 -4.46 5.62 -11.53
CA VAL A 60 -4.31 5.21 -10.12
C VAL A 60 -2.99 5.73 -9.51
N PHE A 61 -1.96 5.79 -10.36
CA PHE A 61 -0.58 6.19 -9.98
C PHE A 61 -0.50 7.73 -9.81
N GLY A 62 -1.57 8.45 -10.23
CA GLY A 62 -1.70 9.89 -10.02
C GLY A 62 -2.23 10.26 -8.62
N TYR A 63 -2.65 9.24 -7.83
CA TYR A 63 -3.14 9.43 -6.44
C TYR A 63 -2.00 9.31 -5.42
N LEU A 64 -0.76 9.28 -5.92
CA LEU A 64 0.48 9.26 -5.11
C LEU A 64 1.62 9.92 -5.92
N LYS A 65 2.47 10.69 -5.24
CA LYS A 65 3.56 11.48 -5.87
C LYS A 65 4.96 11.01 -5.38
N PRO A 66 6.04 11.24 -6.20
CA PRO A 66 7.43 11.09 -5.75
C PRO A 66 7.86 12.21 -4.77
N ASP A 67 8.89 11.95 -3.95
CA ASP A 67 9.36 12.89 -2.92
C ASP A 67 10.84 12.61 -2.61
N ASN A 68 11.65 13.67 -2.44
CA ASN A 68 13.13 13.56 -2.42
C ASN A 68 13.70 13.32 -0.99
N ARG A 69 12.89 12.69 -0.13
CA ARG A 69 13.32 12.30 1.22
C ARG A 69 14.06 10.94 1.20
N GLY A 70 13.64 10.03 0.29
CA GLY A 70 14.30 8.73 0.14
C GLY A 70 13.83 7.68 1.14
N GLY A 71 12.50 7.64 1.37
CA GLY A 71 11.90 6.68 2.29
C GLY A 71 11.41 5.43 1.62
N GLU A 72 10.09 5.26 1.55
CA GLU A 72 9.45 4.13 0.86
C GLU A 72 9.54 4.34 -0.66
N VAL A 73 9.34 3.27 -1.43
CA VAL A 73 9.36 3.31 -2.91
C VAL A 73 8.17 2.48 -3.42
N ILE A 74 7.38 3.08 -4.33
CA ILE A 74 6.27 2.38 -4.99
C ILE A 74 6.61 2.15 -6.47
N THR A 75 6.50 0.89 -6.91
CA THR A 75 6.60 0.53 -8.33
C THR A 75 5.20 0.20 -8.86
N ALA A 76 5.01 0.44 -10.16
CA ALA A 76 3.71 0.27 -10.84
C ALA A 76 3.91 0.27 -12.34
N SER A 77 3.25 -0.65 -13.06
CA SER A 77 3.35 -0.75 -14.53
C SER A 77 2.68 0.49 -15.19
N PHE A 78 3.54 1.44 -15.61
CA PHE A 78 3.14 2.71 -16.23
C PHE A 78 4.11 3.02 -17.40
N ASP A 79 3.51 3.48 -18.53
CA ASP A 79 4.22 3.93 -19.75
C ASP A 79 5.04 2.76 -20.39
N GLY A 80 4.51 1.53 -20.25
CA GLY A 80 5.12 0.32 -20.84
C GLY A 80 6.29 -0.24 -20.02
N GLU A 81 6.58 0.39 -18.87
CA GLU A 81 7.67 0.00 -17.95
C GLU A 81 7.11 -0.14 -16.53
N THR A 82 7.93 -0.62 -15.59
CA THR A 82 7.64 -0.50 -14.15
C THR A 82 8.21 0.85 -13.65
N HIS A 83 7.33 1.85 -13.49
CA HIS A 83 7.73 3.19 -13.02
C HIS A 83 7.75 3.20 -11.49
N SER A 84 8.82 3.75 -10.93
CA SER A 84 9.05 3.82 -9.48
C SER A 84 9.06 5.29 -9.01
N ILE A 85 8.50 5.53 -7.81
CA ILE A 85 8.54 6.84 -7.13
C ILE A 85 9.06 6.69 -5.70
N GLN A 86 9.38 7.82 -5.05
CA GLN A 86 9.83 7.85 -3.65
C GLN A 86 8.78 8.52 -2.75
N LEU A 87 8.70 8.04 -1.51
CA LEU A 87 7.78 8.53 -0.46
C LEU A 87 8.63 9.14 0.69
N PRO A 88 8.07 10.09 1.51
CA PRO A 88 8.73 10.53 2.76
C PRO A 88 8.67 9.42 3.86
N PRO A 89 9.84 9.04 4.50
CA PRO A 89 9.92 7.89 5.42
C PRO A 89 9.20 8.17 6.74
N VAL A 90 8.42 7.20 7.21
CA VAL A 90 7.68 7.33 8.46
C VAL A 90 8.35 6.50 9.57
N ASN A 91 8.02 6.84 10.82
CA ASN A 91 8.54 6.15 12.02
C ASN A 91 7.41 5.91 13.03
N SER A 92 6.15 6.09 12.60
CA SER A 92 4.97 5.89 13.45
C SER A 92 4.09 4.77 12.87
N ALA A 93 3.57 3.92 13.79
CA ALA A 93 2.80 2.71 13.45
C ALA A 93 1.35 3.05 13.09
N SER A 94 0.85 4.16 13.66
CA SER A 94 -0.45 4.72 13.32
C SER A 94 -0.39 5.40 11.93
N PHE A 95 0.85 5.79 11.50
CA PHE A 95 1.06 6.52 10.23
C PHE A 95 1.22 5.50 9.10
N ALA A 96 1.60 4.24 9.45
CA ALA A 96 1.60 3.10 8.51
C ALA A 96 0.29 3.04 7.75
N LEU A 97 -0.78 2.89 8.56
CA LEU A 97 -2.14 2.69 8.10
C LEU A 97 -2.67 3.97 7.47
N ARG A 98 -2.32 5.11 8.09
CA ARG A 98 -2.73 6.45 7.64
C ARG A 98 -2.20 6.76 6.21
N PHE A 99 -1.03 6.19 5.86
CA PHE A 99 -0.37 6.43 4.56
C PHE A 99 -1.20 5.81 3.41
N LEU A 100 -1.66 4.56 3.58
CA LEU A 100 -2.53 3.89 2.57
C LEU A 100 -4.01 4.20 2.79
N GLU A 101 -4.36 4.77 3.96
CA GLU A 101 -5.76 5.07 4.35
C GLU A 101 -6.41 5.99 3.31
N ASN A 102 -5.79 7.16 3.09
CA ASN A 102 -6.28 8.18 2.14
C ASN A 102 -6.21 7.66 0.69
N PHE A 103 -5.16 6.87 0.39
CA PHE A 103 -4.95 6.25 -0.93
C PHE A 103 -6.12 5.31 -1.30
N CYS A 104 -6.33 4.28 -0.46
CA CYS A 104 -7.43 3.29 -0.60
C CYS A 104 -8.81 3.96 -0.55
N HIS A 105 -8.90 5.08 0.21
CA HIS A 105 -10.14 5.86 0.35
C HIS A 105 -10.51 6.52 -1.00
N SER A 106 -9.49 7.02 -1.72
CA SER A 106 -9.65 7.61 -3.07
C SER A 106 -10.04 6.53 -4.08
N LEU A 107 -9.48 5.30 -3.90
CA LEU A 107 -9.79 4.13 -4.74
C LEU A 107 -11.20 3.58 -4.46
N GLN A 108 -11.80 4.04 -3.34
CA GLN A 108 -13.14 3.68 -2.85
C GLN A 108 -13.15 2.25 -2.25
N CYS A 109 -11.95 1.70 -1.96
CA CYS A 109 -11.80 0.38 -1.34
C CYS A 109 -11.66 0.53 0.18
N ASP A 110 -12.31 -0.38 0.93
CA ASP A 110 -12.41 -0.29 2.40
C ASP A 110 -12.64 -1.69 2.95
N ASN A 111 -12.06 -1.97 4.14
CA ASN A 111 -12.08 -3.31 4.76
C ASN A 111 -11.23 -4.32 3.91
N LEU A 112 -10.44 -3.77 2.96
CA LEU A 112 -9.50 -4.54 2.14
C LEU A 112 -8.25 -4.92 2.97
N LEU A 113 -8.06 -4.22 4.10
CA LEU A 113 -6.95 -4.48 5.04
C LEU A 113 -7.26 -3.87 6.42
N SER A 114 -6.54 -4.35 7.45
CA SER A 114 -6.65 -3.85 8.83
C SER A 114 -5.48 -4.40 9.67
N SER A 115 -4.75 -3.53 10.39
CA SER A 115 -3.64 -3.95 11.27
C SER A 115 -4.15 -4.77 12.46
N GLN A 116 -5.40 -4.54 12.83
CA GLN A 116 -6.02 -5.20 13.96
C GLN A 116 -6.77 -6.46 13.48
N PRO A 117 -6.59 -7.64 14.15
CA PRO A 117 -7.29 -8.89 13.79
C PRO A 117 -8.80 -8.81 14.11
N PHE A 118 -9.54 -9.85 13.71
CA PHE A 118 -11.01 -9.88 13.84
C PHE A 118 -11.45 -10.04 15.33
N SER A 119 -10.48 -10.37 16.20
CA SER A 119 -10.63 -10.34 17.66
C SER A 119 -9.30 -9.79 18.28
N GLY A 1 17.62 6.56 9.02
CA GLY A 1 17.91 7.35 10.25
C GLY A 1 18.70 6.55 11.29
N SER A 2 19.29 7.28 12.26
CA SER A 2 20.17 6.68 13.31
C SER A 2 19.37 5.86 14.36
N HIS A 3 18.03 5.97 14.34
CA HIS A 3 17.12 5.25 15.25
C HIS A 3 16.37 4.15 14.48
N MET A 4 15.91 3.12 15.22
CA MET A 4 15.10 2.02 14.66
C MET A 4 13.67 2.50 14.37
N MET A 5 13.17 2.16 13.17
CA MET A 5 11.77 2.43 12.76
C MET A 5 10.80 1.52 13.52
N SER A 6 9.49 1.80 13.40
CA SER A 6 8.44 0.97 14.02
C SER A 6 8.24 -0.34 13.21
N THR A 7 7.43 -1.26 13.74
CA THR A 7 7.10 -2.53 13.06
C THR A 7 5.60 -2.81 13.20
N VAL A 8 4.96 -3.26 12.10
CA VAL A 8 3.50 -3.53 12.04
C VAL A 8 3.21 -4.83 11.27
N CYS A 9 1.98 -5.31 11.42
CA CYS A 9 1.46 -6.47 10.69
C CYS A 9 -0.02 -6.21 10.35
N VAL A 10 -0.29 -5.99 9.05
CA VAL A 10 -1.67 -5.81 8.55
C VAL A 10 -2.20 -7.16 8.04
N TYR A 11 -3.53 -7.25 7.95
CA TYR A 11 -4.24 -8.45 7.51
C TYR A 11 -5.09 -8.08 6.29
N VAL A 12 -4.56 -8.41 5.09
CA VAL A 12 -5.17 -8.04 3.82
C VAL A 12 -6.47 -8.82 3.58
N ASN A 13 -7.60 -8.13 3.71
CA ASN A 13 -8.94 -8.69 3.61
C ASN A 13 -9.47 -8.49 2.18
N LYS A 14 -9.18 -9.48 1.34
CA LYS A 14 -9.62 -9.52 -0.08
C LYS A 14 -11.11 -9.94 -0.20
N HIS A 15 -11.74 -10.28 0.95
CA HIS A 15 -13.20 -10.49 1.05
C HIS A 15 -13.93 -9.13 1.19
N GLY A 16 -13.17 -8.04 1.45
CA GLY A 16 -13.71 -6.67 1.47
C GLY A 16 -13.90 -6.11 0.06
N ASN A 17 -13.80 -4.76 -0.08
CA ASN A 17 -13.84 -4.12 -1.41
C ASN A 17 -12.48 -4.32 -2.07
N PHE A 18 -12.51 -4.60 -3.37
CA PHE A 18 -11.34 -4.89 -4.19
C PHE A 18 -10.77 -3.56 -4.61
N GLY A 19 -11.65 -2.73 -5.20
CA GLY A 19 -11.26 -1.43 -5.72
C GLY A 19 -12.35 -0.36 -5.64
N PRO A 20 -13.41 -0.35 -6.52
CA PRO A 20 -13.60 -1.30 -7.65
C PRO A 20 -12.60 -1.09 -8.84
N HIS A 21 -11.85 0.03 -8.80
CA HIS A 21 -10.78 0.35 -9.80
C HIS A 21 -9.64 -0.70 -9.83
N LEU A 22 -9.59 -1.58 -8.83
CA LEU A 22 -8.64 -2.70 -8.74
C LEU A 22 -9.30 -3.99 -9.23
N ASP A 23 -8.53 -4.82 -9.92
CA ASP A 23 -8.99 -6.12 -10.43
C ASP A 23 -9.20 -7.11 -9.26
N PRO A 24 -10.39 -7.76 -9.15
CA PRO A 24 -10.71 -8.68 -8.04
C PRO A 24 -9.75 -9.87 -7.95
N LYS A 25 -9.38 -10.46 -9.12
CA LYS A 25 -8.52 -11.68 -9.17
C LYS A 25 -7.12 -11.38 -8.63
N ARG A 26 -6.54 -10.24 -9.06
CA ARG A 26 -5.18 -9.80 -8.66
C ARG A 26 -5.13 -9.45 -7.17
N ILE A 27 -6.28 -8.95 -6.67
CA ILE A 27 -6.50 -8.70 -5.23
C ILE A 27 -6.52 -10.02 -4.42
N GLN A 28 -6.94 -11.13 -5.06
CA GLN A 28 -6.92 -12.46 -4.42
C GLN A 28 -5.51 -13.11 -4.51
N GLN A 29 -4.70 -12.67 -5.50
CA GLN A 29 -3.36 -13.26 -5.76
C GLN A 29 -2.33 -12.81 -4.70
N LEU A 30 -2.41 -11.53 -4.29
CA LEU A 30 -1.49 -10.96 -3.27
C LEU A 30 -1.74 -11.62 -1.89
N PRO A 31 -0.74 -11.62 -0.94
CA PRO A 31 -0.86 -12.33 0.36
C PRO A 31 -2.03 -11.80 1.22
N ASP A 32 -2.59 -12.70 2.06
CA ASP A 32 -3.74 -12.43 2.96
C ASP A 32 -3.30 -11.61 4.20
N HIS A 33 -2.00 -11.31 4.28
CA HIS A 33 -1.43 -10.40 5.29
C HIS A 33 -0.09 -9.84 4.80
N PHE A 34 0.25 -8.63 5.26
CA PHE A 34 1.61 -8.08 5.12
C PHE A 34 2.17 -7.84 6.53
N GLY A 35 3.09 -8.71 6.96
CA GLY A 35 3.74 -8.59 8.26
C GLY A 35 4.11 -9.94 8.88
N PRO A 36 4.79 -9.97 10.07
CA PRO A 36 5.25 -8.75 10.78
C PRO A 36 6.60 -8.24 10.20
N GLY A 37 6.63 -6.95 9.87
CA GLY A 37 7.79 -6.32 9.26
C GLY A 37 7.86 -4.83 9.56
N PRO A 38 8.70 -4.04 8.83
CA PRO A 38 8.93 -2.61 9.11
C PRO A 38 7.70 -1.75 8.76
N VAL A 39 7.48 -0.67 9.55
CA VAL A 39 6.36 0.27 9.36
C VAL A 39 6.35 0.85 7.93
N ASN A 40 7.55 1.25 7.48
CA ASN A 40 7.79 1.86 6.17
C ASN A 40 7.43 0.89 5.04
N VAL A 41 7.95 -0.35 5.14
CA VAL A 41 7.80 -1.36 4.10
C VAL A 41 6.35 -1.88 4.01
N VAL A 42 5.75 -2.24 5.17
CA VAL A 42 4.38 -2.81 5.23
C VAL A 42 3.33 -1.83 4.65
N LEU A 43 3.47 -0.51 4.97
CA LEU A 43 2.52 0.52 4.46
C LEU A 43 2.64 0.65 2.94
N ARG A 44 3.90 0.65 2.43
CA ARG A 44 4.18 0.88 1.01
C ARG A 44 3.80 -0.36 0.19
N ARG A 45 3.80 -1.55 0.84
CA ARG A 45 3.42 -2.80 0.19
C ARG A 45 1.94 -2.78 -0.22
N ILE A 46 1.09 -2.23 0.65
CA ILE A 46 -0.34 -2.05 0.36
C ILE A 46 -0.52 -1.10 -0.82
N VAL A 47 0.15 0.07 -0.70
CA VAL A 47 0.02 1.17 -1.65
C VAL A 47 0.46 0.73 -3.08
N GLN A 48 1.59 0.02 -3.16
CA GLN A 48 2.14 -0.46 -4.46
C GLN A 48 1.41 -1.70 -4.97
N ALA A 49 0.85 -2.54 -4.06
CA ALA A 49 0.09 -3.76 -4.45
C ALA A 49 -1.27 -3.37 -5.02
N CYS A 50 -1.84 -2.26 -4.50
CA CYS A 50 -3.08 -1.68 -5.03
C CYS A 50 -2.86 -1.23 -6.49
N VAL A 51 -1.86 -0.36 -6.68
CA VAL A 51 -1.49 0.16 -8.01
C VAL A 51 -1.02 -0.99 -8.95
N ASP A 52 -0.43 -2.05 -8.36
CA ASP A 52 0.01 -3.26 -9.11
C ASP A 52 -1.20 -4.10 -9.59
N CYS A 53 -2.27 -4.11 -8.79
CA CYS A 53 -3.52 -4.85 -9.12
C CYS A 53 -4.52 -3.98 -9.89
N ALA A 54 -4.13 -2.72 -10.14
CA ALA A 54 -5.01 -1.69 -10.70
C ALA A 54 -5.41 -1.96 -12.16
N LEU A 55 -6.69 -1.71 -12.43
CA LEU A 55 -7.24 -1.58 -13.78
C LEU A 55 -6.97 -0.14 -14.26
N GLU A 56 -6.15 -0.01 -15.32
CA GLU A 56 -5.66 1.28 -15.83
C GLU A 56 -4.76 1.95 -14.76
N THR A 57 -3.66 1.21 -14.46
CA THR A 57 -2.63 1.58 -13.45
C THR A 57 -2.06 2.99 -13.66
N LYS A 58 -1.96 3.40 -14.92
CA LYS A 58 -1.45 4.73 -15.34
C LYS A 58 -2.25 5.89 -14.67
N THR A 59 -3.58 5.75 -14.59
CA THR A 59 -4.48 6.77 -14.01
C THR A 59 -4.47 6.66 -12.47
N VAL A 60 -4.42 5.41 -11.99
CA VAL A 60 -4.39 5.07 -10.56
C VAL A 60 -3.09 5.60 -9.89
N PHE A 61 -1.99 5.56 -10.64
CA PHE A 61 -0.66 6.00 -10.18
C PHE A 61 -0.57 7.54 -10.12
N GLY A 62 -1.53 8.22 -10.81
CA GLY A 62 -1.62 9.69 -10.82
C GLY A 62 -2.04 10.30 -9.46
N TYR A 63 -2.53 9.44 -8.55
CA TYR A 63 -2.93 9.86 -7.18
C TYR A 63 -1.71 10.06 -6.27
N LEU A 64 -0.53 9.59 -6.72
CA LEU A 64 0.70 9.58 -5.92
C LEU A 64 1.93 9.92 -6.82
N LYS A 65 2.54 11.09 -6.56
CA LYS A 65 3.76 11.57 -7.27
C LYS A 65 4.95 11.60 -6.28
N PRO A 66 6.24 11.61 -6.77
CA PRO A 66 7.42 11.44 -5.89
C PRO A 66 7.67 12.60 -4.90
N ASP A 67 8.36 12.27 -3.80
CA ASP A 67 8.70 13.19 -2.70
C ASP A 67 10.18 13.00 -2.34
N ASN A 68 10.96 14.09 -2.37
CA ASN A 68 12.44 14.04 -2.37
C ASN A 68 13.03 13.97 -0.94
N ARG A 69 12.29 13.31 -0.03
CA ARG A 69 12.75 13.06 1.35
C ARG A 69 13.48 11.70 1.47
N GLY A 70 13.38 10.86 0.40
CA GLY A 70 14.13 9.59 0.32
C GLY A 70 13.63 8.52 1.28
N GLY A 71 12.30 8.41 1.38
CA GLY A 71 11.66 7.42 2.25
C GLY A 71 11.34 6.13 1.53
N GLU A 72 10.03 5.80 1.44
CA GLU A 72 9.55 4.57 0.80
C GLU A 72 9.57 4.71 -0.73
N VAL A 73 9.37 3.58 -1.43
CA VAL A 73 9.35 3.54 -2.91
C VAL A 73 8.13 2.73 -3.36
N ILE A 74 7.29 3.33 -4.23
CA ILE A 74 6.17 2.63 -4.89
C ILE A 74 6.53 2.31 -6.33
N THR A 75 6.37 1.04 -6.72
CA THR A 75 6.60 0.57 -8.09
C THR A 75 5.25 0.27 -8.77
N ALA A 76 5.17 0.62 -10.06
CA ALA A 76 3.96 0.50 -10.87
C ALA A 76 4.33 0.23 -12.34
N SER A 77 3.56 -0.62 -13.02
CA SER A 77 3.77 -0.90 -14.44
C SER A 77 3.08 0.19 -15.29
N PHE A 78 3.89 1.00 -15.97
CA PHE A 78 3.43 2.13 -16.80
C PHE A 78 4.34 2.27 -18.04
N ASP A 79 3.70 2.51 -19.21
CA ASP A 79 4.40 2.79 -20.50
C ASP A 79 5.21 1.55 -21.01
N GLY A 80 4.90 0.36 -20.49
CA GLY A 80 5.65 -0.87 -20.79
C GLY A 80 6.95 -0.99 -19.98
N GLU A 81 7.01 -0.23 -18.88
CA GLU A 81 8.20 -0.14 -18.00
C GLU A 81 7.77 -0.30 -16.53
N THR A 82 8.75 -0.43 -15.63
CA THR A 82 8.54 -0.20 -14.19
C THR A 82 8.86 1.27 -13.87
N HIS A 83 7.90 1.97 -13.24
CA HIS A 83 8.06 3.36 -12.78
C HIS A 83 7.95 3.40 -11.26
N SER A 84 8.96 4.01 -10.63
CA SER A 84 9.07 4.09 -9.17
C SER A 84 9.05 5.56 -8.72
N ILE A 85 8.37 5.84 -7.60
CA ILE A 85 8.37 7.17 -6.95
C ILE A 85 8.94 7.04 -5.52
N GLN A 86 9.34 8.19 -4.97
CA GLN A 86 9.80 8.30 -3.57
C GLN A 86 8.65 8.84 -2.69
N LEU A 87 8.64 8.38 -1.44
CA LEU A 87 7.68 8.80 -0.39
C LEU A 87 8.46 9.52 0.75
N PRO A 88 7.77 10.15 1.75
CA PRO A 88 8.42 10.56 3.03
C PRO A 88 8.67 9.34 3.97
N PRO A 89 9.82 9.28 4.70
CA PRO A 89 10.10 8.18 5.65
C PRO A 89 9.34 8.35 6.98
N VAL A 90 8.63 7.28 7.39
CA VAL A 90 7.84 7.26 8.63
C VAL A 90 8.65 6.59 9.78
N ASN A 91 8.10 6.63 11.01
CA ASN A 91 8.78 6.12 12.22
C ASN A 91 7.79 5.58 13.26
N SER A 92 6.47 5.67 12.96
CA SER A 92 5.40 5.35 13.93
C SER A 92 4.41 4.32 13.34
N ALA A 93 3.98 3.36 14.19
CA ALA A 93 3.02 2.30 13.83
C ALA A 93 1.62 2.87 13.56
N SER A 94 1.32 3.95 14.28
CA SER A 94 0.07 4.70 14.11
C SER A 94 -0.01 5.32 12.71
N PHE A 95 1.16 5.60 12.09
CA PHE A 95 1.24 6.24 10.76
C PHE A 95 1.17 5.18 9.65
N ALA A 96 1.63 3.95 9.96
CA ALA A 96 1.69 2.82 9.01
C ALA A 96 0.37 2.64 8.25
N LEU A 97 -0.65 2.23 9.02
CA LEU A 97 -2.01 2.03 8.52
C LEU A 97 -2.58 3.34 7.98
N ARG A 98 -2.36 4.44 8.73
CA ARG A 98 -2.89 5.79 8.42
C ARG A 98 -2.53 6.25 7.00
N PHE A 99 -1.35 5.81 6.51
CA PHE A 99 -0.84 6.17 5.18
C PHE A 99 -1.79 5.65 4.09
N LEU A 100 -2.06 4.32 4.12
CA LEU A 100 -2.93 3.68 3.13
C LEU A 100 -4.42 3.91 3.41
N GLU A 101 -4.78 4.36 4.64
CA GLU A 101 -6.18 4.68 4.99
C GLU A 101 -6.68 5.85 4.13
N ASN A 102 -5.87 6.91 4.02
CA ASN A 102 -6.17 8.09 3.19
C ASN A 102 -6.02 7.76 1.69
N PHE A 103 -4.99 6.97 1.35
CA PHE A 103 -4.72 6.51 -0.02
C PHE A 103 -5.93 5.73 -0.60
N CYS A 104 -6.29 4.64 0.09
CA CYS A 104 -7.42 3.77 -0.30
C CYS A 104 -8.78 4.51 -0.24
N HIS A 105 -8.87 5.54 0.62
CA HIS A 105 -10.07 6.40 0.72
C HIS A 105 -10.27 7.20 -0.59
N SER A 106 -9.15 7.70 -1.14
CA SER A 106 -9.13 8.44 -2.41
C SER A 106 -9.49 7.54 -3.61
N LEU A 107 -9.30 6.22 -3.42
CA LEU A 107 -9.46 5.21 -4.47
C LEU A 107 -10.82 4.47 -4.40
N GLN A 108 -11.55 4.63 -3.27
CA GLN A 108 -12.87 4.00 -2.98
C GLN A 108 -12.73 2.52 -2.54
N CYS A 109 -11.50 2.05 -2.32
CA CYS A 109 -11.25 0.69 -1.80
C CYS A 109 -11.24 0.73 -0.27
N ASP A 110 -11.92 -0.22 0.36
CA ASP A 110 -12.17 -0.21 1.81
C ASP A 110 -12.34 -1.64 2.32
N ASN A 111 -12.00 -1.87 3.61
CA ASN A 111 -11.95 -3.22 4.23
C ASN A 111 -10.96 -4.14 3.51
N LEU A 112 -10.02 -3.55 2.72
CA LEU A 112 -9.05 -4.32 1.93
C LEU A 112 -7.87 -4.79 2.80
N LEU A 113 -7.70 -4.15 3.97
CA LEU A 113 -6.75 -4.58 5.00
C LEU A 113 -7.07 -3.92 6.34
N SER A 114 -6.36 -4.36 7.40
CA SER A 114 -6.58 -3.90 8.78
C SER A 114 -5.35 -4.28 9.62
N SER A 115 -4.74 -3.30 10.32
CA SER A 115 -3.54 -3.54 11.16
C SER A 115 -3.88 -4.36 12.41
N GLN A 116 -5.17 -4.43 12.76
CA GLN A 116 -5.70 -5.20 13.90
C GLN A 116 -6.15 -6.60 13.42
N PRO A 117 -6.02 -7.67 14.27
CA PRO A 117 -6.54 -9.02 13.94
C PRO A 117 -8.09 -9.06 13.97
N PHE A 118 -8.66 -10.18 13.52
CA PHE A 118 -10.13 -10.35 13.43
C PHE A 118 -10.74 -10.62 14.83
N SER A 119 -9.97 -11.27 15.71
CA SER A 119 -10.35 -11.50 17.11
C SER A 119 -9.55 -10.54 18.02
N GLY A 1 18.92 4.32 17.84
CA GLY A 1 18.37 3.05 18.37
C GLY A 1 18.48 1.91 17.38
N SER A 2 18.15 0.68 17.84
CA SER A 2 18.16 -0.54 17.01
C SER A 2 17.07 -0.46 15.93
N HIS A 3 15.92 0.15 16.29
CA HIS A 3 14.87 0.55 15.34
C HIS A 3 14.69 2.07 15.43
N MET A 4 14.72 2.74 14.27
CA MET A 4 14.51 4.20 14.14
C MET A 4 13.06 4.48 13.70
N MET A 5 12.23 3.43 13.72
CA MET A 5 10.88 3.45 13.16
C MET A 5 9.98 2.48 13.95
N SER A 6 8.66 2.56 13.70
CA SER A 6 7.67 1.67 14.34
C SER A 6 7.58 0.31 13.60
N THR A 7 6.71 -0.59 14.11
CA THR A 7 6.47 -1.93 13.53
C THR A 7 4.96 -2.24 13.53
N VAL A 8 4.45 -2.77 12.39
CA VAL A 8 3.01 -3.08 12.21
C VAL A 8 2.83 -4.40 11.44
N CYS A 9 1.60 -4.96 11.53
CA CYS A 9 1.18 -6.17 10.81
C CYS A 9 -0.24 -5.95 10.27
N VAL A 10 -0.39 -5.93 8.94
CA VAL A 10 -1.71 -5.77 8.29
C VAL A 10 -2.18 -7.12 7.74
N TYR A 11 -3.49 -7.38 7.85
CA TYR A 11 -4.11 -8.62 7.39
C TYR A 11 -4.96 -8.28 6.16
N VAL A 12 -4.38 -8.54 4.98
CA VAL A 12 -4.94 -8.17 3.68
C VAL A 12 -6.17 -9.04 3.35
N ASN A 13 -7.36 -8.46 3.59
CA ASN A 13 -8.65 -9.15 3.40
C ASN A 13 -9.20 -8.84 2.01
N LYS A 14 -8.95 -9.77 1.08
CA LYS A 14 -9.42 -9.68 -0.31
C LYS A 14 -10.92 -10.04 -0.43
N HIS A 15 -11.50 -10.59 0.66
CA HIS A 15 -12.92 -10.92 0.75
C HIS A 15 -13.75 -9.67 1.15
N GLY A 16 -13.06 -8.63 1.67
CA GLY A 16 -13.71 -7.36 2.04
C GLY A 16 -14.15 -6.57 0.81
N ASN A 17 -13.25 -5.75 0.27
CA ASN A 17 -13.46 -4.99 -0.98
C ASN A 17 -12.15 -4.98 -1.77
N PHE A 18 -12.28 -4.89 -3.09
CA PHE A 18 -11.14 -4.92 -4.02
C PHE A 18 -10.78 -3.48 -4.34
N GLY A 19 -11.75 -2.76 -4.95
CA GLY A 19 -11.55 -1.37 -5.35
C GLY A 19 -12.83 -0.56 -5.31
N PRO A 20 -13.63 -0.44 -6.42
CA PRO A 20 -13.49 -1.26 -7.66
C PRO A 20 -12.47 -0.70 -8.69
N HIS A 21 -11.68 0.30 -8.28
CA HIS A 21 -10.58 0.85 -9.12
C HIS A 21 -9.38 -0.12 -9.16
N LEU A 22 -9.44 -1.18 -8.33
CA LEU A 22 -8.44 -2.26 -8.29
C LEU A 22 -9.06 -3.52 -8.89
N ASP A 23 -8.29 -4.22 -9.73
CA ASP A 23 -8.73 -5.45 -10.41
C ASP A 23 -9.02 -6.56 -9.37
N PRO A 24 -10.27 -7.16 -9.38
CA PRO A 24 -10.70 -8.11 -8.33
C PRO A 24 -9.84 -9.39 -8.28
N LYS A 25 -9.30 -9.83 -9.44
CA LYS A 25 -8.51 -11.07 -9.56
C LYS A 25 -7.11 -10.86 -8.96
N ARG A 26 -6.48 -9.74 -9.33
CA ARG A 26 -5.14 -9.32 -8.83
C ARG A 26 -5.14 -9.11 -7.32
N ILE A 27 -6.28 -8.61 -6.80
CA ILE A 27 -6.53 -8.45 -5.36
C ILE A 27 -6.55 -9.83 -4.65
N GLN A 28 -6.97 -10.88 -5.37
CA GLN A 28 -6.92 -12.27 -4.85
C GLN A 28 -5.51 -12.88 -5.05
N GLN A 29 -4.72 -12.32 -6.00
CA GLN A 29 -3.37 -12.84 -6.35
C GLN A 29 -2.30 -12.39 -5.35
N LEU A 30 -2.46 -11.18 -4.78
CA LEU A 30 -1.51 -10.63 -3.78
C LEU A 30 -1.67 -11.38 -2.43
N PRO A 31 -0.62 -11.40 -1.53
CA PRO A 31 -0.65 -12.21 -0.28
C PRO A 31 -1.81 -11.86 0.69
N ASP A 32 -2.07 -12.81 1.59
CA ASP A 32 -3.18 -12.80 2.56
C ASP A 32 -2.95 -11.76 3.69
N HIS A 33 -1.67 -11.40 3.91
CA HIS A 33 -1.26 -10.44 4.95
C HIS A 33 0.20 -9.99 4.72
N PHE A 34 0.51 -8.79 5.23
CA PHE A 34 1.87 -8.24 5.26
C PHE A 34 2.29 -8.02 6.71
N GLY A 35 3.59 -8.21 6.99
CA GLY A 35 4.12 -8.06 8.34
C GLY A 35 4.12 -9.36 9.15
N PRO A 36 4.50 -9.34 10.47
CA PRO A 36 4.90 -8.11 11.19
C PRO A 36 6.34 -7.68 10.86
N GLY A 37 6.48 -6.40 10.48
CA GLY A 37 7.77 -5.83 10.13
C GLY A 37 7.74 -4.31 10.25
N PRO A 38 8.61 -3.55 9.50
CA PRO A 38 8.75 -2.10 9.67
C PRO A 38 7.54 -1.32 9.12
N VAL A 39 7.09 -0.32 9.89
CA VAL A 39 6.01 0.65 9.52
C VAL A 39 6.15 1.14 8.06
N ASN A 40 7.41 1.42 7.69
CA ASN A 40 7.82 1.91 6.36
C ASN A 40 7.48 0.88 5.26
N VAL A 41 8.00 -0.35 5.45
CA VAL A 41 7.92 -1.40 4.44
C VAL A 41 6.47 -1.90 4.30
N VAL A 42 5.80 -2.16 5.43
CA VAL A 42 4.43 -2.72 5.44
C VAL A 42 3.43 -1.78 4.70
N LEU A 43 3.60 -0.43 4.83
CA LEU A 43 2.72 0.54 4.16
C LEU A 43 3.01 0.60 2.65
N ARG A 44 4.33 0.57 2.29
CA ARG A 44 4.76 0.72 0.88
C ARG A 44 4.31 -0.51 0.08
N ARG A 45 4.21 -1.67 0.76
CA ARG A 45 3.77 -2.92 0.14
C ARG A 45 2.31 -2.85 -0.30
N ILE A 46 1.44 -2.27 0.55
CA ILE A 46 0.01 -2.14 0.25
C ILE A 46 -0.19 -1.21 -0.95
N VAL A 47 0.40 0.00 -0.85
CA VAL A 47 0.21 1.05 -1.87
C VAL A 47 0.75 0.61 -3.24
N GLN A 48 1.96 0.00 -3.26
CA GLN A 48 2.58 -0.47 -4.53
C GLN A 48 1.79 -1.63 -5.13
N ALA A 49 1.20 -2.48 -4.27
CA ALA A 49 0.33 -3.59 -4.70
C ALA A 49 -0.96 -3.04 -5.30
N CYS A 50 -1.51 -1.97 -4.67
CA CYS A 50 -2.79 -1.37 -5.06
C CYS A 50 -2.69 -0.67 -6.43
N VAL A 51 -1.68 0.20 -6.60
CA VAL A 51 -1.47 0.94 -7.86
C VAL A 51 -1.20 -0.04 -9.01
N ASP A 52 -0.35 -1.05 -8.74
CA ASP A 52 0.07 -2.05 -9.74
C ASP A 52 -1.11 -2.99 -10.12
N CYS A 53 -1.99 -3.30 -9.13
CA CYS A 53 -3.16 -4.18 -9.37
C CYS A 53 -4.34 -3.38 -9.95
N ALA A 54 -4.22 -2.04 -9.96
CA ALA A 54 -5.29 -1.13 -10.36
C ALA A 54 -5.62 -1.23 -11.86
N LEU A 55 -6.90 -0.95 -12.16
CA LEU A 55 -7.40 -0.76 -13.52
C LEU A 55 -7.12 0.69 -13.94
N GLU A 56 -6.37 0.85 -15.05
CA GLU A 56 -5.84 2.14 -15.51
C GLU A 56 -4.87 2.71 -14.44
N THR A 57 -3.80 1.93 -14.21
CA THR A 57 -2.73 2.21 -13.23
C THR A 57 -2.08 3.59 -13.44
N LYS A 58 -1.99 4.01 -14.70
CA LYS A 58 -1.40 5.29 -15.12
C LYS A 58 -2.08 6.52 -14.48
N THR A 59 -3.41 6.45 -14.32
CA THR A 59 -4.20 7.53 -13.70
C THR A 59 -4.19 7.39 -12.17
N VAL A 60 -4.18 6.13 -11.70
CA VAL A 60 -4.07 5.78 -10.26
C VAL A 60 -2.69 6.22 -9.69
N PHE A 61 -1.68 6.19 -10.57
CA PHE A 61 -0.29 6.60 -10.28
C PHE A 61 -0.21 8.13 -10.09
N GLY A 62 -1.21 8.86 -10.65
CA GLY A 62 -1.31 10.31 -10.54
C GLY A 62 -1.72 10.80 -9.14
N TYR A 63 -2.22 9.89 -8.28
CA TYR A 63 -2.63 10.21 -6.90
C TYR A 63 -1.42 10.34 -5.96
N LEU A 64 -0.26 9.81 -6.38
CA LEU A 64 0.97 9.78 -5.57
C LEU A 64 2.18 10.24 -6.41
N LYS A 65 2.90 11.25 -5.90
CA LYS A 65 4.06 11.87 -6.59
C LYS A 65 5.38 11.36 -5.93
N PRO A 66 6.55 11.43 -6.65
CA PRO A 66 7.86 11.18 -6.02
C PRO A 66 8.31 12.33 -5.08
N ASP A 67 8.56 11.95 -3.84
CA ASP A 67 9.16 12.80 -2.80
C ASP A 67 10.55 12.24 -2.53
N ASN A 68 11.59 12.97 -2.97
CA ASN A 68 12.98 12.52 -2.86
C ASN A 68 13.51 12.89 -1.46
N ARG A 69 12.93 12.22 -0.46
CA ARG A 69 13.26 12.39 0.96
C ARG A 69 14.04 11.15 1.47
N GLY A 70 14.35 10.22 0.54
CA GLY A 70 15.08 8.99 0.87
C GLY A 70 14.29 8.05 1.77
N GLY A 71 12.98 7.94 1.48
CA GLY A 71 12.08 7.06 2.24
C GLY A 71 11.70 5.82 1.49
N GLU A 72 10.39 5.51 1.49
CA GLU A 72 9.83 4.29 0.87
C GLU A 72 9.84 4.36 -0.67
N VAL A 73 9.50 3.25 -1.33
CA VAL A 73 9.45 3.16 -2.81
C VAL A 73 8.14 2.48 -3.23
N ILE A 74 7.43 3.10 -4.19
CA ILE A 74 6.24 2.49 -4.83
C ILE A 74 6.57 2.18 -6.28
N THR A 75 6.41 0.92 -6.67
CA THR A 75 6.54 0.47 -8.07
C THR A 75 5.14 0.17 -8.63
N ALA A 76 4.96 0.46 -9.92
CA ALA A 76 3.66 0.35 -10.60
C ALA A 76 3.84 0.27 -12.12
N SER A 77 3.16 -0.68 -12.75
CA SER A 77 3.25 -0.92 -14.20
C SER A 77 2.58 0.21 -15.01
N PHE A 78 3.41 1.03 -15.68
CA PHE A 78 2.98 2.10 -16.58
C PHE A 78 3.76 1.98 -17.90
N ASP A 79 3.01 1.95 -19.02
CA ASP A 79 3.53 2.05 -20.41
C ASP A 79 4.32 0.79 -20.84
N GLY A 80 4.18 -0.30 -20.07
CA GLY A 80 4.93 -1.55 -20.31
C GLY A 80 6.24 -1.62 -19.51
N GLU A 81 6.45 -0.66 -18.61
CA GLU A 81 7.60 -0.63 -17.68
C GLU A 81 7.09 -0.62 -16.23
N THR A 82 7.99 -0.88 -15.28
CA THR A 82 7.69 -0.72 -13.84
C THR A 82 8.24 0.64 -13.38
N HIS A 83 7.33 1.62 -13.26
CA HIS A 83 7.67 3.00 -12.85
C HIS A 83 7.64 3.13 -11.33
N SER A 84 8.74 3.63 -10.77
CA SER A 84 8.95 3.74 -9.32
C SER A 84 9.09 5.20 -8.91
N ILE A 85 8.64 5.51 -7.69
CA ILE A 85 8.81 6.82 -7.05
C ILE A 85 9.48 6.62 -5.68
N GLN A 86 9.72 7.74 -4.98
CA GLN A 86 10.14 7.73 -3.57
C GLN A 86 9.04 8.38 -2.72
N LEU A 87 8.98 7.98 -1.47
CA LEU A 87 8.08 8.56 -0.45
C LEU A 87 8.93 9.23 0.65
N PRO A 88 8.32 10.08 1.53
CA PRO A 88 9.00 10.52 2.77
C PRO A 88 8.94 9.41 3.87
N PRO A 89 10.09 9.14 4.59
CA PRO A 89 10.18 8.00 5.56
C PRO A 89 9.34 8.25 6.83
N VAL A 90 8.58 7.23 7.25
CA VAL A 90 7.71 7.28 8.44
C VAL A 90 8.40 6.65 9.67
N ASN A 91 7.73 6.76 10.84
CA ASN A 91 8.23 6.21 12.11
C ASN A 91 7.08 5.86 13.08
N SER A 92 5.83 6.19 12.71
CA SER A 92 4.66 5.99 13.59
C SER A 92 3.73 4.93 13.01
N ALA A 93 3.19 4.06 13.89
CA ALA A 93 2.31 2.95 13.49
C ALA A 93 0.95 3.46 12.99
N SER A 94 0.55 4.62 13.52
CA SER A 94 -0.64 5.35 13.06
C SER A 94 -0.46 5.80 11.59
N PHE A 95 0.80 6.12 11.21
CA PHE A 95 1.11 6.68 9.89
C PHE A 95 1.24 5.53 8.86
N ALA A 96 1.62 4.31 9.35
CA ALA A 96 1.63 3.08 8.53
C ALA A 96 0.29 2.93 7.84
N LEU A 97 -0.74 2.80 8.70
CA LEU A 97 -2.10 2.49 8.30
C LEU A 97 -2.66 3.67 7.51
N ARG A 98 -2.56 4.89 8.11
CA ARG A 98 -3.11 6.13 7.52
C ARG A 98 -2.66 6.35 6.07
N PHE A 99 -1.41 5.96 5.76
CA PHE A 99 -0.81 6.19 4.44
C PHE A 99 -1.67 5.51 3.35
N LEU A 100 -2.00 4.23 3.58
CA LEU A 100 -2.85 3.46 2.66
C LEU A 100 -4.36 3.60 2.97
N GLU A 101 -4.74 4.13 4.17
CA GLU A 101 -6.17 4.28 4.54
C GLU A 101 -6.78 5.49 3.83
N ASN A 102 -5.95 6.54 3.71
CA ASN A 102 -6.25 7.72 2.87
C ASN A 102 -6.32 7.32 1.39
N PHE A 103 -5.37 6.46 1.00
CA PHE A 103 -5.19 6.04 -0.40
C PHE A 103 -6.32 5.08 -0.85
N CYS A 104 -6.68 4.11 0.01
CA CYS A 104 -7.72 3.09 -0.28
C CYS A 104 -9.10 3.75 -0.28
N HIS A 105 -9.21 4.86 0.48
CA HIS A 105 -10.42 5.72 0.52
C HIS A 105 -10.64 6.39 -0.85
N SER A 106 -9.53 6.73 -1.53
CA SER A 106 -9.54 7.32 -2.88
C SER A 106 -9.82 6.22 -3.94
N LEU A 107 -9.42 4.97 -3.62
CA LEU A 107 -9.70 3.78 -4.46
C LEU A 107 -11.13 3.27 -4.23
N GLN A 108 -11.75 3.76 -3.12
CA GLN A 108 -13.14 3.42 -2.68
C GLN A 108 -13.22 2.01 -2.04
N CYS A 109 -12.04 1.40 -1.80
CA CYS A 109 -11.95 0.06 -1.20
C CYS A 109 -11.84 0.16 0.33
N ASP A 110 -12.57 -0.73 1.03
CA ASP A 110 -12.57 -0.83 2.50
C ASP A 110 -12.42 -2.29 2.91
N ASN A 111 -11.94 -2.51 4.15
CA ASN A 111 -11.72 -3.87 4.72
C ASN A 111 -10.74 -4.70 3.86
N LEU A 112 -9.90 -4.01 3.05
CA LEU A 112 -8.89 -4.66 2.19
C LEU A 112 -7.64 -5.05 3.02
N LEU A 113 -7.54 -4.44 4.21
CA LEU A 113 -6.50 -4.76 5.20
C LEU A 113 -6.95 -4.28 6.60
N SER A 114 -6.17 -4.65 7.63
CA SER A 114 -6.47 -4.30 9.02
C SER A 114 -5.23 -4.56 9.90
N SER A 115 -4.88 -3.61 10.79
CA SER A 115 -3.71 -3.76 11.70
C SER A 115 -3.93 -4.86 12.75
N GLN A 116 -5.21 -5.16 12.99
CA GLN A 116 -5.65 -6.09 14.03
C GLN A 116 -6.40 -7.26 13.36
N PRO A 117 -6.34 -8.51 13.94
CA PRO A 117 -7.05 -9.69 13.38
C PRO A 117 -8.58 -9.55 13.50
N PHE A 118 -9.31 -10.51 12.93
CA PHE A 118 -10.78 -10.53 12.94
C PHE A 118 -11.30 -11.03 14.30
N SER A 119 -10.44 -11.80 14.99
CA SER A 119 -10.67 -12.24 16.36
C SER A 119 -10.57 -11.02 17.33
N GLY A 1 16.47 11.37 19.14
CA GLY A 1 15.76 10.68 18.06
C GLY A 1 16.02 9.19 18.05
N SER A 2 15.24 8.46 17.23
CA SER A 2 15.31 6.99 17.13
C SER A 2 15.86 6.59 15.76
N HIS A 3 16.78 5.60 15.75
CA HIS A 3 17.31 5.00 14.51
C HIS A 3 16.43 3.84 14.04
N MET A 4 15.73 3.21 15.01
CA MET A 4 14.81 2.09 14.73
C MET A 4 13.43 2.65 14.34
N MET A 5 12.90 2.13 13.23
CA MET A 5 11.52 2.40 12.78
C MET A 5 10.53 1.60 13.65
N SER A 6 9.26 1.98 13.57
CA SER A 6 8.17 1.24 14.24
C SER A 6 7.87 -0.09 13.51
N THR A 7 7.02 -0.94 14.12
CA THR A 7 6.62 -2.25 13.52
C THR A 7 5.10 -2.43 13.62
N VAL A 8 4.51 -2.94 12.53
CA VAL A 8 3.04 -3.21 12.41
C VAL A 8 2.82 -4.51 11.61
N CYS A 9 1.60 -5.06 11.74
CA CYS A 9 1.17 -6.27 11.01
C CYS A 9 -0.23 -6.06 10.45
N VAL A 10 -0.30 -5.90 9.14
CA VAL A 10 -1.56 -5.73 8.41
C VAL A 10 -2.01 -7.09 7.85
N TYR A 11 -3.33 -7.25 7.70
CA TYR A 11 -3.96 -8.48 7.21
C TYR A 11 -4.91 -8.12 6.06
N VAL A 12 -4.49 -8.45 4.84
CA VAL A 12 -5.23 -8.12 3.61
C VAL A 12 -6.50 -8.97 3.51
N ASN A 13 -7.66 -8.31 3.63
CA ASN A 13 -8.98 -8.93 3.50
C ASN A 13 -9.43 -8.76 2.03
N LYS A 14 -8.93 -9.65 1.17
CA LYS A 14 -9.32 -9.73 -0.26
C LYS A 14 -10.78 -10.22 -0.41
N HIS A 15 -11.35 -10.75 0.69
CA HIS A 15 -12.78 -11.14 0.76
C HIS A 15 -13.68 -9.89 0.88
N GLY A 16 -13.09 -8.76 1.36
CA GLY A 16 -13.83 -7.50 1.51
C GLY A 16 -13.97 -6.73 0.20
N ASN A 17 -13.84 -5.40 0.25
CA ASN A 17 -13.86 -4.52 -0.94
C ASN A 17 -12.52 -4.68 -1.68
N PHE A 18 -12.58 -4.65 -3.00
CA PHE A 18 -11.41 -4.85 -3.88
C PHE A 18 -10.85 -3.48 -4.24
N GLY A 19 -11.75 -2.62 -4.77
CA GLY A 19 -11.35 -1.30 -5.28
C GLY A 19 -12.48 -0.29 -5.28
N PRO A 20 -13.52 -0.41 -6.17
CA PRO A 20 -13.69 -1.51 -7.15
C PRO A 20 -12.90 -1.32 -8.48
N HIS A 21 -12.08 -0.26 -8.58
CA HIS A 21 -11.20 -0.04 -9.78
C HIS A 21 -9.97 -0.97 -9.74
N LEU A 22 -9.78 -1.66 -8.60
CA LEU A 22 -8.71 -2.65 -8.42
C LEU A 22 -9.22 -4.00 -8.91
N ASP A 23 -8.48 -4.59 -9.86
CA ASP A 23 -8.83 -5.86 -10.51
C ASP A 23 -9.04 -6.96 -9.44
N PRO A 24 -10.26 -7.61 -9.41
CA PRO A 24 -10.64 -8.56 -8.34
C PRO A 24 -9.70 -9.78 -8.24
N LYS A 25 -9.12 -10.23 -9.38
CA LYS A 25 -8.27 -11.44 -9.43
C LYS A 25 -6.89 -11.15 -8.81
N ARG A 26 -6.28 -10.01 -9.23
CA ARG A 26 -4.94 -9.57 -8.77
C ARG A 26 -4.96 -9.25 -7.26
N ILE A 27 -6.13 -8.79 -6.77
CA ILE A 27 -6.40 -8.56 -5.33
C ILE A 27 -6.34 -9.89 -4.53
N GLN A 28 -6.67 -11.02 -5.20
CA GLN A 28 -6.58 -12.36 -4.59
C GLN A 28 -5.14 -12.93 -4.71
N GLN A 29 -4.38 -12.48 -5.74
CA GLN A 29 -3.05 -13.03 -6.05
C GLN A 29 -1.98 -12.55 -5.05
N LEU A 30 -2.14 -11.32 -4.53
CA LEU A 30 -1.24 -10.77 -3.49
C LEU A 30 -1.49 -11.51 -2.15
N PRO A 31 -0.50 -11.57 -1.19
CA PRO A 31 -0.65 -12.35 0.07
C PRO A 31 -1.81 -11.85 0.97
N ASP A 32 -2.28 -12.76 1.84
CA ASP A 32 -3.42 -12.53 2.76
C ASP A 32 -3.04 -11.57 3.92
N HIS A 33 -1.77 -11.15 3.96
CA HIS A 33 -1.26 -10.22 4.98
C HIS A 33 0.03 -9.55 4.49
N PHE A 34 0.30 -8.37 5.07
CA PHE A 34 1.59 -7.70 4.95
C PHE A 34 2.06 -7.35 6.37
N GLY A 35 3.03 -8.12 6.90
CA GLY A 35 3.54 -7.95 8.25
C GLY A 35 3.66 -9.28 9.01
N PRO A 36 4.18 -9.32 10.28
CA PRO A 36 4.76 -8.13 10.97
C PRO A 36 6.15 -7.74 10.43
N GLY A 37 6.30 -6.45 10.13
CA GLY A 37 7.52 -5.91 9.56
C GLY A 37 7.69 -4.43 9.88
N PRO A 38 8.56 -3.70 9.13
CA PRO A 38 8.82 -2.27 9.38
C PRO A 38 7.63 -1.40 8.90
N VAL A 39 7.19 -0.50 9.81
CA VAL A 39 6.06 0.44 9.63
C VAL A 39 5.96 1.03 8.19
N ASN A 40 7.11 1.50 7.72
CA ASN A 40 7.28 2.22 6.46
C ASN A 40 7.14 1.30 5.24
N VAL A 41 7.71 0.08 5.34
CA VAL A 41 7.63 -0.92 4.25
C VAL A 41 6.23 -1.55 4.19
N VAL A 42 5.67 -1.89 5.36
CA VAL A 42 4.34 -2.53 5.46
C VAL A 42 3.22 -1.65 4.86
N LEU A 43 3.29 -0.32 5.10
CA LEU A 43 2.31 0.62 4.52
C LEU A 43 2.50 0.71 3.00
N ARG A 44 3.78 0.71 2.56
CA ARG A 44 4.14 0.81 1.13
C ARG A 44 3.76 -0.48 0.40
N ARG A 45 3.70 -1.59 1.15
CA ARG A 45 3.32 -2.91 0.64
C ARG A 45 1.86 -2.91 0.18
N ILE A 46 0.98 -2.26 0.98
CA ILE A 46 -0.45 -2.11 0.65
C ILE A 46 -0.59 -1.26 -0.62
N VAL A 47 0.09 -0.09 -0.58
CA VAL A 47 0.04 0.93 -1.62
C VAL A 47 0.52 0.37 -3.00
N GLN A 48 1.72 -0.24 -3.01
CA GLN A 48 2.35 -0.78 -4.25
C GLN A 48 1.52 -1.93 -4.82
N ALA A 49 0.91 -2.74 -3.92
CA ALA A 49 0.05 -3.87 -4.31
C ALA A 49 -1.24 -3.37 -4.95
N CYS A 50 -1.77 -2.25 -4.43
CA CYS A 50 -3.02 -1.63 -4.93
C CYS A 50 -2.82 -1.04 -6.35
N VAL A 51 -1.68 -0.36 -6.57
CA VAL A 51 -1.35 0.26 -7.88
C VAL A 51 -1.04 -0.85 -8.91
N ASP A 52 -0.29 -1.87 -8.46
CA ASP A 52 0.09 -3.04 -9.27
C ASP A 52 -1.15 -3.82 -9.72
N CYS A 53 -2.12 -3.96 -8.80
CA CYS A 53 -3.35 -4.76 -9.04
C CYS A 53 -4.50 -3.89 -9.57
N ALA A 54 -4.20 -2.64 -9.95
CA ALA A 54 -5.20 -1.68 -10.42
C ALA A 54 -5.46 -1.80 -11.93
N LEU A 55 -6.74 -1.60 -12.32
CA LEU A 55 -7.15 -1.34 -13.70
C LEU A 55 -6.79 0.12 -14.03
N GLU A 56 -6.14 0.33 -15.18
CA GLU A 56 -5.67 1.67 -15.63
C GLU A 56 -4.65 2.23 -14.60
N THR A 57 -3.59 1.43 -14.39
CA THR A 57 -2.46 1.70 -13.47
C THR A 57 -1.86 3.10 -13.66
N LYS A 58 -1.88 3.58 -14.91
CA LYS A 58 -1.33 4.89 -15.32
C LYS A 58 -2.02 6.09 -14.63
N THR A 59 -3.34 5.94 -14.37
CA THR A 59 -4.14 6.94 -13.64
C THR A 59 -3.95 6.77 -12.12
N VAL A 60 -3.78 5.50 -11.72
CA VAL A 60 -3.60 5.09 -10.31
C VAL A 60 -2.20 5.51 -9.79
N PHE A 61 -1.27 5.62 -10.73
CA PHE A 61 0.08 6.15 -10.51
C PHE A 61 0.03 7.68 -10.27
N GLY A 62 -1.05 8.31 -10.77
CA GLY A 62 -1.28 9.75 -10.62
C GLY A 62 -1.86 10.16 -9.27
N TYR A 63 -2.28 9.18 -8.44
CA TYR A 63 -2.79 9.45 -7.07
C TYR A 63 -1.65 9.86 -6.11
N LEU A 64 -0.41 9.49 -6.47
CA LEU A 64 0.78 9.74 -5.64
C LEU A 64 1.96 10.23 -6.53
N LYS A 65 2.78 11.11 -5.95
CA LYS A 65 3.92 11.75 -6.65
C LYS A 65 5.25 11.33 -5.98
N PRO A 66 6.41 11.39 -6.73
CA PRO A 66 7.73 11.10 -6.15
C PRO A 66 8.15 12.17 -5.11
N ASP A 67 8.59 11.68 -3.95
CA ASP A 67 9.01 12.49 -2.81
C ASP A 67 10.56 12.52 -2.76
N ASN A 68 11.15 13.40 -1.93
CA ASN A 68 12.61 13.56 -1.84
C ASN A 68 13.09 13.57 -0.38
N ARG A 69 12.54 12.66 0.42
CA ARG A 69 13.05 12.38 1.78
C ARG A 69 13.82 11.05 1.84
N GLY A 70 13.98 10.39 0.66
CA GLY A 70 14.73 9.13 0.56
C GLY A 70 14.04 7.96 1.26
N GLY A 71 12.70 7.99 1.27
CA GLY A 71 11.91 7.04 2.02
C GLY A 71 11.58 5.78 1.26
N GLU A 72 10.28 5.54 1.03
CA GLU A 72 9.77 4.29 0.48
C GLU A 72 9.72 4.33 -1.04
N VAL A 73 9.46 3.17 -1.67
CA VAL A 73 9.40 3.06 -3.14
C VAL A 73 8.13 2.30 -3.54
N ILE A 74 7.35 2.91 -4.47
CA ILE A 74 6.15 2.29 -5.08
C ILE A 74 6.41 2.04 -6.57
N THR A 75 6.17 0.81 -7.02
CA THR A 75 6.38 0.39 -8.41
C THR A 75 5.03 0.25 -9.13
N ALA A 76 5.02 0.61 -10.42
CA ALA A 76 3.81 0.67 -11.24
C ALA A 76 4.14 0.54 -12.73
N SER A 77 3.47 -0.40 -13.42
CA SER A 77 3.58 -0.57 -14.88
C SER A 77 2.86 0.59 -15.60
N PHE A 78 3.58 1.30 -16.47
CA PHE A 78 3.07 2.47 -17.19
C PHE A 78 3.71 2.54 -18.59
N ASP A 79 2.85 2.41 -19.63
CA ASP A 79 3.20 2.67 -21.05
C ASP A 79 4.29 1.68 -21.56
N GLY A 80 4.37 0.51 -20.91
CA GLY A 80 5.37 -0.53 -21.25
C GLY A 80 6.59 -0.50 -20.34
N GLU A 81 6.77 0.61 -19.60
CA GLU A 81 7.90 0.81 -18.68
C GLU A 81 7.46 0.47 -17.25
N THR A 82 8.44 0.37 -16.35
CA THR A 82 8.20 0.16 -14.93
C THR A 82 8.64 1.43 -14.16
N HIS A 83 7.65 2.21 -13.72
CA HIS A 83 7.86 3.51 -13.05
C HIS A 83 7.78 3.33 -11.53
N SER A 84 8.83 3.78 -10.83
CA SER A 84 8.92 3.76 -9.37
C SER A 84 9.05 5.18 -8.84
N ILE A 85 8.34 5.49 -7.74
CA ILE A 85 8.44 6.80 -7.06
C ILE A 85 8.98 6.61 -5.64
N GLN A 86 9.27 7.73 -4.98
CA GLN A 86 9.61 7.76 -3.55
C GLN A 86 8.41 8.26 -2.72
N LEU A 87 8.34 7.77 -1.49
CA LEU A 87 7.44 8.24 -0.44
C LEU A 87 8.30 8.84 0.71
N PRO A 88 7.71 9.62 1.66
CA PRO A 88 8.41 10.01 2.91
C PRO A 88 8.55 8.79 3.88
N PRO A 89 9.72 8.60 4.57
CA PRO A 89 9.90 7.48 5.52
C PRO A 89 9.27 7.81 6.88
N VAL A 90 8.42 6.90 7.38
CA VAL A 90 7.75 7.05 8.67
C VAL A 90 8.44 6.17 9.72
N ASN A 91 8.14 6.46 11.00
CA ASN A 91 8.72 5.76 12.15
C ASN A 91 7.75 5.78 13.34
N SER A 92 6.44 5.94 13.03
CA SER A 92 5.36 5.76 14.03
C SER A 92 4.36 4.72 13.49
N ALA A 93 3.91 3.80 14.38
CA ALA A 93 2.98 2.69 14.03
C ALA A 93 1.58 3.23 13.74
N SER A 94 1.24 4.35 14.37
CA SER A 94 -0.01 5.07 14.15
C SER A 94 -0.05 5.72 12.75
N PHE A 95 1.15 5.93 12.14
CA PHE A 95 1.28 6.54 10.80
C PHE A 95 1.14 5.44 9.73
N ALA A 96 1.55 4.19 10.08
CA ALA A 96 1.56 3.02 9.16
C ALA A 96 0.24 2.89 8.40
N LEU A 97 -0.81 2.56 9.17
CA LEU A 97 -2.18 2.38 8.68
C LEU A 97 -2.72 3.70 8.09
N ARG A 98 -2.49 4.81 8.82
CA ARG A 98 -3.02 6.14 8.48
C ARG A 98 -2.55 6.63 7.10
N PHE A 99 -1.35 6.17 6.68
CA PHE A 99 -0.73 6.55 5.41
C PHE A 99 -1.63 6.09 4.24
N LEU A 100 -1.83 4.76 4.16
CA LEU A 100 -2.61 4.13 3.08
C LEU A 100 -4.13 4.32 3.27
N GLU A 101 -4.59 4.73 4.48
CA GLU A 101 -6.04 4.99 4.71
C GLU A 101 -6.57 6.06 3.74
N ASN A 102 -5.77 7.12 3.52
CA ASN A 102 -6.12 8.21 2.58
C ASN A 102 -6.09 7.69 1.13
N PHE A 103 -5.03 6.93 0.81
CA PHE A 103 -4.79 6.39 -0.54
C PHE A 103 -5.95 5.46 -0.96
N CYS A 104 -6.25 4.48 -0.10
CA CYS A 104 -7.34 3.50 -0.28
C CYS A 104 -8.72 4.18 -0.34
N HIS A 105 -8.87 5.27 0.44
CA HIS A 105 -10.13 6.05 0.46
C HIS A 105 -10.32 6.81 -0.89
N SER A 106 -9.20 7.21 -1.50
CA SER A 106 -9.17 7.82 -2.84
C SER A 106 -9.46 6.76 -3.93
N LEU A 107 -9.09 5.50 -3.62
CA LEU A 107 -9.35 4.35 -4.50
C LEU A 107 -10.80 3.84 -4.35
N GLN A 108 -11.49 4.32 -3.28
CA GLN A 108 -12.87 3.89 -2.85
C GLN A 108 -12.85 2.53 -2.13
N CYS A 109 -11.65 1.95 -1.90
CA CYS A 109 -11.51 0.62 -1.29
C CYS A 109 -11.43 0.73 0.24
N ASP A 110 -12.09 -0.20 0.92
CA ASP A 110 -12.24 -0.21 2.38
C ASP A 110 -12.31 -1.65 2.88
N ASN A 111 -11.87 -1.89 4.13
CA ASN A 111 -11.76 -3.25 4.75
C ASN A 111 -11.06 -4.28 3.81
N LEU A 112 -10.18 -3.76 2.92
CA LEU A 112 -9.30 -4.57 2.06
C LEU A 112 -8.05 -4.99 2.84
N LEU A 113 -7.87 -4.39 4.03
CA LEU A 113 -6.74 -4.66 4.91
C LEU A 113 -7.12 -4.29 6.36
N SER A 114 -6.41 -4.88 7.33
CA SER A 114 -6.61 -4.60 8.75
C SER A 114 -5.27 -4.67 9.50
N SER A 115 -4.77 -3.49 9.95
CA SER A 115 -3.50 -3.40 10.71
C SER A 115 -3.68 -3.86 12.17
N GLN A 116 -4.94 -4.16 12.56
CA GLN A 116 -5.28 -4.69 13.89
C GLN A 116 -5.82 -6.12 13.73
N PRO A 117 -5.15 -7.14 14.37
CA PRO A 117 -5.64 -8.54 14.42
C PRO A 117 -6.82 -8.71 15.41
N PHE A 118 -7.37 -9.93 15.47
CA PHE A 118 -8.48 -10.29 16.39
C PHE A 118 -8.03 -10.16 17.86
N SER A 119 -6.75 -10.49 18.12
CA SER A 119 -6.10 -10.33 19.43
C SER A 119 -5.12 -9.12 19.38
N GLY A 1 22.00 -1.96 13.86
CA GLY A 1 20.79 -2.73 14.25
C GLY A 1 19.99 -2.02 15.34
N SER A 2 19.09 -1.13 14.92
CA SER A 2 18.25 -0.31 15.82
C SER A 2 16.89 -0.02 15.17
N HIS A 3 15.88 0.27 16.03
CA HIS A 3 14.55 0.68 15.57
C HIS A 3 14.56 2.17 15.17
N MET A 4 15.03 2.44 13.93
CA MET A 4 14.91 3.77 13.28
C MET A 4 13.45 4.03 12.86
N MET A 5 12.68 2.92 12.83
CA MET A 5 11.26 2.90 12.46
C MET A 5 10.49 1.97 13.42
N SER A 6 9.15 2.10 13.44
CA SER A 6 8.24 1.23 14.22
C SER A 6 8.02 -0.12 13.48
N THR A 7 7.10 -0.96 14.00
CA THR A 7 6.70 -2.25 13.38
C THR A 7 5.17 -2.45 13.52
N VAL A 8 4.50 -2.90 12.42
CA VAL A 8 3.03 -3.16 12.39
C VAL A 8 2.74 -4.49 11.64
N CYS A 9 1.57 -5.08 11.95
CA CYS A 9 1.04 -6.25 11.23
C CYS A 9 -0.32 -5.89 10.60
N VAL A 10 -0.34 -5.72 9.28
CA VAL A 10 -1.58 -5.49 8.52
C VAL A 10 -2.06 -6.84 7.95
N TYR A 11 -3.38 -6.95 7.79
CA TYR A 11 -4.05 -8.17 7.33
C TYR A 11 -4.99 -7.80 6.18
N VAL A 12 -4.54 -8.15 4.96
CA VAL A 12 -5.25 -7.85 3.70
C VAL A 12 -6.48 -8.77 3.54
N ASN A 13 -7.69 -8.21 3.76
CA ASN A 13 -8.95 -8.95 3.60
C ASN A 13 -9.43 -8.82 2.14
N LYS A 14 -8.96 -9.75 1.30
CA LYS A 14 -9.36 -9.85 -0.11
C LYS A 14 -10.82 -10.34 -0.23
N HIS A 15 -11.37 -10.93 0.86
CA HIS A 15 -12.80 -11.27 0.96
C HIS A 15 -13.66 -10.00 1.12
N GLY A 16 -13.01 -8.89 1.51
CA GLY A 16 -13.63 -7.56 1.55
C GLY A 16 -13.66 -6.87 0.19
N ASN A 17 -13.97 -5.57 0.18
CA ASN A 17 -14.10 -4.78 -1.06
C ASN A 17 -12.74 -4.62 -1.74
N PHE A 18 -12.71 -4.95 -3.04
CA PHE A 18 -11.48 -5.00 -3.85
C PHE A 18 -11.06 -3.57 -4.18
N GLY A 19 -11.98 -2.84 -4.86
CA GLY A 19 -11.74 -1.47 -5.26
C GLY A 19 -13.02 -0.64 -5.33
N PRO A 20 -13.73 -0.57 -6.49
CA PRO A 20 -13.50 -1.40 -7.71
C PRO A 20 -12.48 -0.80 -8.70
N HIS A 21 -11.62 0.13 -8.23
CA HIS A 21 -10.47 0.62 -9.03
C HIS A 21 -9.32 -0.40 -9.02
N LEU A 22 -9.48 -1.46 -8.23
CA LEU A 22 -8.54 -2.59 -8.13
C LEU A 22 -9.20 -3.83 -8.73
N ASP A 23 -8.41 -4.66 -9.44
CA ASP A 23 -8.90 -5.85 -10.12
C ASP A 23 -9.21 -6.96 -9.10
N PRO A 24 -10.49 -7.49 -9.04
CA PRO A 24 -10.92 -8.47 -8.02
C PRO A 24 -10.11 -9.78 -8.01
N LYS A 25 -9.55 -10.17 -9.18
CA LYS A 25 -8.76 -11.40 -9.31
C LYS A 25 -7.36 -11.20 -8.69
N ARG A 26 -6.72 -10.07 -9.05
CA ARG A 26 -5.34 -9.73 -8.60
C ARG A 26 -5.31 -9.42 -7.10
N ILE A 27 -6.43 -8.93 -6.60
CA ILE A 27 -6.69 -8.71 -5.16
C ILE A 27 -6.59 -10.04 -4.37
N GLN A 28 -6.92 -11.16 -5.03
CA GLN A 28 -6.79 -12.50 -4.44
C GLN A 28 -5.34 -13.03 -4.65
N GLN A 29 -4.65 -12.54 -5.70
CA GLN A 29 -3.32 -13.05 -6.10
C GLN A 29 -2.19 -12.44 -5.27
N LEU A 30 -2.42 -11.23 -4.69
CA LEU A 30 -1.47 -10.62 -3.73
C LEU A 30 -1.56 -11.36 -2.37
N PRO A 31 -0.53 -11.30 -1.47
CA PRO A 31 -0.54 -12.06 -0.19
C PRO A 31 -1.69 -11.63 0.75
N ASP A 32 -2.09 -12.58 1.59
CA ASP A 32 -3.23 -12.45 2.53
C ASP A 32 -2.99 -11.37 3.61
N HIS A 33 -1.72 -11.00 3.80
CA HIS A 33 -1.35 -9.98 4.79
C HIS A 33 0.04 -9.43 4.50
N PHE A 34 0.30 -8.24 5.07
CA PHE A 34 1.63 -7.62 5.10
C PHE A 34 1.96 -7.31 6.56
N GLY A 35 2.84 -8.13 7.14
CA GLY A 35 3.20 -8.02 8.56
C GLY A 35 3.24 -9.40 9.24
N PRO A 36 3.90 -9.56 10.43
CA PRO A 36 4.54 -8.47 11.20
C PRO A 36 5.91 -8.07 10.61
N GLY A 37 6.10 -6.78 10.41
CA GLY A 37 7.33 -6.24 9.86
C GLY A 37 7.45 -4.74 10.11
N PRO A 38 8.52 -4.06 9.58
CA PRO A 38 8.74 -2.61 9.82
C PRO A 38 7.65 -1.72 9.18
N VAL A 39 7.15 -0.75 9.97
CA VAL A 39 6.07 0.23 9.65
C VAL A 39 6.13 0.74 8.19
N ASN A 40 7.34 1.12 7.76
CA ASN A 40 7.58 1.79 6.47
C ASN A 40 7.51 0.81 5.29
N VAL A 41 8.01 -0.42 5.50
CA VAL A 41 7.98 -1.47 4.47
C VAL A 41 6.56 -2.02 4.33
N VAL A 42 5.89 -2.22 5.46
CA VAL A 42 4.52 -2.75 5.46
C VAL A 42 3.53 -1.81 4.71
N LEU A 43 3.66 -0.47 4.92
CA LEU A 43 2.75 0.52 4.28
C LEU A 43 3.00 0.62 2.77
N ARG A 44 4.29 0.58 2.34
CA ARG A 44 4.65 0.73 0.92
C ARG A 44 4.18 -0.50 0.14
N ARG A 45 4.18 -1.66 0.82
CA ARG A 45 3.78 -2.94 0.23
C ARG A 45 2.26 -3.00 -0.01
N ILE A 46 1.46 -2.35 0.87
CA ILE A 46 -0.01 -2.24 0.69
C ILE A 46 -0.29 -1.39 -0.57
N VAL A 47 0.31 -0.17 -0.59
CA VAL A 47 0.12 0.81 -1.65
C VAL A 47 0.46 0.21 -3.03
N GLN A 48 1.68 -0.36 -3.16
CA GLN A 48 2.18 -0.89 -4.45
C GLN A 48 1.48 -2.20 -4.86
N ALA A 49 0.88 -2.93 -3.88
CA ALA A 49 0.03 -4.11 -4.18
C ALA A 49 -1.28 -3.66 -4.84
N CYS A 50 -1.78 -2.51 -4.35
CA CYS A 50 -2.98 -1.87 -4.89
C CYS A 50 -2.71 -1.25 -6.27
N VAL A 51 -1.53 -0.62 -6.43
CA VAL A 51 -1.11 -0.01 -7.71
C VAL A 51 -0.83 -1.11 -8.78
N ASP A 52 -0.35 -2.28 -8.32
CA ASP A 52 -0.17 -3.47 -9.17
C ASP A 52 -1.52 -3.94 -9.71
N CYS A 53 -2.48 -4.11 -8.79
CA CYS A 53 -3.80 -4.66 -9.12
C CYS A 53 -4.72 -3.61 -9.77
N ALA A 54 -4.27 -2.33 -9.73
CA ALA A 54 -5.02 -1.17 -10.20
C ALA A 54 -5.43 -1.27 -11.68
N LEU A 55 -6.75 -1.25 -11.90
CA LEU A 55 -7.34 -1.08 -13.23
C LEU A 55 -7.00 0.33 -13.75
N GLU A 56 -6.25 0.39 -14.86
CA GLU A 56 -5.74 1.64 -15.45
C GLU A 56 -4.77 2.30 -14.44
N THR A 57 -3.61 1.62 -14.27
CA THR A 57 -2.56 1.96 -13.29
C THR A 57 -2.08 3.40 -13.43
N LYS A 58 -1.91 3.87 -14.67
CA LYS A 58 -1.46 5.24 -15.01
C LYS A 58 -2.25 6.36 -14.30
N THR A 59 -3.58 6.18 -14.19
CA THR A 59 -4.49 7.18 -13.60
C THR A 59 -4.54 7.02 -12.07
N VAL A 60 -4.44 5.75 -11.62
CA VAL A 60 -4.33 5.41 -10.19
C VAL A 60 -2.98 5.91 -9.60
N PHE A 61 -1.95 5.89 -10.44
CA PHE A 61 -0.57 6.27 -10.07
C PHE A 61 -0.44 7.81 -10.02
N GLY A 62 -1.48 8.51 -10.55
CA GLY A 62 -1.59 9.95 -10.45
C GLY A 62 -2.04 10.44 -9.07
N TYR A 63 -2.45 9.49 -8.20
CA TYR A 63 -2.82 9.77 -6.80
C TYR A 63 -1.61 9.73 -5.86
N LEU A 64 -0.41 9.46 -6.42
CA LEU A 64 0.86 9.46 -5.67
C LEU A 64 2.00 10.04 -6.53
N LYS A 65 2.79 10.93 -5.92
CA LYS A 65 3.91 11.66 -6.58
C LYS A 65 5.25 11.22 -5.95
N PRO A 66 6.41 11.41 -6.67
CA PRO A 66 7.74 11.20 -6.06
C PRO A 66 8.10 12.36 -5.11
N ASP A 67 8.78 12.04 -3.99
CA ASP A 67 9.14 13.04 -2.97
C ASP A 67 10.57 12.78 -2.47
N ASN A 68 11.40 13.83 -2.39
CA ASN A 68 12.87 13.70 -2.27
C ASN A 68 13.33 13.58 -0.80
N ARG A 69 12.44 13.10 0.08
CA ARG A 69 12.78 12.77 1.48
C ARG A 69 13.56 11.43 1.55
N GLY A 70 13.65 10.71 0.41
CA GLY A 70 14.48 9.51 0.27
C GLY A 70 14.00 8.33 1.11
N GLY A 71 12.68 8.24 1.30
CA GLY A 71 12.08 7.18 2.09
C GLY A 71 11.81 5.91 1.28
N GLU A 72 10.54 5.51 1.23
CA GLU A 72 10.11 4.26 0.57
C GLU A 72 9.95 4.47 -0.95
N VAL A 73 9.70 3.38 -1.70
CA VAL A 73 9.52 3.42 -3.16
C VAL A 73 8.29 2.58 -3.56
N ILE A 74 7.40 3.16 -4.40
CA ILE A 74 6.25 2.44 -4.99
C ILE A 74 6.55 2.13 -6.45
N THR A 75 6.40 0.85 -6.83
CA THR A 75 6.64 0.37 -8.20
C THR A 75 5.31 0.06 -8.89
N ALA A 76 5.31 0.27 -10.22
CA ALA A 76 4.11 0.17 -11.06
C ALA A 76 4.49 -0.15 -12.50
N SER A 77 3.47 -0.46 -13.32
CA SER A 77 3.59 -0.54 -14.78
C SER A 77 2.99 0.74 -15.38
N PHE A 78 3.82 1.56 -16.05
CA PHE A 78 3.40 2.80 -16.70
C PHE A 78 4.16 3.01 -18.01
N ASP A 79 3.38 3.19 -19.12
CA ASP A 79 3.90 3.51 -20.48
C ASP A 79 4.70 2.33 -21.08
N GLY A 80 4.53 1.13 -20.49
CA GLY A 80 5.29 -0.07 -20.89
C GLY A 80 6.51 -0.33 -20.01
N GLU A 81 6.89 0.70 -19.23
CA GLU A 81 8.04 0.66 -18.32
C GLU A 81 7.58 0.29 -16.91
N THR A 82 8.55 0.04 -16.02
CA THR A 82 8.29 -0.07 -14.59
C THR A 82 8.61 1.29 -13.93
N HIS A 83 7.57 2.07 -13.61
CA HIS A 83 7.76 3.40 -12.99
C HIS A 83 7.75 3.27 -11.47
N SER A 84 8.73 3.91 -10.83
CA SER A 84 8.95 3.84 -9.39
C SER A 84 9.15 5.26 -8.85
N ILE A 85 8.36 5.63 -7.81
CA ILE A 85 8.41 6.97 -7.18
C ILE A 85 8.84 6.83 -5.71
N GLN A 86 9.25 7.96 -5.11
CA GLN A 86 9.71 7.98 -3.71
C GLN A 86 8.61 8.52 -2.78
N LEU A 87 8.66 8.04 -1.53
CA LEU A 87 7.77 8.42 -0.44
C LEU A 87 8.59 9.14 0.65
N PRO A 88 7.93 9.94 1.56
CA PRO A 88 8.58 10.38 2.81
C PRO A 88 8.66 9.23 3.86
N PRO A 89 9.83 9.05 4.58
CA PRO A 89 10.04 7.91 5.51
C PRO A 89 9.27 8.11 6.83
N VAL A 90 8.76 7.01 7.40
CA VAL A 90 7.97 7.03 8.66
C VAL A 90 8.71 6.30 9.79
N ASN A 91 8.16 6.40 11.02
CA ASN A 91 8.73 5.77 12.23
C ASN A 91 7.67 5.50 13.31
N SER A 92 6.39 5.77 13.00
CA SER A 92 5.27 5.59 13.97
C SER A 92 4.22 4.62 13.40
N ALA A 93 3.66 3.78 14.29
CA ALA A 93 2.78 2.65 13.92
C ALA A 93 1.40 3.11 13.45
N SER A 94 0.90 4.19 14.08
CA SER A 94 -0.37 4.82 13.69
C SER A 94 -0.28 5.47 12.29
N PHE A 95 0.97 5.77 11.84
CA PHE A 95 1.22 6.44 10.56
C PHE A 95 1.31 5.40 9.43
N ALA A 96 1.64 4.11 9.79
CA ALA A 96 1.67 2.98 8.83
C ALA A 96 0.38 2.92 8.03
N LEU A 97 -0.70 2.61 8.77
CA LEU A 97 -2.05 2.44 8.25
C LEU A 97 -2.64 3.77 7.74
N ARG A 98 -2.21 4.90 8.35
CA ARG A 98 -2.63 6.25 7.92
C ARG A 98 -2.13 6.57 6.49
N PHE A 99 -0.93 6.04 6.16
CA PHE A 99 -0.24 6.36 4.89
C PHE A 99 -1.04 5.84 3.68
N LEU A 100 -1.52 4.58 3.78
CA LEU A 100 -2.30 3.95 2.69
C LEU A 100 -3.79 4.27 2.80
N GLU A 101 -4.21 4.79 3.97
CA GLU A 101 -5.64 5.07 4.29
C GLU A 101 -6.27 6.03 3.25
N ASN A 102 -5.57 7.15 3.02
CA ASN A 102 -5.99 8.20 2.07
C ASN A 102 -5.92 7.68 0.61
N PHE A 103 -5.00 6.73 0.37
CA PHE A 103 -4.82 6.10 -0.95
C PHE A 103 -5.97 5.11 -1.25
N CYS A 104 -6.35 4.32 -0.23
CA CYS A 104 -7.44 3.31 -0.32
C CYS A 104 -8.80 4.01 -0.51
N HIS A 105 -8.87 5.25 -0.02
CA HIS A 105 -10.02 6.15 -0.18
C HIS A 105 -10.16 6.56 -1.66
N SER A 106 -9.01 6.81 -2.32
CA SER A 106 -8.93 7.15 -3.75
C SER A 106 -9.35 5.95 -4.64
N LEU A 107 -9.09 4.73 -4.14
CA LEU A 107 -9.43 3.46 -4.83
C LEU A 107 -10.90 3.07 -4.59
N GLN A 108 -11.51 3.70 -3.55
CA GLN A 108 -12.87 3.41 -3.03
C GLN A 108 -12.92 2.06 -2.29
N CYS A 109 -11.74 1.42 -2.07
CA CYS A 109 -11.67 0.07 -1.47
C CYS A 109 -11.93 0.16 0.05
N ASP A 110 -12.75 -0.78 0.55
CA ASP A 110 -13.22 -0.80 1.94
C ASP A 110 -12.95 -2.16 2.58
N ASN A 111 -12.54 -2.13 3.87
CA ASN A 111 -12.19 -3.30 4.71
C ASN A 111 -11.27 -4.31 3.99
N LEU A 112 -10.50 -3.80 3.01
CA LEU A 112 -9.54 -4.59 2.21
C LEU A 112 -8.26 -4.89 3.00
N LEU A 113 -8.05 -4.16 4.11
CA LEU A 113 -6.89 -4.36 4.99
C LEU A 113 -7.18 -3.78 6.38
N SER A 114 -6.43 -4.25 7.39
CA SER A 114 -6.55 -3.77 8.78
C SER A 114 -5.28 -4.13 9.55
N SER A 115 -4.69 -3.14 10.25
CA SER A 115 -3.48 -3.35 11.08
C SER A 115 -3.83 -3.96 12.46
N GLN A 116 -5.12 -4.28 12.66
CA GLN A 116 -5.62 -4.95 13.86
C GLN A 116 -5.33 -6.46 13.77
N PRO A 117 -4.49 -7.04 14.71
CA PRO A 117 -4.21 -8.50 14.75
C PRO A 117 -5.39 -9.34 15.28
N PHE A 118 -5.23 -10.67 15.24
CA PHE A 118 -6.25 -11.63 15.75
C PHE A 118 -6.43 -11.49 17.27
N SER A 119 -5.32 -11.13 17.96
CA SER A 119 -5.35 -10.75 19.37
C SER A 119 -5.59 -9.21 19.46
N GLY A 1 18.34 -1.39 15.92
CA GLY A 1 19.33 -0.32 15.62
C GLY A 1 18.84 1.08 16.01
N SER A 2 19.68 2.09 15.78
CA SER A 2 19.33 3.52 15.99
C SER A 2 18.66 4.10 14.72
N HIS A 3 17.87 5.20 14.90
CA HIS A 3 16.99 5.76 13.83
C HIS A 3 15.91 4.71 13.44
N MET A 4 15.56 3.83 14.41
CA MET A 4 14.68 2.68 14.16
C MET A 4 13.23 3.13 13.89
N MET A 5 12.51 2.35 13.09
CA MET A 5 11.11 2.63 12.74
C MET A 5 10.16 1.80 13.63
N SER A 6 8.85 2.07 13.51
CA SER A 6 7.79 1.31 14.22
C SER A 6 7.51 -0.02 13.47
N THR A 7 6.56 -0.81 13.99
CA THR A 7 6.14 -2.09 13.36
C THR A 7 4.61 -2.19 13.32
N VAL A 8 4.10 -2.75 12.21
CA VAL A 8 2.66 -3.08 12.02
C VAL A 8 2.54 -4.45 11.35
N CYS A 9 1.37 -5.09 11.53
CA CYS A 9 1.04 -6.36 10.91
C CYS A 9 -0.40 -6.30 10.42
N VAL A 10 -0.57 -6.09 9.11
CA VAL A 10 -1.89 -5.96 8.48
C VAL A 10 -2.36 -7.32 7.94
N TYR A 11 -3.67 -7.49 7.91
CA TYR A 11 -4.31 -8.67 7.33
C TYR A 11 -5.00 -8.22 6.05
N VAL A 12 -4.35 -8.49 4.91
CA VAL A 12 -4.86 -8.07 3.61
C VAL A 12 -6.10 -8.93 3.24
N ASN A 13 -7.26 -8.43 3.69
CA ASN A 13 -8.54 -9.11 3.58
C ASN A 13 -9.15 -8.81 2.20
N LYS A 14 -8.77 -9.66 1.23
CA LYS A 14 -9.24 -9.55 -0.16
C LYS A 14 -10.75 -9.93 -0.29
N HIS A 15 -11.31 -10.53 0.78
CA HIS A 15 -12.75 -10.82 0.88
C HIS A 15 -13.57 -9.54 1.20
N GLY A 16 -12.93 -8.57 1.89
CA GLY A 16 -13.58 -7.32 2.32
C GLY A 16 -14.09 -6.48 1.14
N ASN A 17 -13.15 -5.81 0.47
CA ASN A 17 -13.41 -5.13 -0.82
C ASN A 17 -12.12 -5.06 -1.61
N PHE A 18 -12.27 -5.21 -2.93
CA PHE A 18 -11.15 -5.26 -3.88
C PHE A 18 -10.80 -3.83 -4.25
N GLY A 19 -11.79 -3.16 -4.88
CA GLY A 19 -11.62 -1.79 -5.35
C GLY A 19 -12.91 -0.98 -5.26
N PRO A 20 -13.73 -0.86 -6.35
CA PRO A 20 -13.61 -1.65 -7.60
C PRO A 20 -12.72 -0.98 -8.67
N HIS A 21 -11.90 0.01 -8.25
CA HIS A 21 -10.87 0.63 -9.10
C HIS A 21 -9.58 -0.24 -9.09
N LEU A 22 -9.61 -1.33 -8.30
CA LEU A 22 -8.58 -2.38 -8.24
C LEU A 22 -9.15 -3.65 -8.87
N ASP A 23 -8.31 -4.41 -9.61
CA ASP A 23 -8.73 -5.64 -10.27
C ASP A 23 -9.00 -6.75 -9.22
N PRO A 24 -10.26 -7.30 -9.15
CA PRO A 24 -10.68 -8.26 -8.08
C PRO A 24 -9.85 -9.56 -8.04
N LYS A 25 -9.30 -9.98 -9.21
CA LYS A 25 -8.51 -11.22 -9.31
C LYS A 25 -7.12 -11.02 -8.72
N ARG A 26 -6.45 -9.92 -9.11
CA ARG A 26 -5.07 -9.60 -8.67
C ARG A 26 -5.02 -9.30 -7.17
N ILE A 27 -6.14 -8.75 -6.65
CA ILE A 27 -6.35 -8.50 -5.21
C ILE A 27 -6.32 -9.84 -4.41
N GLN A 28 -6.77 -10.92 -5.04
CA GLN A 28 -6.73 -12.28 -4.45
C GLN A 28 -5.31 -12.90 -4.55
N GLN A 29 -4.51 -12.44 -5.55
CA GLN A 29 -3.18 -13.03 -5.84
C GLN A 29 -2.08 -12.49 -4.90
N LEU A 30 -2.20 -11.20 -4.52
CA LEU A 30 -1.27 -10.57 -3.57
C LEU A 30 -1.49 -11.15 -2.16
N PRO A 31 -0.45 -11.14 -1.24
CA PRO A 31 -0.51 -11.74 0.12
C PRO A 31 -1.82 -11.49 0.90
N ASP A 32 -2.09 -12.42 1.80
CA ASP A 32 -3.29 -12.41 2.68
C ASP A 32 -2.97 -11.59 3.95
N HIS A 33 -1.68 -11.27 4.14
CA HIS A 33 -1.18 -10.47 5.24
C HIS A 33 0.21 -9.90 4.91
N PHE A 34 0.49 -8.68 5.38
CA PHE A 34 1.82 -8.05 5.33
C PHE A 34 2.25 -7.74 6.77
N GLY A 35 3.47 -8.16 7.17
CA GLY A 35 3.94 -8.00 8.55
C GLY A 35 3.76 -9.26 9.40
N PRO A 36 4.16 -9.29 10.72
CA PRO A 36 4.73 -8.11 11.46
C PRO A 36 6.15 -7.73 10.99
N GLY A 37 6.37 -6.43 10.86
CA GLY A 37 7.64 -5.89 10.40
C GLY A 37 7.60 -4.38 10.24
N PRO A 38 8.60 -3.76 9.54
CA PRO A 38 8.79 -2.30 9.52
C PRO A 38 7.57 -1.53 8.94
N VAL A 39 7.14 -0.51 9.72
CA VAL A 39 6.01 0.39 9.40
C VAL A 39 6.07 0.91 7.94
N ASN A 40 7.29 1.32 7.53
CA ASN A 40 7.58 1.89 6.20
C ASN A 40 7.32 0.87 5.08
N VAL A 41 7.78 -0.38 5.29
CA VAL A 41 7.66 -1.44 4.28
C VAL A 41 6.22 -1.93 4.20
N VAL A 42 5.62 -2.30 5.35
CA VAL A 42 4.26 -2.90 5.41
C VAL A 42 3.18 -1.98 4.75
N LEU A 43 3.29 -0.64 4.97
CA LEU A 43 2.36 0.34 4.35
C LEU A 43 2.58 0.40 2.84
N ARG A 44 3.86 0.41 2.41
CA ARG A 44 4.22 0.62 0.99
C ARG A 44 3.94 -0.65 0.18
N ARG A 45 3.93 -1.80 0.87
CA ARG A 45 3.63 -3.12 0.27
C ARG A 45 2.15 -3.18 -0.16
N ILE A 46 1.29 -2.52 0.63
CA ILE A 46 -0.13 -2.34 0.29
C ILE A 46 -0.24 -1.49 -0.97
N VAL A 47 0.36 -0.29 -0.88
CA VAL A 47 0.24 0.76 -1.90
C VAL A 47 0.78 0.30 -3.28
N GLN A 48 1.98 -0.31 -3.30
CA GLN A 48 2.66 -0.72 -4.56
C GLN A 48 1.95 -1.92 -5.21
N ALA A 49 1.41 -2.82 -4.37
CA ALA A 49 0.58 -3.94 -4.84
C ALA A 49 -0.75 -3.41 -5.39
N CYS A 50 -1.24 -2.33 -4.75
CA CYS A 50 -2.54 -1.71 -5.06
C CYS A 50 -2.50 -0.97 -6.42
N VAL A 51 -1.40 -0.20 -6.69
CA VAL A 51 -1.25 0.55 -7.96
C VAL A 51 -1.10 -0.43 -9.14
N ASP A 52 -0.25 -1.45 -8.94
CA ASP A 52 0.06 -2.45 -9.99
C ASP A 52 -1.18 -3.31 -10.32
N CYS A 53 -1.97 -3.64 -9.29
CA CYS A 53 -3.20 -4.44 -9.45
C CYS A 53 -4.39 -3.57 -9.87
N ALA A 54 -4.21 -2.24 -9.81
CA ALA A 54 -5.29 -1.29 -10.10
C ALA A 54 -5.69 -1.28 -11.58
N LEU A 55 -7.00 -1.14 -11.79
CA LEU A 55 -7.59 -0.86 -13.09
C LEU A 55 -7.31 0.61 -13.47
N GLU A 56 -6.66 0.80 -14.63
CA GLU A 56 -6.18 2.11 -15.12
C GLU A 56 -5.08 2.66 -14.17
N THR A 57 -3.98 1.87 -14.06
CA THR A 57 -2.79 2.14 -13.21
C THR A 57 -2.17 3.53 -13.47
N LYS A 58 -2.29 3.99 -14.72
CA LYS A 58 -1.80 5.30 -15.19
C LYS A 58 -2.41 6.48 -14.41
N THR A 59 -3.70 6.39 -14.09
CA THR A 59 -4.44 7.41 -13.32
C THR A 59 -4.19 7.22 -11.81
N VAL A 60 -3.95 5.96 -11.41
CA VAL A 60 -3.70 5.57 -10.01
C VAL A 60 -2.32 6.04 -9.53
N PHE A 61 -1.38 6.10 -10.48
CA PHE A 61 -0.03 6.63 -10.28
C PHE A 61 -0.10 8.15 -9.96
N GLY A 62 -1.21 8.80 -10.34
CA GLY A 62 -1.45 10.22 -10.05
C GLY A 62 -1.70 10.52 -8.57
N TYR A 63 -2.23 9.52 -7.82
CA TYR A 63 -2.59 9.70 -6.39
C TYR A 63 -1.35 9.70 -5.46
N LEU A 64 -0.14 9.45 -6.03
CA LEU A 64 1.13 9.46 -5.27
C LEU A 64 2.27 10.12 -6.07
N LYS A 65 3.05 10.97 -5.39
CA LYS A 65 4.13 11.79 -6.00
C LYS A 65 5.51 11.44 -5.38
N PRO A 66 6.65 11.60 -6.15
CA PRO A 66 8.00 11.23 -5.67
C PRO A 66 8.55 12.15 -4.55
N ASP A 67 9.48 11.59 -3.77
CA ASP A 67 10.13 12.20 -2.60
C ASP A 67 11.66 12.21 -2.80
N ASN A 68 12.37 13.16 -2.16
CA ASN A 68 13.85 13.25 -2.24
C ASN A 68 14.47 13.36 -0.85
N ARG A 69 13.81 12.76 0.15
CA ARG A 69 14.38 12.55 1.49
C ARG A 69 14.97 11.13 1.60
N GLY A 70 14.41 10.18 0.82
CA GLY A 70 14.89 8.79 0.84
C GLY A 70 13.99 7.87 1.65
N GLY A 71 12.67 8.01 1.47
CA GLY A 71 11.68 7.19 2.19
C GLY A 71 11.26 5.93 1.45
N GLU A 72 9.94 5.70 1.38
CA GLU A 72 9.32 4.52 0.73
C GLU A 72 9.54 4.54 -0.78
N VAL A 73 9.23 3.40 -1.42
CA VAL A 73 9.30 3.23 -2.89
C VAL A 73 8.03 2.48 -3.34
N ILE A 74 7.33 3.03 -4.35
CA ILE A 74 6.15 2.39 -4.96
C ILE A 74 6.47 2.01 -6.41
N THR A 75 6.11 0.77 -6.81
CA THR A 75 6.26 0.28 -8.18
C THR A 75 4.89 0.23 -8.87
N ALA A 76 4.88 0.62 -10.14
CA ALA A 76 3.65 0.86 -10.92
C ALA A 76 3.96 0.72 -12.43
N SER A 77 3.20 -0.14 -13.12
CA SER A 77 3.36 -0.36 -14.56
C SER A 77 2.60 0.73 -15.37
N PHE A 78 3.37 1.64 -16.00
CA PHE A 78 2.83 2.72 -16.87
C PHE A 78 3.62 2.74 -18.19
N ASP A 79 2.89 3.02 -19.31
CA ASP A 79 3.45 3.09 -20.69
C ASP A 79 3.94 1.68 -21.15
N GLY A 80 3.48 0.63 -20.44
CA GLY A 80 3.96 -0.74 -20.64
C GLY A 80 5.30 -1.02 -19.95
N GLU A 81 5.83 0.00 -19.27
CA GLU A 81 7.12 -0.04 -18.57
C GLU A 81 6.89 -0.09 -17.06
N THR A 82 7.90 -0.56 -16.33
CA THR A 82 7.89 -0.58 -14.87
C THR A 82 8.53 0.73 -14.35
N HIS A 83 7.77 1.47 -13.54
CA HIS A 83 8.19 2.78 -13.00
C HIS A 83 8.13 2.74 -11.47
N SER A 84 8.97 3.55 -10.81
CA SER A 84 9.03 3.64 -9.36
C SER A 84 9.30 5.08 -8.90
N ILE A 85 8.68 5.46 -7.77
CA ILE A 85 8.86 6.79 -7.13
C ILE A 85 9.28 6.58 -5.66
N GLN A 86 9.43 7.69 -4.94
CA GLN A 86 9.65 7.68 -3.48
C GLN A 86 8.46 8.34 -2.76
N LEU A 87 8.17 7.87 -1.55
CA LEU A 87 7.19 8.50 -0.61
C LEU A 87 7.96 8.96 0.65
N PRO A 88 7.54 10.09 1.33
CA PRO A 88 8.25 10.59 2.53
C PRO A 88 8.27 9.57 3.71
N PRO A 89 9.46 9.33 4.36
CA PRO A 89 9.62 8.25 5.38
C PRO A 89 8.82 8.49 6.69
N VAL A 90 8.05 7.46 7.10
CA VAL A 90 7.26 7.46 8.34
C VAL A 90 8.08 6.86 9.52
N ASN A 91 7.51 6.87 10.75
CA ASN A 91 8.13 6.22 11.93
C ASN A 91 7.11 5.83 13.02
N SER A 92 5.79 5.89 12.71
CA SER A 92 4.72 5.57 13.69
C SER A 92 3.75 4.51 13.11
N ALA A 93 3.31 3.58 13.97
CA ALA A 93 2.40 2.47 13.58
C ALA A 93 0.99 2.97 13.25
N SER A 94 0.62 4.11 13.86
CA SER A 94 -0.64 4.81 13.55
C SER A 94 -0.55 5.52 12.20
N PHE A 95 0.68 5.92 11.82
CA PHE A 95 0.93 6.68 10.59
C PHE A 95 1.04 5.71 9.40
N ALA A 96 1.34 4.42 9.72
CA ALA A 96 1.39 3.31 8.76
C ALA A 96 0.10 3.24 7.93
N LEU A 97 -0.97 2.99 8.68
CA LEU A 97 -2.29 2.63 8.14
C LEU A 97 -2.93 3.83 7.46
N ARG A 98 -2.77 4.99 8.11
CA ARG A 98 -3.28 6.28 7.63
C ARG A 98 -2.66 6.66 6.27
N PHE A 99 -1.39 6.28 6.07
CA PHE A 99 -0.62 6.68 4.89
C PHE A 99 -1.17 6.01 3.63
N LEU A 100 -1.62 4.72 3.72
CA LEU A 100 -2.33 4.07 2.60
C LEU A 100 -3.84 4.32 2.67
N GLU A 101 -4.37 4.77 3.84
CA GLU A 101 -5.83 4.92 4.06
C GLU A 101 -6.41 5.99 3.12
N ASN A 102 -5.65 7.08 2.94
CA ASN A 102 -6.01 8.17 2.00
C ASN A 102 -6.05 7.64 0.54
N PHE A 103 -5.00 6.87 0.21
CA PHE A 103 -4.76 6.32 -1.12
C PHE A 103 -5.87 5.33 -1.55
N CYS A 104 -6.10 4.33 -0.69
CA CYS A 104 -7.12 3.29 -0.87
C CYS A 104 -8.55 3.88 -0.90
N HIS A 105 -8.75 5.00 -0.18
CA HIS A 105 -10.04 5.71 -0.13
C HIS A 105 -10.35 6.38 -1.48
N SER A 106 -9.29 6.84 -2.16
CA SER A 106 -9.37 7.44 -3.50
C SER A 106 -9.71 6.38 -4.57
N LEU A 107 -9.37 5.10 -4.26
CA LEU A 107 -9.64 3.94 -5.14
C LEU A 107 -10.90 3.17 -4.69
N GLN A 108 -11.49 3.66 -3.57
CA GLN A 108 -12.77 3.19 -2.98
C GLN A 108 -12.64 1.80 -2.32
N CYS A 109 -11.40 1.28 -2.21
CA CYS A 109 -11.15 -0.05 -1.63
C CYS A 109 -11.09 0.06 -0.09
N ASP A 110 -11.80 -0.85 0.59
CA ASP A 110 -12.07 -0.73 2.03
C ASP A 110 -12.22 -2.14 2.65
N ASN A 111 -11.89 -2.27 3.96
CA ASN A 111 -11.79 -3.60 4.66
C ASN A 111 -10.72 -4.50 3.98
N LEU A 112 -9.86 -3.90 3.13
CA LEU A 112 -8.87 -4.63 2.31
C LEU A 112 -7.62 -4.97 3.13
N LEU A 113 -7.44 -4.27 4.26
CA LEU A 113 -6.35 -4.54 5.22
C LEU A 113 -6.66 -3.84 6.55
N SER A 114 -6.15 -4.43 7.64
CA SER A 114 -6.28 -3.89 9.00
C SER A 114 -5.15 -4.48 9.86
N SER A 115 -4.44 -3.64 10.65
CA SER A 115 -3.32 -4.09 11.51
C SER A 115 -3.82 -4.67 12.85
N GLN A 116 -5.10 -5.05 12.88
CA GLN A 116 -5.80 -5.64 14.03
C GLN A 116 -6.87 -6.61 13.47
N PRO A 117 -7.29 -7.66 14.25
CA PRO A 117 -8.39 -8.56 13.84
C PRO A 117 -9.74 -7.79 13.75
N PHE A 118 -10.61 -8.24 12.83
CA PHE A 118 -11.93 -7.60 12.57
C PHE A 118 -12.94 -7.88 13.71
N SER A 119 -12.59 -8.82 14.60
CA SER A 119 -13.35 -9.15 15.82
C SER A 119 -12.34 -9.59 16.91
N GLY A 1 13.71 0.87 24.30
CA GLY A 1 13.27 0.00 23.19
C GLY A 1 13.84 0.45 21.85
N SER A 2 12.96 0.58 20.83
CA SER A 2 13.35 0.94 19.45
C SER A 2 13.60 2.46 19.34
N HIS A 3 14.21 2.88 18.21
CA HIS A 3 14.54 4.29 17.92
C HIS A 3 14.48 4.55 16.42
N MET A 4 14.87 3.54 15.62
CA MET A 4 14.90 3.62 14.15
C MET A 4 13.48 3.88 13.55
N MET A 5 12.49 3.04 13.92
CA MET A 5 11.08 3.20 13.51
C MET A 5 10.18 2.23 14.29
N SER A 6 8.85 2.37 14.12
CA SER A 6 7.87 1.46 14.73
C SER A 6 7.75 0.15 13.92
N THR A 7 6.95 -0.80 14.41
CA THR A 7 6.67 -2.08 13.71
C THR A 7 5.16 -2.35 13.75
N VAL A 8 4.60 -2.83 12.62
CA VAL A 8 3.17 -3.20 12.52
C VAL A 8 2.99 -4.50 11.71
N CYS A 9 1.79 -5.09 11.86
CA CYS A 9 1.34 -6.24 11.08
C CYS A 9 -0.12 -6.00 10.66
N VAL A 10 -0.40 -6.12 9.35
CA VAL A 10 -1.77 -5.99 8.81
C VAL A 10 -2.26 -7.34 8.26
N TYR A 11 -3.59 -7.45 8.10
CA TYR A 11 -4.25 -8.65 7.55
C TYR A 11 -5.02 -8.23 6.28
N VAL A 12 -4.44 -8.57 5.11
CA VAL A 12 -5.02 -8.24 3.78
C VAL A 12 -6.32 -9.04 3.54
N ASN A 13 -7.47 -8.36 3.67
CA ASN A 13 -8.79 -8.96 3.41
C ASN A 13 -9.24 -8.61 1.98
N LYS A 14 -8.77 -9.44 1.04
CA LYS A 14 -9.17 -9.39 -0.39
C LYS A 14 -10.68 -9.60 -0.57
N HIS A 15 -11.32 -10.26 0.41
CA HIS A 15 -12.76 -10.55 0.39
C HIS A 15 -13.60 -9.29 0.67
N GLY A 16 -12.97 -8.23 1.24
CA GLY A 16 -13.63 -6.96 1.54
C GLY A 16 -14.03 -6.19 0.29
N ASN A 17 -13.13 -5.34 -0.21
CA ASN A 17 -13.31 -4.61 -1.49
C ASN A 17 -11.95 -4.56 -2.21
N PHE A 18 -12.01 -4.57 -3.54
CA PHE A 18 -10.85 -4.68 -4.42
C PHE A 18 -10.36 -3.27 -4.73
N GLY A 19 -11.21 -2.50 -5.42
CA GLY A 19 -10.88 -1.15 -5.85
C GLY A 19 -12.09 -0.23 -5.83
N PRO A 20 -12.82 -0.01 -6.97
CA PRO A 20 -12.66 -0.77 -8.25
C PRO A 20 -11.61 -0.17 -9.22
N HIS A 21 -10.72 0.70 -8.68
CA HIS A 21 -9.51 1.16 -9.41
C HIS A 21 -8.46 0.04 -9.51
N LEU A 22 -8.63 -0.97 -8.64
CA LEU A 22 -7.76 -2.15 -8.55
C LEU A 22 -8.48 -3.35 -9.18
N ASP A 23 -7.74 -4.19 -9.93
CA ASP A 23 -8.33 -5.35 -10.61
C ASP A 23 -8.73 -6.44 -9.57
N PRO A 24 -10.04 -6.86 -9.56
CA PRO A 24 -10.60 -7.77 -8.53
C PRO A 24 -9.87 -9.13 -8.42
N LYS A 25 -9.38 -9.65 -9.56
CA LYS A 25 -8.73 -10.98 -9.61
C LYS A 25 -7.32 -10.91 -8.99
N ARG A 26 -6.57 -9.86 -9.36
CA ARG A 26 -5.16 -9.67 -8.90
C ARG A 26 -5.11 -9.38 -7.38
N ILE A 27 -6.18 -8.75 -6.88
CA ILE A 27 -6.39 -8.49 -5.44
C ILE A 27 -6.56 -9.82 -4.65
N GLN A 28 -7.12 -10.85 -5.30
CA GLN A 28 -7.26 -12.19 -4.70
C GLN A 28 -5.93 -12.97 -4.79
N GLN A 29 -5.02 -12.51 -5.66
CA GLN A 29 -3.71 -13.17 -5.86
C GLN A 29 -2.67 -12.63 -4.87
N LEU A 30 -3.05 -11.60 -4.07
CA LEU A 30 -2.18 -11.03 -3.02
C LEU A 30 -1.91 -12.05 -1.88
N PRO A 31 -0.93 -11.77 -0.97
CA PRO A 31 -0.82 -12.50 0.32
C PRO A 31 -1.99 -12.15 1.26
N ASP A 32 -2.26 -13.03 2.22
CA ASP A 32 -3.38 -12.90 3.18
C ASP A 32 -3.08 -11.86 4.27
N HIS A 33 -1.79 -11.53 4.45
CA HIS A 33 -1.31 -10.60 5.50
C HIS A 33 0.11 -10.11 5.20
N PHE A 34 0.46 -8.99 5.86
CA PHE A 34 1.82 -8.41 5.86
C PHE A 34 2.27 -8.22 7.32
N GLY A 35 3.59 -8.15 7.53
CA GLY A 35 4.16 -7.99 8.87
C GLY A 35 4.28 -9.31 9.65
N PRO A 36 4.73 -9.30 10.95
CA PRO A 36 5.19 -8.06 11.64
C PRO A 36 6.60 -7.60 11.17
N GLY A 37 6.69 -6.31 10.81
CA GLY A 37 7.92 -5.72 10.30
C GLY A 37 7.88 -4.20 10.38
N PRO A 38 8.89 -3.47 9.80
CA PRO A 38 9.00 -2.00 9.91
C PRO A 38 7.76 -1.28 9.35
N VAL A 39 7.22 -0.36 10.17
CA VAL A 39 6.03 0.48 9.92
C VAL A 39 5.99 1.04 8.47
N ASN A 40 7.14 1.56 8.04
CA ASN A 40 7.33 2.22 6.74
C ASN A 40 7.22 1.23 5.56
N VAL A 41 7.73 0.00 5.75
CA VAL A 41 7.70 -1.03 4.69
C VAL A 41 6.30 -1.67 4.58
N VAL A 42 5.73 -2.07 5.73
CA VAL A 42 4.41 -2.75 5.77
C VAL A 42 3.29 -1.89 5.13
N LEU A 43 3.41 -0.54 5.24
CA LEU A 43 2.46 0.38 4.59
C LEU A 43 2.69 0.44 3.07
N ARG A 44 3.99 0.47 2.65
CA ARG A 44 4.35 0.58 1.22
C ARG A 44 3.98 -0.72 0.49
N ARG A 45 3.95 -1.83 1.24
CA ARG A 45 3.60 -3.16 0.72
C ARG A 45 2.13 -3.21 0.27
N ILE A 46 1.27 -2.43 0.95
CA ILE A 46 -0.15 -2.30 0.58
C ILE A 46 -0.27 -1.42 -0.67
N VAL A 47 0.40 -0.25 -0.61
CA VAL A 47 0.35 0.77 -1.66
C VAL A 47 0.84 0.21 -3.03
N GLN A 48 2.01 -0.47 -3.03
CA GLN A 48 2.60 -1.04 -4.27
C GLN A 48 1.80 -2.27 -4.74
N ALA A 49 1.15 -2.98 -3.80
CA ALA A 49 0.23 -4.09 -4.13
C ALA A 49 -0.99 -3.54 -4.90
N CYS A 50 -1.46 -2.35 -4.46
CA CYS A 50 -2.60 -1.67 -5.08
C CYS A 50 -2.25 -1.20 -6.50
N VAL A 51 -1.22 -0.33 -6.61
CA VAL A 51 -0.83 0.34 -7.86
C VAL A 51 -0.44 -0.67 -8.96
N ASP A 52 0.30 -1.72 -8.56
CA ASP A 52 0.76 -2.76 -9.50
C ASP A 52 -0.44 -3.61 -9.97
N CYS A 53 -1.30 -4.03 -9.02
CA CYS A 53 -2.48 -4.89 -9.31
C CYS A 53 -3.67 -4.09 -9.87
N ALA A 54 -3.47 -2.78 -10.06
CA ALA A 54 -4.49 -1.85 -10.53
C ALA A 54 -4.80 -2.05 -12.02
N LEU A 55 -6.10 -2.00 -12.35
CA LEU A 55 -6.55 -1.79 -13.74
C LEU A 55 -6.57 -0.27 -14.02
N GLU A 56 -5.98 0.14 -15.16
CA GLU A 56 -5.75 1.55 -15.51
C GLU A 56 -4.88 2.23 -14.41
N THR A 57 -3.66 1.69 -14.26
CA THR A 57 -2.64 2.10 -13.28
C THR A 57 -2.28 3.60 -13.38
N LYS A 58 -2.43 4.17 -14.59
CA LYS A 58 -2.15 5.61 -14.87
C LYS A 58 -3.05 6.55 -14.02
N THR A 59 -4.28 6.09 -13.72
CA THR A 59 -5.23 6.80 -12.84
C THR A 59 -4.79 6.66 -11.37
N VAL A 60 -4.43 5.42 -11.04
CA VAL A 60 -4.03 5.00 -9.68
C VAL A 60 -2.66 5.63 -9.28
N PHE A 61 -1.85 5.90 -10.31
CA PHE A 61 -0.56 6.59 -10.17
C PHE A 61 -0.82 8.10 -9.98
N GLY A 62 -1.92 8.61 -10.56
CA GLY A 62 -2.31 10.02 -10.45
C GLY A 62 -2.57 10.48 -9.00
N TYR A 63 -2.74 9.52 -8.07
CA TYR A 63 -2.98 9.81 -6.63
C TYR A 63 -1.66 10.03 -5.86
N LEU A 64 -0.50 9.59 -6.44
CA LEU A 64 0.83 9.73 -5.78
C LEU A 64 1.95 10.10 -6.79
N LYS A 65 2.80 11.07 -6.41
CA LYS A 65 3.93 11.54 -7.25
C LYS A 65 5.27 11.15 -6.55
N PRO A 66 6.46 11.28 -7.25
CA PRO A 66 7.77 11.11 -6.57
C PRO A 66 8.09 12.25 -5.59
N ASP A 67 8.60 11.84 -4.44
CA ASP A 67 9.05 12.71 -3.34
C ASP A 67 10.32 12.08 -2.75
N ASN A 68 11.48 12.62 -3.15
CA ASN A 68 12.81 12.02 -2.86
C ASN A 68 13.27 12.48 -1.48
N ARG A 69 12.61 11.92 -0.48
CA ARG A 69 12.88 12.16 0.94
C ARG A 69 13.77 11.04 1.50
N GLY A 70 14.09 10.03 0.64
CA GLY A 70 14.93 8.90 1.04
C GLY A 70 14.16 7.87 1.85
N GLY A 71 12.84 7.80 1.58
CA GLY A 71 11.94 6.90 2.30
C GLY A 71 11.56 5.70 1.47
N GLU A 72 10.25 5.52 1.24
CA GLU A 72 9.72 4.32 0.57
C GLU A 72 9.76 4.46 -0.96
N VAL A 73 9.32 3.41 -1.67
CA VAL A 73 9.40 3.34 -3.14
C VAL A 73 8.28 2.44 -3.70
N ILE A 74 7.49 2.99 -4.65
CA ILE A 74 6.36 2.30 -5.32
C ILE A 74 6.63 2.25 -6.82
N THR A 75 6.25 1.15 -7.47
CA THR A 75 6.29 1.02 -8.94
C THR A 75 4.88 1.07 -9.51
N ALA A 76 4.75 1.73 -10.67
CA ALA A 76 3.49 1.93 -11.38
C ALA A 76 3.68 1.57 -12.85
N SER A 77 2.98 0.52 -13.30
CA SER A 77 3.04 0.06 -14.68
C SER A 77 2.25 1.00 -15.61
N PHE A 78 2.99 1.86 -16.33
CA PHE A 78 2.45 2.88 -17.23
C PHE A 78 3.03 2.66 -18.64
N ASP A 79 2.13 2.42 -19.61
CA ASP A 79 2.43 2.38 -21.07
C ASP A 79 3.53 1.33 -21.41
N GLY A 80 3.32 0.10 -20.91
CA GLY A 80 4.21 -1.03 -21.19
C GLY A 80 5.50 -1.05 -20.36
N GLU A 81 5.70 -0.01 -19.54
CA GLU A 81 6.87 0.14 -18.66
C GLU A 81 6.38 0.20 -17.21
N THR A 82 7.31 0.15 -16.26
CA THR A 82 7.00 0.32 -14.82
C THR A 82 7.91 1.41 -14.21
N HIS A 83 7.29 2.55 -13.86
CA HIS A 83 8.00 3.71 -13.30
C HIS A 83 7.97 3.68 -11.75
N SER A 84 9.16 3.78 -11.16
CA SER A 84 9.35 3.80 -9.70
C SER A 84 9.43 5.26 -9.21
N ILE A 85 8.78 5.52 -8.07
CA ILE A 85 8.78 6.83 -7.38
C ILE A 85 9.23 6.64 -5.94
N GLN A 86 9.46 7.75 -5.21
CA GLN A 86 9.80 7.71 -3.78
C GLN A 86 8.69 8.37 -2.94
N LEU A 87 8.45 7.80 -1.76
CA LEU A 87 7.50 8.31 -0.76
C LEU A 87 8.30 8.76 0.49
N PRO A 88 7.76 9.69 1.34
CA PRO A 88 8.41 10.06 2.62
C PRO A 88 8.37 8.88 3.64
N PRO A 89 9.45 8.70 4.48
CA PRO A 89 9.49 7.62 5.49
C PRO A 89 8.67 7.98 6.75
N VAL A 90 8.21 6.95 7.48
CA VAL A 90 7.44 7.14 8.73
C VAL A 90 8.12 6.39 9.89
N ASN A 91 7.66 6.65 11.12
CA ASN A 91 8.21 6.03 12.33
C ASN A 91 7.14 5.82 13.41
N SER A 92 5.84 6.06 13.07
CA SER A 92 4.72 5.88 14.02
C SER A 92 3.79 4.76 13.52
N ALA A 93 3.32 3.91 14.46
CA ALA A 93 2.52 2.70 14.16
C ALA A 93 1.09 3.07 13.74
N SER A 94 0.62 4.23 14.23
CA SER A 94 -0.66 4.82 13.82
C SER A 94 -0.58 5.36 12.38
N PHE A 95 0.64 5.78 11.98
CA PHE A 95 0.86 6.45 10.69
C PHE A 95 1.05 5.40 9.60
N ALA A 96 1.42 4.15 10.01
CA ALA A 96 1.47 2.97 9.13
C ALA A 96 0.19 2.88 8.31
N LEU A 97 -0.90 2.69 9.07
CA LEU A 97 -2.25 2.45 8.54
C LEU A 97 -2.72 3.69 7.78
N ARG A 98 -2.58 4.84 8.47
CA ARG A 98 -3.03 6.15 8.01
C ARG A 98 -2.46 6.52 6.62
N PHE A 99 -1.22 6.05 6.33
CA PHE A 99 -0.51 6.38 5.09
C PHE A 99 -1.25 5.80 3.88
N LEU A 100 -1.61 4.49 3.95
CA LEU A 100 -2.26 3.80 2.82
C LEU A 100 -3.77 3.97 2.90
N GLU A 101 -4.27 4.39 4.08
CA GLU A 101 -5.69 4.51 4.37
C GLU A 101 -6.31 5.60 3.49
N ASN A 102 -5.62 6.75 3.43
CA ASN A 102 -6.03 7.90 2.61
C ASN A 102 -5.93 7.55 1.10
N PHE A 103 -4.88 6.78 0.75
CA PHE A 103 -4.62 6.34 -0.64
C PHE A 103 -5.72 5.39 -1.14
N CYS A 104 -6.02 4.36 -0.33
CA CYS A 104 -7.04 3.33 -0.65
C CYS A 104 -8.45 3.93 -0.62
N HIS A 105 -8.61 4.98 0.20
CA HIS A 105 -9.88 5.73 0.30
C HIS A 105 -10.14 6.52 -1.00
N SER A 106 -9.05 6.99 -1.63
CA SER A 106 -9.08 7.66 -2.95
C SER A 106 -9.29 6.62 -4.09
N LEU A 107 -8.91 5.36 -3.84
CA LEU A 107 -9.17 4.24 -4.78
C LEU A 107 -10.60 3.67 -4.59
N GLN A 108 -11.24 4.10 -3.47
CA GLN A 108 -12.60 3.69 -3.05
C GLN A 108 -12.61 2.26 -2.47
N CYS A 109 -11.41 1.67 -2.28
CA CYS A 109 -11.27 0.33 -1.71
C CYS A 109 -11.23 0.42 -0.18
N ASP A 110 -11.99 -0.45 0.46
CA ASP A 110 -12.20 -0.46 1.92
C ASP A 110 -12.35 -1.91 2.38
N ASN A 111 -12.09 -2.16 3.68
CA ASN A 111 -12.08 -3.53 4.28
C ASN A 111 -10.99 -4.42 3.65
N LEU A 112 -10.03 -3.78 2.93
CA LEU A 112 -8.98 -4.49 2.17
C LEU A 112 -7.80 -4.90 3.07
N LEU A 113 -7.69 -4.27 4.25
CA LEU A 113 -6.67 -4.61 5.27
C LEU A 113 -7.08 -4.06 6.65
N SER A 114 -6.39 -4.54 7.69
CA SER A 114 -6.57 -4.07 9.09
C SER A 114 -5.43 -4.62 9.95
N SER A 115 -4.84 -3.76 10.80
CA SER A 115 -3.75 -4.14 11.71
C SER A 115 -4.24 -5.08 12.82
N GLN A 116 -5.54 -5.02 13.11
CA GLN A 116 -6.17 -5.72 14.24
C GLN A 116 -6.91 -6.96 13.73
N PRO A 117 -7.00 -8.06 14.56
CA PRO A 117 -7.65 -9.32 14.14
C PRO A 117 -9.15 -9.13 13.86
N PHE A 118 -9.64 -9.84 12.85
CA PHE A 118 -11.06 -9.85 12.46
C PHE A 118 -11.92 -10.59 13.51
N SER A 119 -11.25 -11.43 14.31
CA SER A 119 -11.86 -12.17 15.41
C SER A 119 -12.22 -11.21 16.58
N GLY A 1 17.93 -4.31 15.24
CA GLY A 1 18.65 -3.79 16.43
C GLY A 1 17.93 -2.60 17.03
N SER A 2 18.40 -1.38 16.72
CA SER A 2 17.81 -0.13 17.24
C SER A 2 16.43 0.12 16.64
N HIS A 3 15.41 0.22 17.52
CA HIS A 3 14.03 0.53 17.12
C HIS A 3 13.90 2.03 16.81
N MET A 4 14.31 2.41 15.59
CA MET A 4 14.12 3.78 15.06
C MET A 4 12.79 3.85 14.31
N MET A 5 12.42 2.73 13.66
CA MET A 5 11.11 2.55 13.04
C MET A 5 10.24 1.66 13.96
N SER A 6 8.92 1.85 13.88
CA SER A 6 7.94 1.03 14.63
C SER A 6 7.71 -0.32 13.90
N THR A 7 6.87 -1.18 14.50
CA THR A 7 6.50 -2.49 13.92
C THR A 7 4.97 -2.67 13.96
N VAL A 8 4.40 -3.13 12.83
CA VAL A 8 2.94 -3.34 12.65
C VAL A 8 2.71 -4.65 11.86
N CYS A 9 1.44 -5.06 11.79
CA CYS A 9 1.01 -6.25 11.06
C CYS A 9 -0.39 -6.02 10.48
N VAL A 10 -0.46 -5.79 9.15
CA VAL A 10 -1.75 -5.63 8.44
C VAL A 10 -2.21 -6.99 7.92
N TYR A 11 -3.53 -7.13 7.76
CA TYR A 11 -4.17 -8.33 7.24
C TYR A 11 -4.99 -7.94 6.02
N VAL A 12 -4.41 -8.19 4.83
CA VAL A 12 -5.02 -7.91 3.53
C VAL A 12 -6.29 -8.77 3.35
N ASN A 13 -7.44 -8.15 3.61
CA ASN A 13 -8.73 -8.81 3.57
C ASN A 13 -9.33 -8.64 2.16
N LYS A 14 -9.01 -9.59 1.27
CA LYS A 14 -9.56 -9.64 -0.10
C LYS A 14 -11.04 -10.09 -0.11
N HIS A 15 -11.54 -10.56 1.07
CA HIS A 15 -12.98 -10.79 1.29
C HIS A 15 -13.71 -9.45 1.46
N GLY A 16 -12.94 -8.39 1.80
CA GLY A 16 -13.42 -7.00 1.72
C GLY A 16 -13.39 -6.46 0.29
N ASN A 17 -13.59 -5.14 0.12
CA ASN A 17 -13.64 -4.52 -1.23
C ASN A 17 -12.25 -4.53 -1.88
N PHE A 18 -12.24 -4.80 -3.18
CA PHE A 18 -11.03 -4.96 -4.00
C PHE A 18 -10.57 -3.57 -4.39
N GLY A 19 -11.50 -2.85 -5.04
CA GLY A 19 -11.21 -1.53 -5.57
C GLY A 19 -12.39 -0.58 -5.49
N PRO A 20 -13.35 -0.58 -6.47
CA PRO A 20 -13.35 -1.47 -7.67
C PRO A 20 -12.37 -1.03 -8.80
N HIS A 21 -11.61 0.07 -8.56
CA HIS A 21 -10.52 0.55 -9.45
C HIS A 21 -9.34 -0.45 -9.50
N LEU A 22 -9.29 -1.38 -8.53
CA LEU A 22 -8.28 -2.43 -8.46
C LEU A 22 -8.83 -3.70 -9.10
N ASP A 23 -7.98 -4.35 -9.91
CA ASP A 23 -8.32 -5.59 -10.62
C ASP A 23 -8.63 -6.72 -9.61
N PRO A 24 -9.93 -7.20 -9.54
CA PRO A 24 -10.38 -8.15 -8.50
C PRO A 24 -9.66 -9.51 -8.52
N LYS A 25 -8.98 -9.85 -9.64
CA LYS A 25 -8.28 -11.13 -9.78
C LYS A 25 -6.92 -11.05 -9.10
N ARG A 26 -6.18 -9.98 -9.42
CA ARG A 26 -4.85 -9.67 -8.85
C ARG A 26 -4.91 -9.45 -7.33
N ILE A 27 -6.01 -8.83 -6.89
CA ILE A 27 -6.32 -8.65 -5.45
C ILE A 27 -6.44 -10.01 -4.72
N GLN A 28 -6.89 -11.05 -5.43
CA GLN A 28 -6.97 -12.42 -4.87
C GLN A 28 -5.62 -13.16 -4.99
N GLN A 29 -4.73 -12.69 -5.89
CA GLN A 29 -3.41 -13.34 -6.13
C GLN A 29 -2.38 -12.91 -5.07
N LEU A 30 -2.45 -11.62 -4.63
CA LEU A 30 -1.50 -11.06 -3.65
C LEU A 30 -1.69 -11.71 -2.24
N PRO A 31 -0.65 -11.70 -1.33
CA PRO A 31 -0.71 -12.39 -0.02
C PRO A 31 -1.83 -11.87 0.92
N ASP A 32 -2.15 -12.71 1.92
CA ASP A 32 -3.28 -12.51 2.86
C ASP A 32 -2.96 -11.45 3.92
N HIS A 33 -1.67 -11.11 4.09
CA HIS A 33 -1.22 -10.17 5.12
C HIS A 33 0.19 -9.65 4.82
N PHE A 34 0.52 -8.52 5.44
CA PHE A 34 1.88 -7.97 5.47
C PHE A 34 2.24 -7.65 6.93
N GLY A 35 3.05 -8.51 7.54
CA GLY A 35 3.46 -8.35 8.94
C GLY A 35 3.51 -9.67 9.70
N PRO A 36 4.10 -9.72 10.94
CA PRO A 36 4.68 -8.54 11.64
C PRO A 36 6.07 -8.13 11.06
N GLY A 37 6.18 -6.84 10.75
CA GLY A 37 7.38 -6.26 10.15
C GLY A 37 7.47 -4.76 10.40
N PRO A 38 8.34 -4.01 9.67
CA PRO A 38 8.58 -2.58 9.94
C PRO A 38 7.47 -1.68 9.37
N VAL A 39 7.13 -0.63 10.14
CA VAL A 39 6.06 0.35 9.85
C VAL A 39 6.10 0.89 8.40
N ASN A 40 7.31 1.23 7.94
CA ASN A 40 7.55 1.85 6.63
C ASN A 40 7.44 0.83 5.48
N VAL A 41 7.86 -0.42 5.73
CA VAL A 41 7.82 -1.48 4.70
C VAL A 41 6.39 -2.01 4.54
N VAL A 42 5.72 -2.28 5.67
CA VAL A 42 4.33 -2.81 5.68
C VAL A 42 3.35 -1.89 4.90
N LEU A 43 3.52 -0.55 5.03
CA LEU A 43 2.63 0.42 4.34
C LEU A 43 2.89 0.44 2.82
N ARG A 44 4.19 0.37 2.43
CA ARG A 44 4.59 0.49 1.00
C ARG A 44 4.09 -0.72 0.22
N ARG A 45 4.07 -1.89 0.90
CA ARG A 45 3.66 -3.17 0.28
C ARG A 45 2.18 -3.12 -0.17
N ILE A 46 1.34 -2.42 0.62
CA ILE A 46 -0.10 -2.24 0.29
C ILE A 46 -0.23 -1.37 -0.97
N VAL A 47 0.42 -0.19 -0.92
CA VAL A 47 0.29 0.86 -1.95
C VAL A 47 0.77 0.37 -3.35
N GLN A 48 1.92 -0.33 -3.37
CA GLN A 48 2.50 -0.88 -4.63
C GLN A 48 1.71 -2.10 -5.14
N ALA A 49 0.97 -2.76 -4.22
CA ALA A 49 0.05 -3.87 -4.57
C ALA A 49 -1.32 -3.32 -5.01
N CYS A 50 -1.58 -2.04 -4.70
CA CYS A 50 -2.78 -1.34 -5.20
C CYS A 50 -2.55 -0.84 -6.63
N VAL A 51 -1.55 0.05 -6.78
CA VAL A 51 -1.31 0.80 -8.04
C VAL A 51 -1.00 -0.16 -9.20
N ASP A 52 -0.04 -1.07 -8.98
CA ASP A 52 0.40 -2.02 -10.03
C ASP A 52 -0.74 -2.99 -10.42
N CYS A 53 -1.54 -3.43 -9.41
CA CYS A 53 -2.64 -4.38 -9.61
C CYS A 53 -3.99 -3.66 -9.82
N ALA A 54 -3.92 -2.37 -10.20
CA ALA A 54 -5.10 -1.57 -10.53
C ALA A 54 -5.53 -1.74 -12.00
N LEU A 55 -6.84 -1.57 -12.23
CA LEU A 55 -7.41 -1.33 -13.57
C LEU A 55 -6.93 0.05 -14.07
N GLU A 56 -6.11 0.04 -15.13
CA GLU A 56 -5.47 1.25 -15.69
C GLU A 56 -4.54 1.90 -14.63
N THR A 57 -3.40 1.22 -14.42
CA THR A 57 -2.36 1.58 -13.43
C THR A 57 -1.86 3.02 -13.62
N LYS A 58 -1.68 3.41 -14.90
CA LYS A 58 -1.14 4.72 -15.29
C LYS A 58 -1.92 5.93 -14.69
N THR A 59 -3.26 5.82 -14.62
CA THR A 59 -4.11 6.86 -14.02
C THR A 59 -4.03 6.79 -12.49
N VAL A 60 -3.98 5.55 -11.98
CA VAL A 60 -3.86 5.27 -10.54
C VAL A 60 -2.48 5.71 -9.98
N PHE A 61 -1.49 5.73 -10.87
CA PHE A 61 -0.11 6.17 -10.61
C PHE A 61 -0.05 7.72 -10.51
N GLY A 62 -1.09 8.38 -11.07
CA GLY A 62 -1.21 9.83 -11.07
C GLY A 62 -1.82 10.41 -9.79
N TYR A 63 -2.45 9.56 -8.94
CA TYR A 63 -3.04 10.01 -7.64
C TYR A 63 -1.93 10.40 -6.65
N LEU A 64 -0.83 9.65 -6.66
CA LEU A 64 0.36 9.92 -5.83
C LEU A 64 1.50 10.44 -6.72
N LYS A 65 2.37 11.25 -6.11
CA LYS A 65 3.54 11.84 -6.78
C LYS A 65 4.84 11.34 -6.12
N PRO A 66 6.00 11.38 -6.86
CA PRO A 66 7.31 11.15 -6.24
C PRO A 66 7.73 12.31 -5.32
N ASP A 67 8.01 11.98 -4.06
CA ASP A 67 8.41 12.91 -3.01
C ASP A 67 9.87 12.63 -2.61
N ASN A 68 10.72 13.66 -2.70
CA ASN A 68 12.19 13.52 -2.63
C ASN A 68 12.66 13.60 -1.16
N ARG A 69 12.09 12.74 -0.33
CA ARG A 69 12.46 12.60 1.09
C ARG A 69 13.46 11.43 1.26
N GLY A 70 13.31 10.39 0.42
CA GLY A 70 14.21 9.24 0.45
C GLY A 70 13.72 8.12 1.36
N GLY A 71 12.40 7.96 1.46
CA GLY A 71 11.79 6.94 2.30
C GLY A 71 11.43 5.67 1.52
N GLU A 72 10.13 5.42 1.39
CA GLU A 72 9.59 4.21 0.70
C GLU A 72 9.64 4.40 -0.83
N VAL A 73 9.48 3.30 -1.57
CA VAL A 73 9.41 3.31 -3.05
C VAL A 73 8.23 2.45 -3.51
N ILE A 74 7.36 3.04 -4.34
CA ILE A 74 6.20 2.33 -4.94
C ILE A 74 6.48 2.06 -6.41
N THR A 75 6.41 0.77 -6.80
CA THR A 75 6.66 0.33 -8.18
C THR A 75 5.32 -0.05 -8.84
N ALA A 76 5.21 0.30 -10.13
CA ALA A 76 3.97 0.18 -10.89
C ALA A 76 4.27 0.17 -12.41
N SER A 77 3.69 -0.80 -13.12
CA SER A 77 3.85 -0.95 -14.57
C SER A 77 3.00 0.11 -15.30
N PHE A 78 3.69 1.14 -15.82
CA PHE A 78 3.08 2.35 -16.37
C PHE A 78 3.38 2.42 -17.88
N ASP A 79 2.32 2.17 -18.70
CA ASP A 79 2.32 2.35 -20.16
C ASP A 79 3.45 1.52 -20.83
N GLY A 80 3.46 0.21 -20.53
CA GLY A 80 4.46 -0.73 -21.07
C GLY A 80 5.75 -0.79 -20.24
N GLU A 81 6.05 0.30 -19.51
CA GLU A 81 7.30 0.47 -18.76
C GLU A 81 7.08 0.06 -17.30
N THR A 82 8.17 -0.01 -16.53
CA THR A 82 8.12 -0.23 -15.08
C THR A 82 8.68 1.03 -14.37
N HIS A 83 7.77 1.84 -13.81
CA HIS A 83 8.11 3.14 -13.18
C HIS A 83 7.91 3.05 -11.65
N SER A 84 8.53 3.98 -10.93
CA SER A 84 8.50 4.01 -9.46
C SER A 84 8.59 5.44 -8.94
N ILE A 85 8.04 5.66 -7.73
CA ILE A 85 8.08 6.96 -7.03
C ILE A 85 8.73 6.79 -5.66
N GLN A 86 9.10 7.91 -5.02
CA GLN A 86 9.60 7.94 -3.63
C GLN A 86 8.51 8.52 -2.70
N LEU A 87 8.50 8.05 -1.46
CA LEU A 87 7.56 8.48 -0.39
C LEU A 87 8.35 9.18 0.75
N PRO A 88 7.67 10.01 1.59
CA PRO A 88 8.23 10.45 2.89
C PRO A 88 8.28 9.28 3.92
N PRO A 89 9.46 9.06 4.61
CA PRO A 89 9.62 7.93 5.58
C PRO A 89 8.84 8.15 6.88
N VAL A 90 8.44 7.05 7.54
CA VAL A 90 7.70 7.09 8.83
C VAL A 90 8.45 6.28 9.91
N ASN A 91 8.03 6.45 11.18
CA ASN A 91 8.63 5.74 12.33
C ASN A 91 7.59 5.40 13.40
N SER A 92 6.30 5.72 13.14
CA SER A 92 5.22 5.56 14.13
C SER A 92 4.15 4.58 13.61
N ALA A 93 3.64 3.72 14.50
CA ALA A 93 2.77 2.56 14.14
C ALA A 93 1.45 3.00 13.54
N SER A 94 0.83 4.02 14.15
CA SER A 94 -0.41 4.63 13.66
C SER A 94 -0.22 5.21 12.23
N PHE A 95 1.03 5.62 11.90
CA PHE A 95 1.34 6.26 10.60
C PHE A 95 1.50 5.17 9.50
N ALA A 96 1.77 3.90 9.90
CA ALA A 96 1.83 2.77 8.94
C ALA A 96 0.52 2.69 8.17
N LEU A 97 -0.54 2.38 8.93
CA LEU A 97 -1.90 2.21 8.42
C LEU A 97 -2.43 3.55 7.84
N ARG A 98 -2.19 4.67 8.57
CA ARG A 98 -2.69 6.01 8.19
C ARG A 98 -2.17 6.44 6.80
N PHE A 99 -0.93 6.02 6.45
CA PHE A 99 -0.28 6.44 5.21
C PHE A 99 -1.08 5.96 3.99
N LEU A 100 -1.41 4.66 3.96
CA LEU A 100 -2.15 4.05 2.83
C LEU A 100 -3.66 4.21 3.03
N GLU A 101 -4.08 4.55 4.27
CA GLU A 101 -5.49 4.68 4.64
C GLU A 101 -6.13 5.79 3.82
N ASN A 102 -5.52 6.99 3.85
CA ASN A 102 -6.03 8.17 3.11
C ASN A 102 -6.01 7.93 1.59
N PHE A 103 -4.92 7.28 1.13
CA PHE A 103 -4.72 6.87 -0.28
C PHE A 103 -5.89 5.98 -0.76
N CYS A 104 -6.02 4.81 -0.13
CA CYS A 104 -7.01 3.77 -0.48
C CYS A 104 -8.47 4.23 -0.25
N HIS A 105 -8.66 5.18 0.71
CA HIS A 105 -9.98 5.75 1.04
C HIS A 105 -10.48 6.62 -0.11
N SER A 106 -9.55 7.40 -0.68
CA SER A 106 -9.81 8.29 -1.83
C SER A 106 -9.95 7.47 -3.15
N LEU A 107 -9.68 6.17 -3.08
CA LEU A 107 -9.77 5.25 -4.23
C LEU A 107 -11.04 4.36 -4.18
N GLN A 108 -11.79 4.45 -3.06
CA GLN A 108 -13.08 3.73 -2.80
C GLN A 108 -12.85 2.28 -2.34
N CYS A 109 -11.59 1.85 -2.13
CA CYS A 109 -11.32 0.49 -1.62
C CYS A 109 -11.29 0.53 -0.08
N ASP A 110 -12.00 -0.40 0.55
CA ASP A 110 -12.26 -0.39 2.00
C ASP A 110 -12.56 -1.81 2.47
N ASN A 111 -12.17 -2.11 3.73
CA ASN A 111 -12.14 -3.48 4.30
C ASN A 111 -11.07 -4.35 3.58
N LEU A 112 -10.17 -3.71 2.81
CA LEU A 112 -9.14 -4.41 2.01
C LEU A 112 -7.91 -4.77 2.88
N LEU A 113 -7.73 -4.09 4.01
CA LEU A 113 -6.65 -4.40 4.98
C LEU A 113 -6.98 -3.81 6.36
N SER A 114 -6.23 -4.26 7.37
CA SER A 114 -6.40 -3.83 8.77
C SER A 114 -5.15 -4.19 9.58
N SER A 115 -4.50 -3.19 10.19
CA SER A 115 -3.28 -3.39 11.01
C SER A 115 -3.62 -3.88 12.44
N GLN A 116 -4.92 -4.13 12.67
CA GLN A 116 -5.45 -4.66 13.92
C GLN A 116 -5.18 -6.19 13.94
N PRO A 117 -4.35 -6.71 14.90
CA PRO A 117 -4.04 -8.16 14.99
C PRO A 117 -5.17 -8.97 15.65
N PHE A 118 -5.02 -10.30 15.67
CA PHE A 118 -5.95 -11.22 16.35
C PHE A 118 -5.72 -11.22 17.88
N SER A 119 -4.45 -11.03 18.28
CA SER A 119 -4.06 -10.89 19.70
C SER A 119 -4.28 -9.42 20.16
#